data_7ZFB
#
_entry.id   7ZFB
#
_cell.length_a   111.188
_cell.length_b   135.092
_cell.length_c   112.244
_cell.angle_alpha   90.000
_cell.angle_beta   101.663
_cell.angle_gamma   90.000
#
_symmetry.space_group_name_H-M   'P 1 21 1'
#
loop_
_entity.id
_entity.type
_entity.pdbx_description
1 polymer 'Nanobody C1'
2 polymer 'Spike protein S1'
3 polymer 'Omi-31 heavy chain'
4 polymer 'Omi-31 light chain'
5 polymer 'Omi-18 heavy chain'
6 polymer 'Omi-18 light chain'
7 non-polymer 2-acetamido-2-deoxy-beta-D-glucopyranose
#
loop_
_entity_poly.entity_id
_entity_poly.type
_entity_poly.pdbx_seq_one_letter_code
_entity_poly.pdbx_strand_id
1 'polypeptide(L)'
;QVQLVESGGGLVQPGGSLRLSCAASGFTNDFYSIAWFRQAPGKEREGVSWLSVSDNTPTYVDSVKDRFTISRHNANNTVY
LQMNMLKPEDTAIYYCAAGRFAGRDTWPSSYDYWGQGTQVTVSSKHHHHHH
;
M,N
2 'polypeptide(L)'
;HHHHHHTNLCPFDEVFNATRFASVYAWNRKRISNCVADYSVLYNLAPFFTFKCYGVSPTKLNDLCFTNVYADSFVIRGDE
VRQIAPGQTGNIADYNYKLPDDFTGCVIAWNSNKLDSKVSGNYNYLYRLFRKSNLKPFERDISTEIYQAGNKPCNGVAGF
NCYFPLRSYSFRPTYGVGHQPYRVVVLSFELLHAPATVCGKK
;
E,F
3 'polypeptide(L)'
;EVQLVQSGAEVKKPGSSVKVSCKASGGTFSSYGISWVRQAPGLGLEWMGGVIPILSAKHYAQRFQGRVTITADKSTGTAY
MELSSLRSEDTAVYYCARDILHHDDLWGRFYYDGMDVWGQGTTVTVSSASTKGPSVFPLAPSSKSTSGGTAALGCLVKDY
FPEPVTVSWNSGALTSGVHTFPAVLQSSGLYSLSSVVTVPSSSLGTQTYICNVNHKPSNTKVDKRVEPKSCDK
;
A,C
4 'polypeptide(L)'
;QSVVTQPPSASGTPGQRVTISCSGSSSDIGSNTVNWYQQLPGTAPKLLIYTNNQRPSGVPDRFSGSKSGTSASLAITGLQ
SEDEADYFCAAWDESLNGRVFGGGTKLTVLGQPKANPTVTLFPPSSEELQANKATLVCLISDFYPGAVTVAWKADSSPVK
AGVETTTPSKQSNNKYAASSYLSLTPEQWKSHRSYSCQVTHEGSTVEKTVAPTECS
;
B,D
5 'polypeptide(L)'
;QVQLVESGGGLIQPGGSLRLSCAASGITVSSNYMTWVRQAPGKGLEWVSLLYAGGSAFYADSVKGRFTISRDNSKNTLYL
LMNSLRVGDTAVYYCARDLQVYGMDVWGQGTTVTVSSASTKGPSVFPLAPSSKSTSGGTAALGCLVKDYFPEPVTVSWNS
GALTSGVHTFPAVLQSSGLYSLSSVVTVPSSSLGTQTYICNVNHKPSNTKVDKRVEPKSCDK
;
H,J
6 'polypeptide(L)'
;SYELTQPPSVSVAPGQTARITCGGNNDGAKSVHWYQQKPGQAPVLVVYDDSDRPSGIPERFSGSNSGNTATLTITRIEAG
DEADYYCQVWDSSRDHVFGTGTKVTVLGQPKANPTVTLFPPSSEELQANKATLVCLISDFYPGAVTVAWKADSSPVKAGV
ETTTPSKQSNNKYAASSYLSLTPEQWKSHRSYSCQVTHEGSTVEKTVAPTECS
;
L,K
#
loop_
_chem_comp.id
_chem_comp.type
_chem_comp.name
_chem_comp.formula
NAG D-saccharide, beta linking 2-acetamido-2-deoxy-beta-D-glucopyranose 'C8 H15 N O6'
#
# COMPACT_ATOMS: atom_id res chain seq x y z
N GLN A 1 -4.63 19.15 1.73
CA GLN A 1 -3.73 18.73 0.65
C GLN A 1 -4.16 17.38 0.09
N VAL A 2 -3.90 16.32 0.86
CA VAL A 2 -4.36 14.99 0.47
C VAL A 2 -5.88 14.93 0.62
N GLN A 3 -6.55 14.35 -0.37
CA GLN A 3 -8.01 14.29 -0.36
C GLN A 3 -8.48 13.04 -1.08
N LEU A 4 -9.54 12.43 -0.54
CA LEU A 4 -10.16 11.25 -1.11
C LEU A 4 -11.58 11.58 -1.52
N VAL A 5 -11.92 11.30 -2.78
CA VAL A 5 -13.24 11.57 -3.33
C VAL A 5 -13.89 10.24 -3.66
N GLU A 6 -15.01 9.95 -3.00
CA GLU A 6 -15.70 8.69 -3.11
C GLU A 6 -16.98 8.83 -3.94
N SER A 7 -17.37 7.73 -4.59
CA SER A 7 -18.60 7.66 -5.37
C SER A 7 -18.86 6.21 -5.73
N GLY A 8 -20.06 5.97 -6.27
CA GLY A 8 -20.40 4.68 -6.85
C GLY A 8 -21.50 3.90 -6.14
N GLY A 9 -22.04 4.39 -5.02
CA GLY A 9 -23.02 3.63 -4.27
C GLY A 9 -24.41 3.69 -4.87
N GLY A 10 -25.32 2.92 -4.29
CA GLY A 10 -26.70 2.94 -4.70
C GLY A 10 -27.47 1.76 -4.12
N LEU A 11 -28.72 1.65 -4.57
CA LEU A 11 -29.60 0.56 -4.19
CA LEU A 11 -29.60 0.56 -4.19
C LEU A 11 -29.53 -0.54 -5.25
N VAL A 12 -29.41 -1.79 -4.80
CA VAL A 12 -29.30 -2.92 -5.71
C VAL A 12 -30.00 -4.13 -5.10
N GLN A 13 -30.42 -5.05 -5.97
CA GLN A 13 -31.05 -6.29 -5.56
C GLN A 13 -30.00 -7.29 -5.11
N PRO A 14 -30.39 -8.30 -4.32
CA PRO A 14 -29.45 -9.38 -4.00
C PRO A 14 -29.02 -10.13 -5.24
N GLY A 15 -27.71 -10.22 -5.45
CA GLY A 15 -27.13 -10.81 -6.63
C GLY A 15 -26.57 -9.82 -7.63
N GLY A 16 -26.94 -8.55 -7.50
CA GLY A 16 -26.50 -7.52 -8.41
C GLY A 16 -25.06 -7.13 -8.18
N SER A 17 -24.65 -6.07 -8.89
CA SER A 17 -23.28 -5.58 -8.81
CA SER A 17 -23.29 -5.57 -8.83
C SER A 17 -23.29 -4.10 -8.47
N LEU A 18 -22.10 -3.58 -8.19
CA LEU A 18 -21.91 -2.16 -7.90
C LEU A 18 -20.42 -1.88 -7.95
N ARG A 19 -20.09 -0.65 -8.32
CA ARG A 19 -18.69 -0.23 -8.51
C ARG A 19 -18.45 1.02 -7.70
N LEU A 20 -17.61 0.91 -6.67
CA LEU A 20 -17.20 2.07 -5.89
C LEU A 20 -15.88 2.61 -6.39
N SER A 21 -15.72 3.93 -6.32
CA SER A 21 -14.53 4.59 -6.84
C SER A 21 -13.99 5.55 -5.79
N CYS A 22 -12.67 5.54 -5.60
CA CYS A 22 -11.98 6.42 -4.66
C CYS A 22 -10.83 7.10 -5.39
N ALA A 23 -10.89 8.43 -5.47
CA ALA A 23 -9.90 9.21 -6.20
C ALA A 23 -8.96 9.89 -5.21
N ALA A 24 -7.68 9.51 -5.26
CA ALA A 24 -6.66 10.00 -4.33
C ALA A 24 -5.92 11.18 -4.98
N SER A 25 -5.91 12.32 -4.29
CA SER A 25 -5.33 13.53 -4.85
C SER A 25 -3.89 13.79 -4.40
N GLY A 26 -3.71 14.68 -3.42
CA GLY A 26 -2.43 15.29 -3.13
C GLY A 26 -1.32 14.38 -2.63
N PHE A 27 -1.06 13.29 -3.35
CA PHE A 27 0.04 12.39 -3.03
C PHE A 27 1.22 12.66 -3.95
N THR A 28 2.38 12.91 -3.34
CA THR A 28 3.61 13.09 -4.11
C THR A 28 3.92 11.89 -5.00
N ASN A 29 3.96 10.70 -4.40
CA ASN A 29 4.49 9.50 -5.06
C ASN A 29 3.48 8.37 -4.94
N ASP A 30 3.87 7.21 -5.45
CA ASP A 30 3.05 6.01 -5.43
C ASP A 30 3.17 5.20 -4.14
N PHE A 31 3.87 5.73 -3.13
CA PHE A 31 4.09 4.97 -1.89
C PHE A 31 2.97 5.25 -0.89
N TYR A 32 1.80 4.66 -1.17
CA TYR A 32 0.67 4.69 -0.24
C TYR A 32 -0.17 3.45 -0.49
N SER A 33 -1.15 3.23 0.40
CA SER A 33 -2.04 2.09 0.30
C SER A 33 -3.48 2.52 0.60
N ILE A 34 -4.43 1.84 -0.04
CA ILE A 34 -5.85 2.15 0.06
C ILE A 34 -6.57 0.99 0.72
N ALA A 35 -7.54 1.31 1.57
CA ALA A 35 -8.37 0.33 2.24
C ALA A 35 -9.84 0.72 2.10
N TRP A 36 -10.71 -0.28 2.04
CA TRP A 36 -12.15 -0.06 2.02
C TRP A 36 -12.75 -0.55 3.34
N PHE A 37 -13.42 0.35 4.05
CA PHE A 37 -14.11 0.03 5.29
C PHE A 37 -15.60 0.19 5.07
N ARG A 38 -16.37 -0.80 5.53
CA ARG A 38 -17.83 -0.72 5.50
C ARG A 38 -18.35 -0.69 6.94
N GLN A 39 -19.39 0.11 7.17
CA GLN A 39 -19.99 0.27 8.48
C GLN A 39 -21.44 -0.21 8.40
N ALA A 40 -21.65 -1.48 8.74
CA ALA A 40 -23.00 -2.03 8.78
C ALA A 40 -23.82 -1.34 9.87
N PRO A 41 -25.15 -1.42 9.79
CA PRO A 41 -25.99 -0.81 10.84
C PRO A 41 -25.65 -1.37 12.22
N GLY A 42 -25.19 -0.50 13.10
CA GLY A 42 -24.84 -0.84 14.47
C GLY A 42 -23.51 -1.53 14.65
N LYS A 43 -22.71 -1.69 13.60
CA LYS A 43 -21.40 -2.29 13.68
C LYS A 43 -20.31 -1.23 13.56
N GLU A 44 -19.11 -1.60 13.97
CA GLU A 44 -17.94 -0.74 13.79
C GLU A 44 -17.43 -0.82 12.35
N ARG A 45 -16.58 0.15 12.00
CA ARG A 45 -15.88 0.10 10.73
C ARG A 45 -15.03 -1.18 10.62
N GLU A 46 -15.20 -1.90 9.53
CA GLU A 46 -14.50 -3.16 9.31
C GLU A 46 -13.88 -3.18 7.92
N GLY A 47 -12.60 -3.54 7.85
CA GLY A 47 -11.96 -3.64 6.56
C GLY A 47 -12.49 -4.82 5.75
N VAL A 48 -12.56 -4.62 4.43
CA VAL A 48 -13.04 -5.65 3.51
C VAL A 48 -12.04 -5.86 2.39
N SER A 49 -11.37 -4.79 1.95
CA SER A 49 -10.41 -4.91 0.86
C SER A 49 -9.31 -3.87 0.99
N TRP A 50 -8.11 -4.26 0.58
CA TRP A 50 -6.91 -3.42 0.67
C TRP A 50 -6.14 -3.47 -0.65
N LEU A 51 -5.40 -2.40 -0.91
CA LEU A 51 -4.50 -2.35 -2.06
C LEU A 51 -3.25 -1.57 -1.67
N SER A 52 -2.10 -2.22 -1.75
CA SER A 52 -0.81 -1.52 -1.66
C SER A 52 -0.45 -1.03 -3.05
N VAL A 53 -0.40 0.29 -3.23
CA VAL A 53 -0.33 0.85 -4.57
C VAL A 53 1.00 0.51 -5.23
N SER A 54 2.11 0.80 -4.54
CA SER A 54 3.44 0.59 -5.12
C SER A 54 3.68 -0.87 -5.50
N ASP A 55 3.06 -1.81 -4.78
CA ASP A 55 3.22 -3.22 -5.10
C ASP A 55 2.10 -3.75 -5.98
N ASN A 56 0.96 -3.06 -6.05
CA ASN A 56 -0.22 -3.52 -6.76
C ASN A 56 -0.67 -4.89 -6.22
N THR A 57 -0.71 -5.00 -4.90
CA THR A 57 -1.08 -6.25 -4.24
C THR A 57 -2.44 -6.11 -3.56
N PRO A 58 -3.42 -6.95 -3.91
CA PRO A 58 -4.74 -6.86 -3.26
C PRO A 58 -4.93 -7.87 -2.13
N THR A 59 -5.80 -7.52 -1.18
CA THR A 59 -6.19 -8.42 -0.10
C THR A 59 -7.68 -8.24 0.17
N TYR A 60 -8.38 -9.36 0.40
CA TYR A 60 -9.81 -9.35 0.64
C TYR A 60 -10.13 -10.28 1.81
N VAL A 61 -11.01 -9.83 2.71
CA VAL A 61 -11.49 -10.70 3.76
C VAL A 61 -12.25 -11.87 3.14
N ASP A 62 -12.37 -12.96 3.93
CA ASP A 62 -12.86 -14.23 3.39
C ASP A 62 -14.33 -14.16 2.97
N SER A 63 -15.15 -13.35 3.66
CA SER A 63 -16.58 -13.32 3.38
C SER A 63 -16.90 -12.63 2.05
N VAL A 64 -15.93 -11.91 1.48
CA VAL A 64 -16.12 -11.18 0.23
C VAL A 64 -15.13 -11.63 -0.84
N LYS A 65 -14.33 -12.67 -0.56
CA LYS A 65 -13.18 -13.05 -1.39
C LYS A 65 -13.47 -13.09 -2.88
N ASP A 66 -14.32 -14.01 -3.31
CA ASP A 66 -14.57 -14.19 -4.74
C ASP A 66 -15.58 -13.20 -5.30
N ARG A 67 -16.28 -12.46 -4.45
CA ARG A 67 -17.31 -11.53 -4.91
C ARG A 67 -16.79 -10.11 -5.14
N PHE A 68 -15.77 -9.69 -4.41
CA PHE A 68 -15.24 -8.33 -4.52
C PHE A 68 -13.93 -8.32 -5.29
N THR A 69 -13.72 -7.27 -6.09
CA THR A 69 -12.48 -7.06 -6.82
C THR A 69 -12.05 -5.61 -6.68
N ILE A 70 -10.80 -5.40 -6.25
CA ILE A 70 -10.23 -4.07 -6.14
C ILE A 70 -9.15 -3.90 -7.20
N SER A 71 -9.04 -2.68 -7.73
CA SER A 71 -8.10 -2.38 -8.79
C SER A 71 -7.85 -0.87 -8.84
N ARG A 72 -6.77 -0.49 -9.52
CA ARG A 72 -6.35 0.89 -9.62
C ARG A 72 -6.10 1.27 -11.07
N HIS A 73 -6.60 2.44 -11.46
CA HIS A 73 -6.30 3.03 -12.75
C HIS A 73 -5.31 4.17 -12.56
N ASN A 74 -4.21 4.14 -13.31
CA ASN A 74 -3.07 5.01 -13.02
C ASN A 74 -3.35 6.48 -13.32
N ALA A 75 -3.88 6.79 -14.51
CA ALA A 75 -4.01 8.18 -14.93
C ALA A 75 -4.87 9.01 -14.00
N ASN A 76 -6.02 8.48 -13.58
CA ASN A 76 -6.93 9.22 -12.73
C ASN A 76 -6.75 8.88 -11.26
N ASN A 77 -5.64 8.20 -10.92
CA ASN A 77 -5.24 7.93 -9.55
C ASN A 77 -6.41 7.44 -8.70
N THR A 78 -7.25 6.59 -9.28
CA THR A 78 -8.51 6.19 -8.67
C THR A 78 -8.52 4.68 -8.47
N VAL A 79 -8.91 4.25 -7.27
CA VAL A 79 -9.03 2.84 -6.90
C VAL A 79 -10.49 2.43 -6.98
N TYR A 80 -10.76 1.31 -7.66
CA TYR A 80 -12.12 0.85 -7.87
C TYR A 80 -12.36 -0.44 -7.10
N LEU A 81 -13.55 -0.56 -6.49
CA LEU A 81 -13.97 -1.76 -5.81
C LEU A 81 -15.19 -2.30 -6.56
N GLN A 82 -14.98 -3.35 -7.35
CA GLN A 82 -16.05 -4.01 -8.08
C GLN A 82 -16.70 -5.07 -7.19
N MET A 83 -17.96 -4.82 -6.80
CA MET A 83 -18.69 -5.68 -5.88
C MET A 83 -19.74 -6.45 -6.65
N ASN A 84 -19.52 -7.76 -6.82
CA ASN A 84 -20.45 -8.63 -7.53
C ASN A 84 -21.13 -9.58 -6.56
N MET A 85 -22.17 -10.25 -7.05
CA MET A 85 -22.96 -11.22 -6.29
C MET A 85 -23.28 -10.72 -4.88
N LEU A 86 -23.77 -9.49 -4.83
CA LEU A 86 -24.01 -8.83 -3.55
C LEU A 86 -25.10 -9.55 -2.75
N LYS A 87 -24.90 -9.59 -1.44
CA LYS A 87 -25.82 -10.21 -0.49
C LYS A 87 -26.36 -9.17 0.47
N PRO A 88 -27.47 -9.45 1.16
CA PRO A 88 -27.98 -8.50 2.16
C PRO A 88 -26.98 -8.18 3.26
N GLU A 89 -26.04 -9.09 3.52
CA GLU A 89 -25.01 -8.85 4.52
C GLU A 89 -24.17 -7.63 4.17
N ASP A 90 -24.00 -7.35 2.88
CA ASP A 90 -23.12 -6.28 2.42
C ASP A 90 -23.69 -4.89 2.62
N THR A 91 -24.93 -4.78 3.09
CA THR A 91 -25.52 -3.46 3.32
C THR A 91 -24.74 -2.72 4.40
N ALA A 92 -24.21 -1.55 4.03
CA ALA A 92 -23.37 -0.76 4.93
C ALA A 92 -23.03 0.55 4.23
N ILE A 93 -22.51 1.49 5.01
CA ILE A 93 -21.84 2.67 4.48
C ILE A 93 -20.37 2.32 4.30
N TYR A 94 -19.87 2.49 3.08
CA TYR A 94 -18.51 2.13 2.73
C TYR A 94 -17.63 3.37 2.70
N TYR A 95 -16.43 3.23 3.25
CA TYR A 95 -15.41 4.29 3.26
C TYR A 95 -14.12 3.76 2.64
N CYS A 96 -13.46 4.60 1.86
CA CYS A 96 -12.09 4.34 1.46
C CYS A 96 -11.14 5.18 2.30
N ALA A 97 -9.96 4.62 2.55
CA ALA A 97 -8.99 5.26 3.42
C ALA A 97 -7.60 5.08 2.84
N ALA A 98 -6.71 6.02 3.17
CA ALA A 98 -5.36 6.00 2.64
C ALA A 98 -4.38 6.16 3.79
N GLY A 99 -3.20 5.58 3.61
CA GLY A 99 -2.12 5.73 4.57
C GLY A 99 -0.78 5.67 3.89
N ARG A 100 0.20 6.36 4.48
CA ARG A 100 1.54 6.45 3.92
C ARG A 100 2.36 5.22 4.32
N PHE A 101 2.01 4.09 3.70
CA PHE A 101 2.71 2.84 3.93
C PHE A 101 2.38 1.89 2.80
N ALA A 102 3.10 0.78 2.74
CA ALA A 102 2.81 -0.30 1.80
C ALA A 102 2.25 -1.48 2.60
N GLY A 103 0.95 -1.64 2.57
CA GLY A 103 0.36 -2.75 3.32
C GLY A 103 -1.12 -2.52 3.60
N ARG A 104 -1.53 -3.00 4.77
CA ARG A 104 -2.94 -3.13 5.07
C ARG A 104 -3.11 -3.22 6.58
N ASP A 105 -4.27 -2.76 7.05
CA ASP A 105 -4.57 -2.81 8.47
C ASP A 105 -6.06 -3.02 8.66
N THR A 106 -6.40 -3.70 9.74
CA THR A 106 -7.79 -3.83 10.15
C THR A 106 -8.26 -2.67 11.01
N TRP A 107 -7.33 -1.87 11.52
CA TRP A 107 -7.68 -0.81 12.46
C TRP A 107 -7.92 0.49 11.72
N PRO A 108 -9.13 1.06 11.78
CA PRO A 108 -9.38 2.32 11.08
C PRO A 108 -8.50 3.46 11.56
N SER A 109 -8.23 3.53 12.86
CA SER A 109 -7.43 4.60 13.42
C SER A 109 -6.02 4.64 12.85
N SER A 110 -5.61 3.58 12.14
CA SER A 110 -4.29 3.50 11.52
C SER A 110 -4.20 4.20 10.18
N TYR A 111 -5.31 4.67 9.62
CA TYR A 111 -5.33 5.39 8.36
C TYR A 111 -5.63 6.86 8.66
N ASP A 112 -4.75 7.75 8.16
CA ASP A 112 -4.87 9.17 8.47
C ASP A 112 -5.75 9.92 7.49
N TYR A 113 -6.15 9.29 6.39
CA TYR A 113 -6.92 9.97 5.35
C TYR A 113 -8.17 9.15 5.03
N TRP A 114 -9.30 9.84 4.96
CA TRP A 114 -10.60 9.21 4.80
C TRP A 114 -11.45 9.97 3.80
N GLY A 115 -12.14 9.22 2.94
CA GLY A 115 -13.20 9.80 2.14
C GLY A 115 -14.54 9.76 2.85
N GLN A 116 -15.48 10.55 2.34
CA GLN A 116 -16.85 10.52 2.85
C GLN A 116 -17.56 9.28 2.33
N GLY A 117 -18.32 8.65 3.22
CA GLY A 117 -18.91 7.35 2.90
C GLY A 117 -19.95 7.43 1.80
N THR A 118 -20.13 6.30 1.14
CA THR A 118 -21.17 6.13 0.13
C THR A 118 -22.10 5.01 0.57
N GLN A 119 -23.40 5.22 0.39
CA GLN A 119 -24.39 4.28 0.89
C GLN A 119 -24.56 3.14 -0.09
N VAL A 120 -24.51 1.91 0.42
CA VAL A 120 -24.78 0.70 -0.36
C VAL A 120 -25.89 -0.06 0.37
N THR A 121 -27.02 -0.25 -0.31
CA THR A 121 -28.15 -0.98 0.24
C THR A 121 -28.48 -2.15 -0.69
N VAL A 122 -28.61 -3.34 -0.12
CA VAL A 122 -28.92 -4.57 -0.86
C VAL A 122 -30.18 -5.17 -0.26
N SER A 123 -31.29 -5.06 -1.00
CA SER A 123 -32.55 -5.64 -0.56
C SER A 123 -33.49 -5.87 -1.75
N GLN B 1 21.04 46.58 -40.14
CA GLN B 1 20.35 47.58 -39.35
C GLN B 1 20.46 47.28 -37.85
N VAL B 2 19.75 46.25 -37.40
CA VAL B 2 19.86 45.82 -36.01
C VAL B 2 21.22 45.20 -35.78
N GLN B 3 21.87 45.57 -34.68
CA GLN B 3 23.22 45.10 -34.40
C GLN B 3 23.42 44.99 -32.89
N LEU B 4 24.09 43.93 -32.48
CA LEU B 4 24.41 43.66 -31.08
C LEU B 4 25.93 43.63 -30.92
N VAL B 5 26.44 44.42 -29.98
CA VAL B 5 27.87 44.52 -29.73
C VAL B 5 28.16 43.94 -28.35
N GLU B 6 28.93 42.85 -28.31
CA GLU B 6 29.23 42.14 -27.08
C GLU B 6 30.67 42.40 -26.64
N SER B 7 30.88 42.34 -25.32
CA SER B 7 32.20 42.48 -24.73
C SER B 7 32.12 42.06 -23.25
N GLY B 8 33.28 41.95 -22.62
CA GLY B 8 33.37 41.77 -21.18
C GLY B 8 33.96 40.45 -20.70
N GLY B 9 34.28 39.51 -21.59
CA GLY B 9 34.76 38.21 -21.17
C GLY B 9 36.22 38.22 -20.74
N GLY B 10 36.65 37.07 -20.23
CA GLY B 10 38.05 36.89 -19.87
C GLY B 10 38.24 35.64 -19.05
N LEU B 11 39.43 35.56 -18.44
CA LEU B 11 39.81 34.44 -17.59
CA LEU B 11 39.81 34.44 -17.59
C LEU B 11 39.65 34.84 -16.13
N VAL B 12 39.16 33.90 -15.32
CA VAL B 12 38.94 34.17 -13.89
C VAL B 12 39.07 32.86 -13.12
N GLN B 13 39.41 33.00 -11.83
CA GLN B 13 39.52 31.87 -10.92
C GLN B 13 38.15 31.42 -10.44
N PRO B 14 38.03 30.20 -9.92
CA PRO B 14 36.77 29.78 -9.31
C PRO B 14 36.41 30.67 -8.12
N GLY B 15 35.21 31.24 -8.16
CA GLY B 15 34.75 32.19 -7.16
C GLY B 15 34.74 33.63 -7.63
N GLY B 16 35.43 33.94 -8.73
CA GLY B 16 35.53 35.31 -9.21
C GLY B 16 34.24 35.81 -9.87
N SER B 17 34.30 37.06 -10.32
CA SER B 17 33.18 37.71 -10.96
CA SER B 17 33.19 37.74 -10.96
C SER B 17 33.55 38.18 -12.37
N LEU B 18 32.54 38.60 -13.11
CA LEU B 18 32.69 39.09 -14.48
C LEU B 18 31.39 39.76 -14.91
N ARG B 19 31.52 40.77 -15.76
CA ARG B 19 30.37 41.55 -16.22
C ARG B 19 30.39 41.60 -17.75
N LEU B 20 29.40 40.96 -18.37
CA LEU B 20 29.25 40.99 -19.82
C LEU B 20 28.28 42.10 -20.22
N SER B 21 28.53 42.69 -21.39
CA SER B 21 27.74 43.81 -21.89
C SER B 21 27.35 43.55 -23.35
N CYS B 22 26.10 43.82 -23.67
CA CYS B 22 25.56 43.65 -25.02
C CYS B 22 24.89 44.96 -25.42
N ALA B 23 25.39 45.59 -26.47
CA ALA B 23 24.92 46.89 -26.92
C ALA B 23 24.02 46.71 -28.13
N ALA B 24 22.75 47.06 -27.96
CA ALA B 24 21.73 46.91 -29.00
C ALA B 24 21.53 48.24 -29.72
N SER B 25 21.69 48.23 -31.04
CA SER B 25 21.60 49.46 -31.82
C SER B 25 20.22 49.65 -32.44
N GLY B 26 20.09 49.28 -33.72
CA GLY B 26 18.99 49.68 -34.55
C GLY B 26 17.59 49.21 -34.18
N PHE B 27 17.17 49.44 -32.94
CA PHE B 27 15.80 49.18 -32.51
C PHE B 27 15.02 50.49 -32.45
N THR B 28 13.89 50.53 -33.14
CA THR B 28 12.99 51.67 -33.07
C THR B 28 12.58 51.96 -31.63
N ASN B 29 12.06 50.95 -30.94
CA ASN B 29 11.35 51.13 -29.67
C ASN B 29 11.93 50.18 -28.63
N ASP B 30 11.32 50.20 -27.44
CA ASP B 30 11.73 49.35 -26.33
C ASP B 30 11.06 47.98 -26.34
N PHE B 31 10.29 47.66 -27.39
CA PHE B 31 9.56 46.40 -27.43
C PHE B 31 10.45 45.33 -28.06
N TYR B 32 11.41 44.86 -27.27
CA TYR B 32 12.23 43.72 -27.62
C TYR B 32 12.68 43.04 -26.34
N SER B 33 13.29 41.87 -26.48
CA SER B 33 13.76 41.10 -25.34
C SER B 33 15.14 40.56 -25.65
N ILE B 34 15.94 40.39 -24.59
CA ILE B 34 17.32 39.96 -24.69
C ILE B 34 17.47 38.62 -23.97
N ALA B 35 18.28 37.74 -24.56
CA ALA B 35 18.60 36.45 -23.95
C ALA B 35 20.10 36.21 -24.00
N TRP B 36 20.62 35.52 -22.99
CA TRP B 36 22.01 35.12 -22.93
C TRP B 36 22.10 33.60 -23.09
N PHE B 37 22.81 33.15 -24.11
CA PHE B 37 23.04 31.74 -24.37
C PHE B 37 24.52 31.43 -24.20
N ARG B 38 24.83 30.35 -23.49
CA ARG B 38 26.21 29.90 -23.33
C ARG B 38 26.39 28.55 -24.01
N GLN B 39 27.55 28.38 -24.66
CA GLN B 39 27.89 27.18 -25.41
C GLN B 39 29.12 26.54 -24.77
N ALA B 40 28.89 25.59 -23.88
CA ALA B 40 29.97 24.85 -23.26
C ALA B 40 30.69 24.00 -24.30
N PRO B 41 31.92 23.57 -24.00
CA PRO B 41 32.64 22.69 -24.94
C PRO B 41 31.86 21.42 -25.21
N GLY B 42 31.47 21.23 -26.48
CA GLY B 42 30.73 20.07 -26.90
C GLY B 42 29.25 20.08 -26.58
N LYS B 43 28.74 21.16 -26.02
CA LYS B 43 27.32 21.30 -25.72
C LYS B 43 26.66 22.27 -26.70
N GLU B 44 25.33 22.20 -26.75
CA GLU B 44 24.54 23.11 -27.54
C GLU B 44 24.39 24.45 -26.82
N ARG B 45 23.97 25.46 -27.58
CA ARG B 45 23.59 26.73 -26.97
C ARG B 45 22.45 26.50 -25.98
N GLU B 46 22.64 27.01 -24.77
CA GLU B 46 21.66 26.84 -23.69
C GLU B 46 21.38 28.18 -23.04
N GLY B 47 20.09 28.49 -22.89
CA GLY B 47 19.71 29.73 -22.25
C GLY B 47 19.99 29.71 -20.75
N VAL B 48 20.36 30.88 -20.23
CA VAL B 48 20.66 31.01 -18.81
C VAL B 48 19.90 32.19 -18.20
N SER B 49 19.72 33.27 -18.98
CA SER B 49 19.05 34.47 -18.47
C SER B 49 18.33 35.19 -19.59
N TRP B 50 17.19 35.79 -19.24
CA TRP B 50 16.36 36.54 -20.17
C TRP B 50 15.94 37.85 -19.54
N LEU B 51 15.71 38.86 -20.38
CA LEU B 51 15.19 40.16 -19.94
C LEU B 51 14.24 40.71 -20.98
N SER B 52 12.99 40.94 -20.59
CA SER B 52 12.04 41.67 -21.42
C SER B 52 12.21 43.16 -21.15
N VAL B 53 12.61 43.90 -22.18
CA VAL B 53 13.06 45.28 -21.99
C VAL B 53 11.90 46.17 -21.56
N SER B 54 10.80 46.14 -22.31
CA SER B 54 9.68 47.02 -22.01
C SER B 54 9.11 46.76 -20.62
N ASP B 55 9.20 45.53 -20.12
CA ASP B 55 8.69 45.19 -18.80
C ASP B 55 9.75 45.18 -17.71
N ASN B 56 11.03 45.10 -18.08
CA ASN B 56 12.13 45.03 -17.12
C ASN B 56 11.95 43.84 -16.17
N THR B 57 11.63 42.68 -16.75
CA THR B 57 11.40 41.46 -15.97
C THR B 57 12.54 40.49 -16.20
N PRO B 58 13.25 40.08 -15.15
CA PRO B 58 14.35 39.11 -15.34
C PRO B 58 13.93 37.68 -15.06
N THR B 59 14.62 36.74 -15.70
CA THR B 59 14.43 35.32 -15.46
C THR B 59 15.79 34.64 -15.50
N TYR B 60 16.00 33.70 -14.57
CA TYR B 60 17.28 33.01 -14.48
C TYR B 60 17.06 31.52 -14.28
N VAL B 61 17.81 30.70 -15.02
CA VAL B 61 17.75 29.26 -14.78
C VAL B 61 18.26 28.96 -13.37
N ASP B 62 17.87 27.80 -12.86
CA ASP B 62 18.08 27.49 -11.45
C ASP B 62 19.56 27.39 -11.09
N SER B 63 20.40 26.92 -12.03
CA SER B 63 21.80 26.69 -11.71
C SER B 63 22.61 27.98 -11.55
N VAL B 64 22.08 29.11 -12.02
CA VAL B 64 22.77 30.39 -11.94
C VAL B 64 21.96 31.43 -11.19
N LYS B 65 20.83 31.04 -10.60
CA LYS B 65 19.81 31.93 -10.04
C LYS B 65 20.40 33.04 -9.17
N ASP B 66 20.97 32.69 -8.02
CA ASP B 66 21.45 33.70 -7.08
C ASP B 66 22.83 34.24 -7.42
N ARG B 67 23.54 33.62 -8.35
CA ARG B 67 24.89 34.04 -8.69
C ARG B 67 24.93 35.04 -9.84
N PHE B 68 23.96 34.99 -10.75
CA PHE B 68 23.92 35.87 -11.90
C PHE B 68 22.87 36.97 -11.69
N THR B 69 23.18 38.17 -12.19
CA THR B 69 22.25 39.28 -12.16
C THR B 69 22.24 39.96 -13.53
N ILE B 70 21.06 40.12 -14.09
CA ILE B 70 20.87 40.80 -15.38
C ILE B 70 20.17 42.13 -15.13
N SER B 71 20.55 43.14 -15.89
CA SER B 71 19.98 44.47 -15.72
C SER B 71 20.23 45.27 -16.99
N ARG B 72 19.49 46.37 -17.13
CA ARG B 72 19.61 47.26 -18.27
C ARG B 72 19.81 48.68 -17.74
N HIS B 73 20.78 49.37 -18.31
CA HIS B 73 21.00 50.77 -18.02
C HIS B 73 20.43 51.57 -19.19
N ASN B 74 19.53 52.50 -18.89
CA ASN B 74 18.74 53.12 -19.95
C ASN B 74 19.61 54.01 -20.81
N ALA B 75 20.52 54.78 -20.20
CA ALA B 75 21.32 55.75 -20.95
C ALA B 75 22.12 55.07 -22.05
N ASN B 76 22.76 53.94 -21.76
CA ASN B 76 23.60 53.26 -22.74
C ASN B 76 22.92 52.05 -23.39
N ASN B 77 21.60 51.89 -23.23
CA ASN B 77 20.80 50.87 -23.89
C ASN B 77 21.51 49.52 -23.93
N THR B 78 22.22 49.18 -22.87
CA THR B 78 23.07 48.00 -22.81
C THR B 78 22.60 47.12 -21.66
N VAL B 79 22.47 45.83 -21.92
CA VAL B 79 22.05 44.87 -20.91
C VAL B 79 23.30 44.24 -20.33
N TYR B 80 23.39 44.22 -19.01
CA TYR B 80 24.57 43.74 -18.31
C TYR B 80 24.24 42.45 -17.58
N LEU B 81 25.18 41.51 -17.62
CA LEU B 81 25.07 40.24 -16.91
C LEU B 81 26.17 40.20 -15.86
N GLN B 82 25.79 40.43 -14.61
CA GLN B 82 26.72 40.36 -13.49
C GLN B 82 26.80 38.91 -13.02
N MET B 83 27.94 38.27 -13.25
CA MET B 83 28.12 36.86 -12.95
C MET B 83 29.03 36.73 -11.74
N ASN B 84 28.45 36.35 -10.60
CA ASN B 84 29.17 36.18 -9.35
C ASN B 84 29.25 34.70 -9.00
N MET B 85 30.08 34.39 -8.00
CA MET B 85 30.30 33.03 -7.51
C MET B 85 30.49 32.04 -8.67
N LEU B 86 31.36 32.43 -9.60
CA LEU B 86 31.57 31.62 -10.81
C LEU B 86 32.21 30.28 -10.46
N LYS B 87 31.77 29.24 -11.16
CA LYS B 87 32.24 27.88 -11.00
C LYS B 87 32.87 27.40 -12.29
N PRO B 88 33.68 26.33 -12.24
CA PRO B 88 34.21 25.76 -13.50
C PRO B 88 33.12 25.34 -14.48
N GLU B 89 31.91 25.06 -13.99
CA GLU B 89 30.81 24.70 -14.88
C GLU B 89 30.50 25.82 -15.86
N ASP B 90 30.71 27.08 -15.47
CA ASP B 90 30.31 28.23 -16.25
C ASP B 90 31.22 28.50 -17.45
N THR B 91 32.29 27.73 -17.62
CA THR B 91 33.18 27.92 -18.77
C THR B 91 32.41 27.61 -20.06
N ALA B 92 32.32 28.61 -20.94
CA ALA B 92 31.57 28.50 -22.19
C ALA B 92 31.79 29.78 -23.00
N ILE B 93 31.38 29.73 -24.25
CA ILE B 93 31.25 30.93 -25.08
C ILE B 93 29.84 31.48 -24.90
N TYR B 94 29.75 32.75 -24.53
CA TYR B 94 28.47 33.38 -24.23
C TYR B 94 28.03 34.26 -25.41
N TYR B 95 26.75 34.15 -25.77
CA TYR B 95 26.15 34.95 -26.82
C TYR B 95 24.92 35.68 -26.28
N CYS B 96 24.74 36.93 -26.70
CA CYS B 96 23.48 37.63 -26.48
C CYS B 96 22.65 37.63 -27.76
N ALA B 97 21.32 37.57 -27.59
CA ALA B 97 20.39 37.49 -28.70
C ALA B 97 19.18 38.36 -28.42
N ALA B 98 18.56 38.85 -29.50
CA ALA B 98 17.43 39.77 -29.40
C ALA B 98 16.29 39.31 -30.30
N GLY B 99 15.08 39.65 -29.91
CA GLY B 99 13.91 39.39 -30.72
C GLY B 99 12.85 40.44 -30.47
N ARG B 100 12.02 40.67 -31.50
CA ARG B 100 10.97 41.70 -31.43
C ARG B 100 9.76 41.12 -30.69
N PHE B 101 9.91 40.99 -29.38
CA PHE B 101 8.87 40.45 -28.52
C PHE B 101 9.16 40.83 -27.07
N ALA B 102 8.17 40.58 -26.23
CA ALA B 102 8.31 40.70 -24.78
C ALA B 102 8.25 39.29 -24.20
N GLY B 103 9.39 38.73 -23.83
CA GLY B 103 9.35 37.40 -23.25
C GLY B 103 10.71 36.72 -23.34
N ARG B 104 10.66 35.40 -23.50
CA ARG B 104 11.83 34.56 -23.26
C ARG B 104 11.64 33.21 -23.94
N ASP B 105 12.76 32.59 -24.33
CA ASP B 105 12.75 31.27 -24.93
C ASP B 105 14.05 30.52 -24.63
N THR B 106 13.93 29.21 -24.55
CA THR B 106 15.08 28.31 -24.50
C THR B 106 15.62 27.98 -25.88
N TRP B 107 14.86 28.27 -26.93
CA TRP B 107 15.24 27.89 -28.29
C TRP B 107 16.02 29.02 -28.96
N PRO B 108 17.29 28.83 -29.28
CA PRO B 108 18.06 29.91 -29.91
C PRO B 108 17.49 30.33 -31.25
N SER B 109 17.05 29.35 -32.04
CA SER B 109 16.55 29.58 -33.38
C SER B 109 15.36 30.51 -33.42
N SER B 110 14.75 30.82 -32.28
CA SER B 110 13.65 31.77 -32.21
C SER B 110 14.11 33.22 -32.13
N TYR B 111 15.41 33.46 -32.03
CA TYR B 111 15.98 34.80 -31.96
C TYR B 111 16.65 35.09 -33.30
N ASP B 112 16.25 36.18 -33.94
CA ASP B 112 16.74 36.49 -35.27
C ASP B 112 18.01 37.33 -35.29
N TYR B 113 18.44 37.86 -34.14
CA TYR B 113 19.60 38.76 -34.08
C TYR B 113 20.59 38.22 -33.06
N TRP B 114 21.87 38.19 -33.43
CA TRP B 114 22.91 37.60 -32.59
C TRP B 114 24.16 38.46 -32.61
N GLY B 115 24.77 38.63 -31.43
CA GLY B 115 26.09 39.22 -31.32
C GLY B 115 27.20 38.19 -31.44
N GLN B 116 28.42 38.69 -31.66
CA GLN B 116 29.60 37.83 -31.67
C GLN B 116 29.97 37.43 -30.24
N GLY B 117 30.31 36.15 -30.07
CA GLY B 117 30.51 35.62 -28.74
C GLY B 117 31.75 36.17 -28.04
N THR B 118 31.69 36.12 -26.71
CA THR B 118 32.82 36.44 -25.85
C THR B 118 33.16 35.23 -24.99
N GLN B 119 34.45 34.97 -24.84
CA GLN B 119 34.92 33.77 -24.15
C GLN B 119 34.96 33.97 -22.64
N VAL B 120 34.41 33.02 -21.90
CA VAL B 120 34.50 32.97 -20.44
C VAL B 120 35.11 31.64 -20.04
N THR B 121 36.28 31.70 -19.39
CA THR B 121 36.98 30.51 -18.90
C THR B 121 37.18 30.64 -17.41
N VAL B 122 36.80 29.60 -16.66
CA VAL B 122 36.90 29.57 -15.21
C VAL B 122 37.71 28.35 -14.81
N SER B 123 38.95 28.58 -14.36
CA SER B 123 39.81 27.50 -13.88
C SER B 123 40.85 28.11 -12.95
N SER B 124 41.61 27.23 -12.31
CA SER B 124 42.65 27.65 -11.37
C SER B 124 44.04 27.40 -11.94
N THR C 7 23.45 -23.42 3.73
CA THR C 7 22.20 -22.82 3.30
C THR C 7 21.23 -22.78 4.50
N ASN C 8 21.61 -21.97 5.49
CA ASN C 8 20.79 -21.81 6.69
C ASN C 8 19.63 -20.87 6.44
N LEU C 9 18.42 -21.32 6.73
CA LEU C 9 17.21 -20.53 6.55
C LEU C 9 16.97 -19.62 7.76
N CYS C 10 16.53 -18.39 7.48
CA CYS C 10 16.31 -17.41 8.55
C CYS C 10 15.22 -17.90 9.50
N PRO C 11 15.51 -17.97 10.80
CA PRO C 11 14.56 -18.58 11.75
C PRO C 11 13.32 -17.73 11.99
N PHE C 12 12.51 -17.54 10.93
CA PHE C 12 11.29 -16.76 11.07
C PHE C 12 10.19 -17.53 11.80
N ASP C 13 10.20 -18.86 11.74
CA ASP C 13 9.17 -19.63 12.44
C ASP C 13 9.28 -19.47 13.96
N GLU C 14 10.50 -19.34 14.48
CA GLU C 14 10.68 -19.20 15.92
C GLU C 14 10.08 -17.93 16.48
N VAL C 15 9.83 -16.92 15.65
CA VAL C 15 9.31 -15.64 16.11
C VAL C 15 7.79 -15.58 16.01
N PHE C 16 7.22 -15.98 14.86
CA PHE C 16 5.77 -15.90 14.66
C PHE C 16 5.05 -17.03 15.35
N ASN C 17 5.62 -18.24 15.28
CA ASN C 17 5.08 -19.45 15.88
C ASN C 17 5.56 -19.69 17.30
N ALA C 18 6.12 -18.68 17.94
CA ALA C 18 6.54 -18.80 19.32
C ALA C 18 5.33 -19.01 20.23
N THR C 19 5.49 -19.88 21.23
CA THR C 19 4.39 -20.18 22.13
C THR C 19 4.10 -19.06 23.11
N ARG C 20 5.13 -18.34 23.55
CA ARG C 20 4.95 -17.22 24.46
C ARG C 20 5.73 -16.01 23.97
N PHE C 21 5.04 -14.87 23.89
CA PHE C 21 5.63 -13.57 23.59
C PHE C 21 5.99 -12.87 24.90
N ALA C 22 6.84 -11.86 24.79
CA ALA C 22 7.21 -11.07 25.95
C ALA C 22 6.23 -9.91 26.13
N SER C 23 6.26 -9.32 27.32
CA SER C 23 5.51 -8.10 27.54
C SER C 23 6.15 -6.95 26.77
N VAL C 24 5.36 -5.91 26.52
CA VAL C 24 5.79 -4.81 25.64
C VAL C 24 6.97 -4.06 26.22
N TYR C 25 7.03 -3.91 27.55
CA TYR C 25 8.10 -3.12 28.15
C TYR C 25 9.44 -3.83 28.06
N ALA C 26 9.43 -5.17 28.03
CA ALA C 26 10.66 -5.93 27.85
C ALA C 26 10.62 -6.69 26.53
N TRP C 27 10.42 -5.95 25.44
CA TRP C 27 10.25 -6.57 24.13
C TRP C 27 11.48 -7.39 23.76
N ASN C 28 11.25 -8.54 23.14
CA ASN C 28 12.31 -9.43 22.71
C ASN C 28 12.70 -9.12 21.27
N ARG C 29 14.01 -9.20 20.99
CA ARG C 29 14.55 -8.98 19.66
C ARG C 29 15.43 -10.16 19.28
N LYS C 30 15.17 -10.74 18.11
CA LYS C 30 15.95 -11.85 17.58
C LYS C 30 16.83 -11.32 16.46
N ARG C 31 18.15 -11.38 16.66
CA ARG C 31 19.09 -10.89 15.65
C ARG C 31 19.25 -11.95 14.57
N ILE C 32 18.82 -11.62 13.36
CA ILE C 32 18.81 -12.56 12.24
C ILE C 32 19.80 -12.07 11.19
N SER C 33 20.73 -12.96 10.80
CA SER C 33 21.71 -12.63 9.77
C SER C 33 22.30 -13.93 9.25
N ASN C 34 22.99 -13.83 8.12
CA ASN C 34 23.65 -14.96 7.46
C ASN C 34 22.68 -16.13 7.30
N CYS C 35 21.66 -15.92 6.47
CA CYS C 35 20.65 -16.94 6.27
C CYS C 35 19.91 -16.70 4.97
N VAL C 36 19.21 -17.72 4.51
CA VAL C 36 18.37 -17.60 3.32
C VAL C 36 17.01 -17.09 3.79
N ALA C 37 16.64 -15.87 3.37
CA ALA C 37 15.38 -15.29 3.81
C ALA C 37 14.22 -15.78 2.95
N ASP C 38 13.15 -15.00 2.96
CA ASP C 38 11.94 -15.32 2.24
C ASP C 38 11.10 -14.05 2.17
N TYR C 39 10.14 -14.06 1.24
CA TYR C 39 9.18 -12.97 1.19
C TYR C 39 7.77 -13.52 1.17
N SER C 40 7.46 -14.43 0.23
CA SER C 40 6.12 -14.95 -0.02
C SER C 40 5.23 -14.91 1.22
N VAL C 41 5.62 -15.65 2.27
CA VAL C 41 4.83 -15.74 3.49
C VAL C 41 4.41 -14.36 3.99
N LEU C 42 5.33 -13.40 3.95
CA LEU C 42 5.12 -12.07 4.53
C LEU C 42 3.79 -11.44 4.09
N TYR C 43 3.65 -11.10 2.81
CA TYR C 43 2.39 -10.53 2.32
C TYR C 43 1.46 -11.54 1.66
N ASN C 44 1.99 -12.46 0.84
CA ASN C 44 1.14 -13.46 0.18
C ASN C 44 0.23 -14.17 1.19
N LEU C 45 0.84 -14.89 2.16
CA LEU C 45 0.20 -15.62 3.26
C LEU C 45 -1.30 -15.81 3.07
N ALA C 46 -2.07 -15.00 3.77
CA ALA C 46 -3.52 -15.04 3.83
C ALA C 46 -4.01 -13.86 4.65
N PRO C 47 -5.28 -13.45 4.54
CA PRO C 47 -5.77 -12.37 5.40
C PRO C 47 -5.68 -12.78 6.86
N PHE C 48 -4.56 -12.43 7.46
CA PHE C 48 -4.24 -12.83 8.82
C PHE C 48 -4.36 -11.67 9.79
N PHE C 49 -3.75 -10.55 9.45
CA PHE C 49 -3.49 -9.55 10.45
C PHE C 49 -3.14 -8.22 9.80
N THR C 50 -2.67 -7.29 10.63
CA THR C 50 -2.13 -6.04 10.15
C THR C 50 -0.76 -6.25 9.52
N PHE C 51 -0.50 -5.52 8.44
CA PHE C 51 0.77 -5.61 7.73
C PHE C 51 1.07 -4.23 7.12
N LYS C 52 2.05 -3.53 7.68
CA LYS C 52 2.41 -2.19 7.23
C LYS C 52 3.92 -2.12 7.06
N CYS C 53 4.36 -1.71 5.88
CA CYS C 53 5.78 -1.53 5.59
C CYS C 53 6.07 -0.06 5.40
N TYR C 54 7.24 0.36 5.87
CA TYR C 54 7.66 1.75 5.79
C TYR C 54 9.07 1.81 5.22
N GLY C 55 9.26 2.65 4.22
CA GLY C 55 10.55 2.81 3.58
C GLY C 55 10.94 1.72 2.61
N VAL C 56 10.19 0.61 2.56
CA VAL C 56 10.52 -0.49 1.66
C VAL C 56 9.21 -1.16 1.26
N SER C 57 9.20 -1.74 0.06
CA SER C 57 8.09 -2.48 -0.48
C SER C 57 8.27 -3.97 -0.25
N PRO C 58 7.21 -4.65 0.18
CA PRO C 58 7.32 -6.09 0.46
C PRO C 58 7.71 -6.91 -0.77
N THR C 59 7.15 -6.59 -1.93
CA THR C 59 7.51 -7.34 -3.13
C THR C 59 8.96 -7.16 -3.54
N LYS C 60 9.65 -6.17 -2.96
CA LYS C 60 11.06 -5.95 -3.25
C LYS C 60 11.98 -6.53 -2.19
N LEU C 61 11.42 -7.16 -1.16
CA LEU C 61 12.26 -7.73 -0.11
C LEU C 61 13.07 -8.91 -0.62
N ASN C 62 12.54 -9.66 -1.59
CA ASN C 62 13.27 -10.80 -2.11
C ASN C 62 14.46 -10.38 -2.97
N ASP C 63 14.49 -9.13 -3.45
CA ASP C 63 15.57 -8.67 -4.31
C ASP C 63 16.55 -7.76 -3.58
N LEU C 64 16.53 -7.77 -2.26
CA LEU C 64 17.39 -6.91 -1.45
C LEU C 64 18.18 -7.73 -0.44
N CYS C 65 19.45 -7.37 -0.26
CA CYS C 65 20.30 -7.94 0.77
C CYS C 65 20.55 -6.91 1.85
N PHE C 66 20.47 -7.35 3.11
CA PHE C 66 20.65 -6.46 4.24
C PHE C 66 21.74 -6.99 5.16
N THR C 67 22.32 -6.07 5.95
CA THR C 67 23.37 -6.46 6.88
C THR C 67 22.81 -7.28 8.02
N ASN C 68 21.81 -6.75 8.73
CA ASN C 68 21.16 -7.45 9.82
C ASN C 68 19.67 -7.17 9.76
N VAL C 69 18.88 -8.18 10.16
CA VAL C 69 17.43 -8.06 10.23
C VAL C 69 17.02 -8.36 11.66
N TYR C 70 16.38 -7.40 12.32
CA TYR C 70 15.99 -7.52 13.71
C TYR C 70 14.49 -7.80 13.80
N ALA C 71 14.14 -8.83 14.56
CA ALA C 71 12.76 -9.29 14.74
C ALA C 71 12.33 -9.00 16.17
N ASP C 72 11.53 -7.95 16.33
CA ASP C 72 11.01 -7.55 17.64
C ASP C 72 9.60 -8.10 17.81
N SER C 73 9.35 -8.77 18.93
CA SER C 73 8.07 -9.40 19.20
C SER C 73 7.63 -9.07 20.62
N PHE C 74 6.33 -8.84 20.79
CA PHE C 74 5.74 -8.49 22.09
C PHE C 74 4.22 -8.56 21.94
N VAL C 75 3.49 -8.05 22.94
CA VAL C 75 2.03 -8.11 22.93
C VAL C 75 1.47 -6.82 23.52
N ILE C 76 0.47 -6.26 22.85
CA ILE C 76 -0.29 -5.12 23.36
C ILE C 76 -1.76 -5.36 23.05
N ARG C 77 -2.60 -4.44 23.51
CA ARG C 77 -4.01 -4.53 23.18
C ARG C 77 -4.30 -3.79 21.87
N GLY C 78 -5.53 -3.96 21.39
CA GLY C 78 -5.86 -3.56 20.03
C GLY C 78 -5.72 -2.06 19.78
N ASP C 79 -6.23 -1.25 20.70
CA ASP C 79 -6.24 0.21 20.52
C ASP C 79 -4.85 0.82 20.44
N GLU C 80 -3.79 0.02 20.65
CA GLU C 80 -2.45 0.53 20.70
C GLU C 80 -1.61 0.11 19.50
N VAL C 81 -2.13 -0.75 18.62
CA VAL C 81 -1.34 -1.25 17.49
C VAL C 81 -0.92 -0.09 16.59
N ARG C 82 -1.78 0.93 16.48
CA ARG C 82 -1.49 2.10 15.67
C ARG C 82 -0.29 2.88 16.20
N GLN C 83 0.09 2.66 17.46
CA GLN C 83 1.23 3.38 18.01
C GLN C 83 2.55 2.74 17.61
N ILE C 84 2.54 1.50 17.14
CA ILE C 84 3.73 0.86 16.61
C ILE C 84 3.94 1.29 15.17
N ALA C 85 4.39 2.51 14.99
CA ALA C 85 4.57 3.10 13.67
C ALA C 85 5.51 4.28 13.81
N PRO C 86 6.21 4.67 12.74
CA PRO C 86 7.09 5.82 12.84
C PRO C 86 6.30 7.10 13.13
N GLY C 87 6.88 7.94 14.00
CA GLY C 87 6.26 9.21 14.33
C GLY C 87 4.92 9.09 15.01
N GLN C 88 4.83 8.26 16.05
CA GLN C 88 3.62 8.08 16.83
C GLN C 88 3.89 8.43 18.28
N THR C 89 2.85 8.90 18.98
CA THR C 89 2.95 9.25 20.39
C THR C 89 1.88 8.50 21.17
N GLY C 90 2.10 8.39 22.47
CA GLY C 90 1.19 7.64 23.32
C GLY C 90 1.91 6.88 24.41
N ASN C 91 1.15 6.16 25.23
CA ASN C 91 1.77 5.44 26.33
C ASN C 91 2.65 4.29 25.84
N ILE C 92 2.29 3.66 24.72
CA ILE C 92 3.10 2.56 24.20
C ILE C 92 4.30 3.10 23.42
N ALA C 93 4.07 4.10 22.58
CA ALA C 93 5.12 4.60 21.69
C ALA C 93 6.19 5.37 22.47
N ASP C 94 5.79 6.11 23.50
CA ASP C 94 6.73 6.96 24.23
C ASP C 94 7.45 6.24 25.35
N TYR C 95 6.81 5.26 25.99
CA TYR C 95 7.35 4.65 27.19
C TYR C 95 7.63 3.15 27.07
N ASN C 96 7.43 2.55 25.90
CA ASN C 96 7.64 1.11 25.79
C ASN C 96 8.46 0.75 24.56
N TYR C 97 7.93 1.05 23.37
CA TYR C 97 8.58 0.66 22.12
C TYR C 97 8.41 1.79 21.13
N LYS C 98 9.49 2.52 20.86
CA LYS C 98 9.48 3.65 19.95
C LYS C 98 10.16 3.29 18.63
N LEU C 99 9.51 3.64 17.52
CA LEU C 99 10.11 3.45 16.22
C LEU C 99 10.65 4.76 15.68
N PRO C 100 11.80 4.75 15.03
CA PRO C 100 12.38 5.99 14.52
C PRO C 100 11.55 6.56 13.38
N ASP C 101 11.77 7.84 13.12
CA ASP C 101 11.00 8.48 12.05
C ASP C 101 11.43 7.94 10.69
N ASP C 102 12.70 7.55 10.55
CA ASP C 102 13.22 6.96 9.31
C ASP C 102 13.25 5.45 9.38
N PHE C 103 12.24 4.84 10.00
CA PHE C 103 12.22 3.39 10.16
C PHE C 103 12.09 2.71 8.81
N THR C 104 12.94 1.70 8.59
CA THR C 104 12.94 0.91 7.37
C THR C 104 12.60 -0.52 7.74
N GLY C 105 11.35 -0.91 7.53
CA GLY C 105 10.90 -2.24 7.88
C GLY C 105 9.39 -2.34 7.81
N CYS C 106 8.87 -3.43 8.35
CA CYS C 106 7.44 -3.71 8.34
C CYS C 106 6.97 -4.09 9.74
N VAL C 107 5.67 -3.87 9.99
CA VAL C 107 5.03 -4.16 11.26
C VAL C 107 3.91 -5.17 11.03
N ILE C 108 3.87 -6.20 11.86
CA ILE C 108 2.91 -7.29 11.76
C ILE C 108 2.24 -7.49 13.11
N ALA C 109 0.90 -7.49 13.13
CA ALA C 109 0.18 -7.66 14.38
C ALA C 109 -1.16 -8.34 14.14
N TRP C 110 -1.43 -9.40 14.92
CA TRP C 110 -2.64 -10.21 14.78
C TRP C 110 -3.33 -10.37 16.12
N ASN C 111 -4.65 -10.57 16.04
CA ASN C 111 -5.47 -10.77 17.23
C ASN C 111 -5.19 -12.15 17.80
N SER C 112 -4.62 -12.18 18.99
CA SER C 112 -4.29 -13.42 19.69
C SER C 112 -5.17 -13.57 20.92
N ASN C 113 -6.45 -13.24 20.76
CA ASN C 113 -7.39 -13.40 21.86
C ASN C 113 -7.54 -14.87 22.26
N LYS C 114 -7.41 -15.77 21.29
CA LYS C 114 -7.55 -17.19 21.54
C LYS C 114 -6.35 -17.80 22.23
N LEU C 115 -5.30 -17.04 22.47
CA LEU C 115 -4.08 -17.56 23.05
C LEU C 115 -3.69 -16.87 24.34
N ASP C 116 -3.83 -15.55 24.40
CA ASP C 116 -3.28 -14.75 25.50
C ASP C 116 -4.36 -14.18 26.42
N SER C 117 -5.60 -14.65 26.31
CA SER C 117 -6.66 -14.14 27.16
C SER C 117 -7.36 -15.30 27.85
N LYS C 118 -7.49 -15.20 29.17
CA LYS C 118 -8.13 -16.23 29.97
C LYS C 118 -9.39 -15.66 30.63
N VAL C 119 -10.34 -16.56 30.92
CA VAL C 119 -11.65 -16.14 31.41
C VAL C 119 -11.53 -15.39 32.72
N SER C 120 -10.53 -15.72 33.51
CA SER C 120 -10.26 -15.02 34.75
C SER C 120 -9.27 -13.89 34.57
N GLY C 121 -8.83 -13.60 33.35
CA GLY C 121 -7.89 -12.54 33.09
C GLY C 121 -6.45 -12.99 33.08
N ASN C 122 -5.73 -12.65 32.01
CA ASN C 122 -4.32 -13.00 31.86
C ASN C 122 -3.50 -11.75 32.14
N TYR C 123 -3.21 -11.54 33.41
CA TYR C 123 -2.51 -10.35 33.88
C TYR C 123 -1.00 -10.46 33.78
N ASN C 124 -0.48 -11.49 33.10
CA ASN C 124 0.96 -11.65 33.00
C ASN C 124 1.58 -10.60 32.10
N TYR C 125 0.88 -10.25 31.02
CA TYR C 125 1.39 -9.24 30.12
C TYR C 125 1.31 -7.88 30.81
N LEU C 126 2.43 -7.17 30.79
CA LEU C 126 2.59 -5.93 31.53
C LEU C 126 2.92 -4.79 30.57
N TYR C 127 2.80 -3.55 31.06
CA TYR C 127 3.21 -2.38 30.30
C TYR C 127 3.64 -1.30 31.28
N ARG C 128 4.48 -0.40 30.81
CA ARG C 128 4.98 0.69 31.63
C ARG C 128 4.02 1.86 31.54
N LEU C 129 3.70 2.45 32.69
CA LEU C 129 2.77 3.57 32.77
C LEU C 129 3.45 4.89 33.03
N PHE C 130 4.50 4.92 33.85
CA PHE C 130 5.15 6.17 34.21
C PHE C 130 6.62 6.14 33.80
N ARG C 131 7.07 7.24 33.21
CA ARG C 131 8.48 7.41 32.87
C ARG C 131 8.78 8.91 32.82
N LYS C 132 9.98 9.29 33.28
CA LYS C 132 10.31 10.70 33.42
C LYS C 132 10.51 11.37 32.05
N SER C 133 11.02 10.62 31.07
CA SER C 133 11.25 11.16 29.74
C SER C 133 10.89 10.10 28.69
N ASN C 134 10.86 10.51 27.43
CA ASN C 134 10.49 9.62 26.35
C ASN C 134 11.62 8.66 26.02
N LEU C 135 11.25 7.55 25.38
CA LEU C 135 12.21 6.55 24.94
C LEU C 135 12.78 6.89 23.57
N LYS C 136 14.09 6.70 23.42
CA LYS C 136 14.72 6.80 22.12
C LYS C 136 14.29 5.61 21.25
N PRO C 137 14.48 5.72 19.93
CA PRO C 137 14.11 4.59 19.07
C PRO C 137 14.89 3.33 19.41
N PHE C 138 14.19 2.20 19.45
CA PHE C 138 14.78 0.90 19.78
C PHE C 138 15.46 0.89 21.15
N GLU C 139 14.83 1.54 22.12
CA GLU C 139 15.28 1.54 23.50
C GLU C 139 14.36 0.63 24.32
N ARG C 140 14.96 -0.21 25.17
CA ARG C 140 14.22 -1.13 26.04
C ARG C 140 14.50 -0.78 27.49
N ASP C 141 13.47 -0.29 28.20
CA ASP C 141 13.58 0.08 29.61
C ASP C 141 12.80 -0.95 30.42
N ILE C 142 13.52 -1.82 31.11
CA ILE C 142 12.92 -2.80 32.01
C ILE C 142 13.03 -2.37 33.47
N SER C 143 13.32 -1.09 33.72
CA SER C 143 13.47 -0.61 35.08
C SER C 143 12.15 -0.69 35.84
N THR C 144 12.23 -1.09 37.11
CA THR C 144 11.07 -1.20 37.98
C THR C 144 11.23 -0.34 39.23
N GLU C 145 11.88 0.81 39.10
CA GLU C 145 12.07 1.71 40.24
C GLU C 145 10.80 2.50 40.49
N ILE C 146 10.54 2.80 41.78
CA ILE C 146 9.37 3.57 42.17
C ILE C 146 9.41 4.95 41.54
N TYR C 147 8.44 5.25 40.69
CA TYR C 147 8.41 6.51 39.96
C TYR C 147 8.08 7.66 40.90
N GLN C 148 8.98 8.65 40.97
CA GLN C 148 8.77 9.85 41.79
C GLN C 148 7.95 10.86 40.99
N ALA C 149 6.68 11.00 41.35
CA ALA C 149 5.79 11.97 40.73
C ALA C 149 5.64 13.25 41.55
N GLY C 150 6.28 13.31 42.72
CA GLY C 150 6.17 14.48 43.56
C GLY C 150 7.51 15.10 43.91
N ASN C 151 7.54 15.82 45.03
CA ASN C 151 8.74 16.51 45.48
C ASN C 151 9.56 15.68 46.46
N LYS C 152 8.89 14.88 47.29
CA LYS C 152 9.56 14.05 48.28
C LYS C 152 10.12 12.79 47.62
N PRO C 153 11.30 12.33 48.05
CA PRO C 153 11.84 11.09 47.51
C PRO C 153 11.09 9.86 47.99
N CYS C 154 11.07 8.82 47.16
CA CYS C 154 10.28 7.63 47.48
C CYS C 154 11.02 6.64 48.37
N ASN C 155 12.29 6.35 48.06
CA ASN C 155 13.09 5.38 48.80
C ASN C 155 12.44 4.00 48.78
N GLY C 156 11.98 3.59 47.59
CA GLY C 156 11.36 2.27 47.44
C GLY C 156 10.09 2.09 48.24
N VAL C 157 9.39 3.18 48.54
CA VAL C 157 8.16 3.13 49.32
C VAL C 157 6.99 3.45 48.40
N ALA C 158 6.11 2.48 48.20
CA ALA C 158 4.91 2.70 47.41
C ALA C 158 3.95 3.54 48.23
N GLY C 159 3.81 4.81 47.87
CA GLY C 159 2.94 5.70 48.60
C GLY C 159 2.40 6.85 47.76
N PHE C 160 2.02 7.95 48.41
CA PHE C 160 1.52 9.11 47.68
C PHE C 160 2.61 9.69 46.79
N ASN C 161 2.28 9.90 45.51
CA ASN C 161 3.22 10.42 44.52
C ASN C 161 4.43 9.50 44.34
N CYS C 162 4.24 8.21 44.61
CA CYS C 162 5.31 7.21 44.48
C CYS C 162 4.63 5.91 44.05
N TYR C 163 4.54 5.71 42.73
CA TYR C 163 3.79 4.57 42.21
C TYR C 163 4.69 3.64 41.38
N PHE C 164 4.29 2.37 41.39
CA PHE C 164 5.02 1.35 40.64
C PHE C 164 4.85 1.60 39.15
N PRO C 165 5.94 1.53 38.37
CA PRO C 165 5.88 1.97 36.98
C PRO C 165 5.26 0.96 36.01
N LEU C 166 4.86 -0.21 36.46
CA LEU C 166 4.27 -1.19 35.55
C LEU C 166 2.82 -1.46 35.95
N ARG C 167 2.01 -1.85 34.97
CA ARG C 167 0.66 -2.30 35.22
C ARG C 167 0.41 -3.55 34.39
N SER C 168 -0.64 -4.28 34.75
CA SER C 168 -0.99 -5.50 34.03
C SER C 168 -2.03 -5.21 32.97
N TYR C 169 -1.88 -5.86 31.83
CA TYR C 169 -3.02 -6.05 30.96
C TYR C 169 -3.93 -7.09 31.57
N SER C 170 -5.22 -6.89 31.41
CA SER C 170 -6.20 -7.85 31.89
C SER C 170 -6.90 -8.32 30.62
N PHE C 171 -6.35 -9.36 29.99
CA PHE C 171 -6.93 -9.88 28.75
C PHE C 171 -7.96 -10.94 29.10
N ARG C 172 -9.22 -10.55 29.06
CA ARG C 172 -10.37 -11.43 29.17
C ARG C 172 -11.06 -11.52 27.82
N PRO C 173 -11.46 -12.73 27.39
CA PRO C 173 -12.05 -12.87 26.05
C PRO C 173 -13.39 -12.16 25.88
N THR C 174 -14.03 -11.73 26.96
CA THR C 174 -15.31 -11.01 26.92
C THR C 174 -15.16 -9.52 26.69
N TYR C 175 -13.93 -9.01 26.56
CA TYR C 175 -13.72 -7.59 26.36
C TYR C 175 -13.93 -7.21 24.89
N GLY C 176 -13.92 -5.91 24.64
CA GLY C 176 -13.98 -5.43 23.28
C GLY C 176 -12.69 -5.66 22.52
N VAL C 177 -12.78 -5.54 21.20
CA VAL C 177 -11.64 -5.84 20.33
C VAL C 177 -10.48 -4.88 20.57
N GLY C 178 -10.79 -3.63 20.88
CA GLY C 178 -9.74 -2.69 21.22
C GLY C 178 -8.99 -3.06 22.48
N HIS C 179 -9.47 -4.07 23.21
CA HIS C 179 -8.84 -4.55 24.43
C HIS C 179 -8.39 -5.99 24.36
N GLN C 180 -8.45 -6.56 23.31
CA GLN C 180 -8.01 -7.93 23.18
C GLN C 180 -6.52 -7.96 22.88
N PRO C 181 -5.82 -9.02 23.28
CA PRO C 181 -4.38 -9.06 23.08
C PRO C 181 -4.03 -9.16 21.60
N TYR C 182 -2.98 -8.44 21.22
CA TYR C 182 -2.45 -8.49 19.87
C TYR C 182 -0.95 -8.78 19.94
N ARG C 183 -0.53 -9.82 19.22
CA ARG C 183 0.89 -10.16 19.12
C ARG C 183 1.51 -9.40 17.96
N VAL C 184 2.61 -8.69 18.25
CA VAL C 184 3.24 -7.80 17.29
C VAL C 184 4.63 -8.33 16.95
N VAL C 185 4.96 -8.29 15.66
CA VAL C 185 6.27 -8.70 15.17
C VAL C 185 6.79 -7.56 14.28
N VAL C 186 7.86 -6.90 14.73
CA VAL C 186 8.48 -5.79 14.03
C VAL C 186 9.79 -6.28 13.42
N LEU C 187 9.93 -6.12 12.12
CA LEU C 187 11.14 -6.50 11.40
C LEU C 187 11.88 -5.25 10.96
N SER C 188 13.08 -5.04 11.50
CA SER C 188 13.90 -3.90 11.13
C SER C 188 14.93 -4.33 10.09
N PHE C 189 15.01 -3.58 9.01
CA PHE C 189 15.96 -3.83 7.93
C PHE C 189 17.06 -2.78 8.05
N GLU C 190 18.26 -3.23 8.38
CA GLU C 190 19.41 -2.36 8.52
C GLU C 190 20.36 -2.60 7.35
N LEU C 191 20.97 -1.51 6.87
CA LEU C 191 21.94 -1.57 5.78
C LEU C 191 22.97 -0.50 6.09
N LEU C 192 24.11 -0.93 6.60
CA LEU C 192 25.23 -0.07 6.98
C LEU C 192 26.49 -0.54 6.27
N HIS C 193 27.60 0.16 6.52
CA HIS C 193 28.88 -0.22 5.93
C HIS C 193 29.35 -1.56 6.49
N ALA C 194 28.95 -2.66 5.84
CA ALA C 194 29.22 -4.01 6.32
C ALA C 194 28.94 -4.99 5.19
N PRO C 195 29.36 -6.26 5.30
CA PRO C 195 29.00 -7.24 4.28
C PRO C 195 27.56 -7.71 4.48
N ALA C 196 26.76 -7.62 3.41
CA ALA C 196 25.35 -7.98 3.48
C ALA C 196 25.16 -9.50 3.41
N THR C 197 24.41 -10.03 4.38
CA THR C 197 24.24 -11.48 4.53
C THR C 197 22.80 -11.95 4.50
N VAL C 198 21.82 -11.09 4.78
CA VAL C 198 20.41 -11.50 4.82
C VAL C 198 19.82 -11.17 3.45
N CYS C 199 19.92 -12.12 2.53
CA CYS C 199 19.32 -12.02 1.21
C CYS C 199 18.15 -12.99 1.13
N GLY C 200 17.30 -12.79 0.13
CA GLY C 200 16.15 -13.65 -0.01
C GLY C 200 15.83 -13.98 -1.45
N LYS C 201 16.63 -14.85 -2.08
CA LYS C 201 16.33 -15.21 -3.45
C LYS C 201 16.21 -16.73 -3.61
N GLU D 1 7.00 -4.93 61.01
CA GLU D 1 6.44 -6.27 61.23
C GLU D 1 4.92 -6.23 61.29
N VAL D 2 4.30 -7.08 60.49
CA VAL D 2 2.85 -7.11 60.34
C VAL D 2 2.37 -8.55 60.50
N GLN D 3 1.06 -8.70 60.66
CA GLN D 3 0.43 -9.98 60.90
C GLN D 3 -0.83 -10.13 60.05
N LEU D 4 -1.13 -11.37 59.68
CA LEU D 4 -2.28 -11.69 58.82
C LEU D 4 -3.28 -12.53 59.61
N VAL D 5 -4.38 -11.90 60.03
CA VAL D 5 -5.45 -12.56 60.75
C VAL D 5 -6.60 -12.81 59.78
N GLN D 6 -6.98 -14.08 59.61
CA GLN D 6 -8.08 -14.45 58.73
C GLN D 6 -9.37 -14.60 59.53
N SER D 7 -10.48 -14.71 58.81
CA SER D 7 -11.78 -14.86 59.45
C SER D 7 -11.87 -16.23 60.11
N GLY D 8 -12.87 -16.39 60.98
CA GLY D 8 -13.03 -17.61 61.72
C GLY D 8 -13.42 -18.79 60.85
N ALA D 9 -13.39 -19.97 61.45
CA ALA D 9 -13.69 -21.19 60.72
C ALA D 9 -15.11 -21.14 60.17
N GLU D 10 -15.34 -21.94 59.13
CA GLU D 10 -16.61 -21.94 58.41
C GLU D 10 -17.08 -23.37 58.17
N VAL D 11 -18.39 -23.55 58.25
CA VAL D 11 -19.05 -24.80 57.88
C VAL D 11 -20.19 -24.46 56.95
N LYS D 12 -20.23 -25.12 55.79
CA LYS D 12 -21.21 -24.81 54.77
C LYS D 12 -21.78 -26.10 54.19
N LYS D 13 -22.97 -25.98 53.61
CA LYS D 13 -23.70 -27.05 52.92
C LYS D 13 -23.30 -27.07 51.45
N PRO D 14 -23.19 -28.25 50.84
CA PRO D 14 -22.87 -28.33 49.41
C PRO D 14 -23.82 -27.47 48.57
N GLY D 15 -23.24 -26.65 47.69
CA GLY D 15 -23.96 -25.75 46.82
C GLY D 15 -23.83 -24.29 47.23
N SER D 16 -23.59 -24.02 48.51
CA SER D 16 -23.50 -22.65 49.00
C SER D 16 -22.15 -22.02 48.63
N SER D 17 -21.78 -20.95 49.32
CA SER D 17 -20.51 -20.27 49.07
C SER D 17 -19.93 -19.78 50.38
N VAL D 18 -18.61 -19.62 50.40
CA VAL D 18 -17.89 -19.15 51.57
C VAL D 18 -16.98 -18.00 51.16
N LYS D 19 -16.82 -17.03 52.06
CA LYS D 19 -15.95 -15.88 51.81
C LYS D 19 -15.05 -15.67 53.02
N VAL D 20 -13.75 -15.89 52.83
CA VAL D 20 -12.74 -15.80 53.88
C VAL D 20 -12.02 -14.47 53.75
N SER D 21 -11.89 -13.75 54.87
CA SER D 21 -11.18 -12.48 54.91
C SER D 21 -9.73 -12.70 55.36
N CYS D 22 -8.91 -11.68 55.16
CA CYS D 22 -7.51 -11.76 55.56
C CYS D 22 -6.98 -10.34 55.75
N LYS D 23 -6.94 -9.89 57.00
CA LYS D 23 -6.48 -8.54 57.29
C LYS D 23 -4.99 -8.39 57.03
N ALA D 24 -4.63 -7.30 56.38
CA ALA D 24 -3.24 -6.93 56.12
C ALA D 24 -2.91 -5.74 57.02
N SER D 25 -2.00 -5.93 57.97
CA SER D 25 -1.65 -4.85 58.86
C SER D 25 -0.98 -3.69 58.11
N GLY D 26 -1.68 -2.57 58.03
CA GLY D 26 -1.21 -1.37 57.34
C GLY D 26 -1.07 -1.54 55.84
N GLY D 27 -0.01 -0.96 55.29
CA GLY D 27 0.23 -1.02 53.86
C GLY D 27 1.04 -2.22 53.43
N THR D 28 0.55 -3.42 53.71
CA THR D 28 1.26 -4.63 53.33
C THR D 28 1.31 -4.79 51.83
N PHE D 29 0.36 -4.19 51.14
CA PHE D 29 0.25 -4.32 49.69
C PHE D 29 1.48 -3.80 48.98
N SER D 30 2.14 -2.79 49.54
CA SER D 30 3.28 -2.15 48.91
C SER D 30 4.39 -3.15 48.61
N SER D 31 4.61 -3.44 47.32
CA SER D 31 5.68 -4.34 46.87
C SER D 31 5.55 -5.73 47.50
N TYR D 32 4.31 -6.21 47.61
CA TYR D 32 4.04 -7.54 48.17
C TYR D 32 2.74 -8.08 47.61
N GLY D 33 2.79 -9.28 47.01
CA GLY D 33 1.60 -9.96 46.56
C GLY D 33 0.98 -10.82 47.65
N ILE D 34 -0.22 -11.33 47.36
CA ILE D 34 -0.98 -12.13 48.31
C ILE D 34 -1.50 -13.37 47.59
N SER D 35 -1.25 -14.55 48.18
CA SER D 35 -1.73 -15.80 47.62
C SER D 35 -2.71 -16.49 48.57
N TRP D 36 -3.59 -17.30 48.00
CA TRP D 36 -4.54 -18.11 48.76
C TRP D 36 -4.26 -19.58 48.50
N VAL D 37 -3.90 -20.31 49.55
CA VAL D 37 -3.52 -21.72 49.46
C VAL D 37 -4.32 -22.51 50.48
N ARG D 38 -4.97 -23.57 50.03
CA ARG D 38 -5.75 -24.46 50.87
C ARG D 38 -5.04 -25.79 51.02
N GLN D 39 -5.38 -26.50 52.10
CA GLN D 39 -4.78 -27.79 52.43
C GLN D 39 -5.83 -28.70 53.02
N ALA D 40 -6.23 -29.72 52.27
CA ALA D 40 -7.18 -30.70 52.76
C ALA D 40 -6.56 -31.47 53.92
N PRO D 41 -7.39 -32.08 54.77
CA PRO D 41 -6.84 -32.87 55.89
C PRO D 41 -5.93 -33.98 55.40
N GLY D 42 -4.68 -33.96 55.85
CA GLY D 42 -3.73 -34.99 55.47
C GLY D 42 -3.23 -34.93 54.04
N LEU D 43 -3.57 -33.88 53.29
CA LEU D 43 -3.12 -33.73 51.92
C LEU D 43 -2.10 -32.60 51.82
N GLY D 44 -1.60 -32.36 50.61
CA GLY D 44 -0.61 -31.34 50.37
C GLY D 44 -1.24 -29.98 50.18
N LEU D 45 -0.39 -29.02 49.84
CA LEU D 45 -0.82 -27.64 49.63
C LEU D 45 -1.30 -27.46 48.19
N GLU D 46 -2.22 -26.52 48.01
CA GLU D 46 -2.81 -26.26 46.70
C GLU D 46 -2.99 -24.77 46.53
N TRP D 47 -2.20 -24.17 45.64
CA TRP D 47 -2.38 -22.76 45.31
C TRP D 47 -3.71 -22.57 44.60
N MET D 48 -4.50 -21.60 45.07
CA MET D 48 -5.79 -21.29 44.46
C MET D 48 -5.73 -20.08 43.55
N GLY D 49 -5.03 -19.03 43.97
CA GLY D 49 -5.00 -17.79 43.23
C GLY D 49 -4.29 -16.72 44.02
N GLY D 50 -4.13 -15.57 43.39
CA GLY D 50 -3.42 -14.48 44.03
C GLY D 50 -3.80 -13.11 43.53
N VAL D 51 -3.05 -12.09 43.93
CA VAL D 51 -3.35 -10.72 43.58
C VAL D 51 -2.09 -9.90 43.82
N ILE D 52 -1.90 -8.87 43.00
CA ILE D 52 -0.83 -7.92 43.25
C ILE D 52 -1.45 -6.54 43.24
N PRO D 53 -1.44 -5.85 44.38
CA PRO D 53 -2.10 -4.54 44.43
C PRO D 53 -1.31 -3.43 43.74
N ILE D 54 0.02 -3.47 43.78
CA ILE D 54 0.78 -2.42 43.12
C ILE D 54 0.59 -2.49 41.60
N LEU D 55 0.41 -3.68 41.05
CA LEU D 55 0.13 -3.85 39.63
C LEU D 55 -1.37 -3.88 39.33
N SER D 56 -2.22 -3.79 40.35
CA SER D 56 -3.66 -3.96 40.21
C SER D 56 -3.96 -5.20 39.36
N ALA D 57 -3.44 -6.33 39.82
CA ALA D 57 -3.45 -7.56 39.03
C ALA D 57 -3.76 -8.75 39.91
N LYS D 58 -4.21 -9.82 39.26
CA LYS D 58 -4.58 -11.03 39.98
C LYS D 58 -4.65 -12.19 38.99
N HIS D 59 -4.32 -13.39 39.47
CA HIS D 59 -4.36 -14.59 38.64
C HIS D 59 -5.02 -15.70 39.43
N TYR D 60 -5.38 -16.78 38.71
CA TYR D 60 -6.07 -17.90 39.32
C TYR D 60 -5.48 -19.20 38.82
N ALA D 61 -5.57 -20.24 39.65
CA ALA D 61 -5.08 -21.56 39.30
C ALA D 61 -6.13 -22.28 38.48
N GLN D 62 -5.65 -22.99 37.45
CA GLN D 62 -6.50 -23.79 36.57
C GLN D 62 -7.66 -24.49 37.30
N ARG D 63 -7.37 -25.18 38.41
CA ARG D 63 -8.38 -25.99 39.08
C ARG D 63 -9.61 -25.18 39.50
N PHE D 64 -9.38 -24.01 40.09
CA PHE D 64 -10.45 -23.19 40.64
C PHE D 64 -10.87 -22.08 39.69
N GLN D 65 -10.42 -22.14 38.44
CA GLN D 65 -10.68 -21.10 37.46
C GLN D 65 -12.14 -21.18 37.03
N GLY D 66 -12.94 -20.21 37.48
CA GLY D 66 -14.36 -20.16 37.16
C GLY D 66 -15.28 -20.37 38.34
N ARG D 67 -14.74 -20.53 39.55
CA ARG D 67 -15.56 -20.70 40.75
C ARG D 67 -14.93 -20.00 41.95
N VAL D 68 -14.14 -18.95 41.69
CA VAL D 68 -13.39 -18.27 42.73
C VAL D 68 -13.35 -16.79 42.41
N THR D 69 -13.28 -15.97 43.46
CA THR D 69 -13.18 -14.52 43.34
C THR D 69 -12.23 -14.02 44.41
N ILE D 70 -11.23 -13.25 44.02
CA ILE D 70 -10.26 -12.71 44.95
C ILE D 70 -10.26 -11.19 44.80
N THR D 71 -10.62 -10.50 45.87
CA THR D 71 -10.71 -9.04 45.89
C THR D 71 -9.64 -8.50 46.83
N ALA D 72 -9.37 -7.19 46.70
CA ALA D 72 -8.38 -6.53 47.55
C ALA D 72 -8.81 -5.07 47.74
N ASP D 73 -9.47 -4.79 48.86
CA ASP D 73 -9.88 -3.43 49.18
C ASP D 73 -8.69 -2.70 49.78
N LYS D 74 -8.11 -1.80 49.00
CA LYS D 74 -6.90 -1.11 49.44
C LYS D 74 -7.19 -0.07 50.51
N SER D 75 -8.42 0.45 50.59
CA SER D 75 -8.74 1.41 51.63
C SER D 75 -8.67 0.78 53.01
N THR D 76 -9.32 -0.38 53.19
CA THR D 76 -9.23 -1.14 54.43
C THR D 76 -7.90 -1.88 54.57
N GLY D 77 -7.16 -2.05 53.47
CA GLY D 77 -5.96 -2.85 53.45
C GLY D 77 -6.22 -4.29 53.82
N THR D 78 -6.98 -5.01 52.98
CA THR D 78 -7.29 -6.41 53.25
C THR D 78 -7.71 -7.10 51.97
N ALA D 79 -7.64 -8.43 51.99
CA ALA D 79 -8.00 -9.27 50.86
C ALA D 79 -9.14 -10.22 51.25
N TYR D 80 -9.84 -10.70 50.22
CA TYR D 80 -10.94 -11.64 50.39
C TYR D 80 -10.84 -12.75 49.36
N MET D 81 -11.40 -13.91 49.70
CA MET D 81 -11.43 -15.06 48.82
C MET D 81 -12.79 -15.73 48.97
N GLU D 82 -13.57 -15.76 47.90
CA GLU D 82 -14.90 -16.33 47.90
C GLU D 82 -14.95 -17.51 46.94
N LEU D 83 -15.28 -18.68 47.46
CA LEU D 83 -15.44 -19.90 46.67
C LEU D 83 -16.91 -20.29 46.70
N SER D 84 -17.51 -20.41 45.51
CA SER D 84 -18.93 -20.73 45.40
C SER D 84 -19.11 -22.13 44.81
N SER D 85 -20.34 -22.63 44.94
CA SER D 85 -20.68 -23.98 44.50
C SER D 85 -19.77 -25.01 45.18
N LEU D 86 -19.78 -24.96 46.51
CA LEU D 86 -18.88 -25.77 47.31
C LEU D 86 -19.26 -27.25 47.25
N ARG D 87 -18.24 -28.10 47.33
CA ARG D 87 -18.40 -29.55 47.37
C ARG D 87 -17.72 -30.11 48.62
N SER D 88 -17.99 -31.38 48.92
CA SER D 88 -17.41 -32.00 50.10
C SER D 88 -15.90 -32.04 50.03
N GLU D 89 -15.33 -32.19 48.83
CA GLU D 89 -13.88 -32.21 48.68
C GLU D 89 -13.24 -30.86 48.99
N ASP D 90 -14.03 -29.78 49.04
CA ASP D 90 -13.49 -28.47 49.40
C ASP D 90 -13.26 -28.32 50.90
N THR D 91 -13.56 -29.34 51.70
CA THR D 91 -13.23 -29.29 53.12
C THR D 91 -11.73 -29.23 53.30
N ALA D 92 -11.24 -28.13 53.84
CA ALA D 92 -9.81 -27.89 53.98
C ALA D 92 -9.60 -26.69 54.90
N VAL D 93 -8.33 -26.41 55.18
CA VAL D 93 -7.92 -25.18 55.85
C VAL D 93 -7.39 -24.22 54.79
N TYR D 94 -8.00 -23.04 54.71
CA TYR D 94 -7.65 -22.05 53.70
C TYR D 94 -6.71 -21.02 54.29
N TYR D 95 -5.56 -20.83 53.65
CA TYR D 95 -4.51 -19.97 54.16
C TYR D 95 -4.35 -18.72 53.30
N CYS D 96 -3.87 -17.66 53.93
CA CYS D 96 -3.59 -16.40 53.27
C CYS D 96 -2.20 -15.92 53.69
N ALA D 97 -1.34 -15.64 52.71
CA ALA D 97 0.05 -15.28 52.98
C ALA D 97 0.51 -14.22 52.00
N ARG D 98 1.46 -13.40 52.45
CA ARG D 98 2.07 -12.38 51.59
C ARG D 98 3.21 -13.01 50.82
N ASP D 99 3.25 -12.75 49.51
CA ASP D 99 4.28 -13.30 48.65
C ASP D 99 5.28 -12.21 48.31
N ILE D 100 6.55 -12.52 48.50
CA ILE D 100 7.61 -11.66 48.00
C ILE D 100 7.71 -11.87 46.49
N LEU D 101 7.77 -10.77 45.75
CA LEU D 101 7.69 -10.78 44.30
C LEU D 101 9.06 -10.88 43.66
N HIS D 102 9.13 -11.66 42.59
CA HIS D 102 10.34 -11.77 41.76
C HIS D 102 10.09 -11.07 40.43
N HIS D 103 11.14 -10.43 39.90
CA HIS D 103 11.04 -9.74 38.62
C HIS D 103 11.87 -10.51 37.60
N ASP D 104 11.17 -11.23 36.70
CA ASP D 104 11.80 -11.87 35.55
C ASP D 104 11.81 -10.84 34.43
N ASP D 105 12.93 -10.12 34.29
CA ASP D 105 13.05 -9.08 33.28
C ASP D 105 13.25 -9.64 31.88
N LEU D 106 13.73 -10.87 31.76
CA LEU D 106 13.92 -11.48 30.44
C LEU D 106 12.61 -11.59 29.67
N TRP D 107 11.54 -12.00 30.35
CA TRP D 107 10.24 -12.16 29.72
C TRP D 107 9.22 -11.09 30.12
N GLY D 108 9.61 -10.14 30.94
CA GLY D 108 8.72 -9.05 31.34
C GLY D 108 7.50 -9.51 32.11
N ARG D 109 7.72 -10.32 33.15
CA ARG D 109 6.67 -10.90 33.96
C ARG D 109 6.92 -10.58 35.42
N PHE D 110 5.89 -10.77 36.24
CA PHE D 110 5.95 -10.48 37.67
C PHE D 110 5.13 -11.56 38.36
N TYR D 111 5.80 -12.54 38.95
CA TYR D 111 5.10 -13.62 39.62
C TYR D 111 5.60 -13.74 41.06
N TYR D 112 4.85 -14.54 41.83
CA TYR D 112 5.17 -14.75 43.24
C TYR D 112 6.38 -15.66 43.41
N ASP D 113 7.26 -15.29 44.34
CA ASP D 113 8.52 -16.00 44.58
C ASP D 113 8.65 -16.32 46.07
N GLY D 114 7.74 -17.14 46.55
CA GLY D 114 7.80 -17.47 47.97
C GLY D 114 6.91 -16.58 48.79
N MET D 115 6.34 -17.16 49.85
CA MET D 115 5.46 -16.43 50.76
C MET D 115 6.00 -16.59 52.18
N ASP D 116 6.56 -15.51 52.71
CA ASP D 116 7.22 -15.57 54.01
C ASP D 116 6.19 -15.52 55.15
N VAL D 117 5.46 -14.41 55.25
CA VAL D 117 4.48 -14.25 56.33
C VAL D 117 3.19 -14.97 55.96
N TRP D 118 2.70 -15.80 56.88
CA TRP D 118 1.50 -16.59 56.67
C TRP D 118 0.40 -16.14 57.63
N GLY D 119 -0.84 -16.38 57.23
CA GLY D 119 -1.96 -16.28 58.13
C GLY D 119 -2.09 -17.51 59.01
N GLN D 120 -3.06 -17.48 59.92
CA GLN D 120 -3.27 -18.60 60.81
C GLN D 120 -4.16 -19.68 60.22
N GLY D 121 -4.72 -19.43 59.02
CA GLY D 121 -5.54 -20.41 58.35
C GLY D 121 -6.99 -20.39 58.79
N THR D 122 -7.89 -20.77 57.90
CA THR D 122 -9.32 -20.81 58.20
C THR D 122 -9.85 -22.20 57.83
N THR D 123 -10.41 -22.89 58.81
CA THR D 123 -10.99 -24.21 58.59
C THR D 123 -12.36 -24.07 57.94
N VAL D 124 -12.56 -24.71 56.80
CA VAL D 124 -13.85 -24.71 56.12
C VAL D 124 -14.28 -26.15 55.92
N THR D 125 -15.47 -26.48 56.40
CA THR D 125 -16.04 -27.82 56.31
C THR D 125 -17.30 -27.76 55.46
N VAL D 126 -17.44 -28.71 54.53
CA VAL D 126 -18.61 -28.81 53.67
C VAL D 126 -19.20 -30.21 53.82
N SER D 127 -20.42 -30.27 54.34
CA SER D 127 -21.12 -31.53 54.57
C SER D 127 -22.61 -31.31 54.36
N SER D 128 -23.26 -32.31 53.78
CA SER D 128 -24.68 -32.18 53.48
C SER D 128 -25.54 -32.11 54.74
N ALA D 129 -25.15 -32.83 55.79
CA ALA D 129 -25.92 -32.86 57.03
C ALA D 129 -26.02 -31.48 57.67
N SER D 130 -26.97 -31.34 58.60
CA SER D 130 -27.26 -30.11 59.30
C SER D 130 -26.93 -30.26 60.79
N THR D 131 -27.30 -29.25 61.58
CA THR D 131 -26.91 -29.16 62.98
C THR D 131 -27.63 -30.22 63.83
N LYS D 132 -26.95 -30.66 64.88
CA LYS D 132 -27.51 -31.59 65.84
C LYS D 132 -26.64 -31.58 67.10
N GLY D 133 -27.30 -31.54 68.26
CA GLY D 133 -26.62 -31.62 69.53
C GLY D 133 -26.15 -33.04 69.82
N PRO D 134 -25.07 -33.16 70.60
CA PRO D 134 -24.50 -34.48 70.85
C PRO D 134 -25.24 -35.24 71.94
N SER D 135 -25.15 -36.57 71.87
CA SER D 135 -25.62 -37.47 72.91
C SER D 135 -24.43 -37.85 73.78
N VAL D 136 -24.42 -37.38 75.01
CA VAL D 136 -23.27 -37.56 75.92
C VAL D 136 -23.54 -38.76 76.82
N PHE D 137 -22.63 -39.73 76.82
CA PHE D 137 -22.73 -40.92 77.66
C PHE D 137 -21.50 -41.05 78.54
N PRO D 138 -21.65 -41.57 79.75
CA PRO D 138 -20.50 -41.72 80.64
C PRO D 138 -19.74 -43.01 80.36
N LEU D 139 -18.42 -42.92 80.46
CA LEU D 139 -17.52 -44.07 80.35
C LEU D 139 -17.07 -44.39 81.76
N ALA D 140 -17.77 -45.31 82.42
CA ALA D 140 -17.56 -45.56 83.83
C ALA D 140 -16.26 -46.34 84.06
N PRO D 141 -15.59 -46.11 85.18
CA PRO D 141 -14.40 -46.90 85.52
C PRO D 141 -14.78 -48.20 86.21
N SER D 142 -13.94 -49.22 85.97
CA SER D 142 -14.13 -50.53 86.56
C SER D 142 -12.76 -51.12 86.88
N SER D 143 -12.72 -52.42 87.17
CA SER D 143 -11.45 -53.10 87.38
C SER D 143 -10.68 -53.33 86.09
N LYS D 144 -11.33 -53.17 84.94
CA LYS D 144 -10.69 -53.40 83.65
C LYS D 144 -10.03 -52.16 83.07
N SER D 145 -10.43 -50.97 83.52
CA SER D 145 -9.74 -49.73 83.17
C SER D 145 -8.83 -49.23 84.28
N THR D 146 -8.54 -50.08 85.27
CA THR D 146 -7.68 -49.74 86.40
C THR D 146 -6.33 -50.42 86.22
N SER D 147 -5.26 -49.65 86.45
CA SER D 147 -3.90 -50.20 86.33
C SER D 147 -3.03 -49.50 87.37
N GLY D 148 -2.54 -50.28 88.34
CA GLY D 148 -1.64 -49.75 89.35
C GLY D 148 -2.24 -48.73 90.29
N GLY D 149 -3.51 -48.93 90.67
CA GLY D 149 -4.17 -48.02 91.58
C GLY D 149 -4.70 -46.75 90.95
N THR D 150 -4.59 -46.58 89.64
CA THR D 150 -5.11 -45.42 88.93
C THR D 150 -6.22 -45.86 87.98
N ALA D 151 -7.29 -45.07 87.93
CA ALA D 151 -8.47 -45.40 87.15
C ALA D 151 -8.65 -44.42 86.01
N ALA D 152 -9.20 -44.93 84.91
CA ALA D 152 -9.47 -44.14 83.71
C ALA D 152 -10.98 -44.10 83.47
N LEU D 153 -11.55 -42.90 83.52
CA LEU D 153 -12.96 -42.69 83.28
C LEU D 153 -13.13 -41.54 82.29
N GLY D 154 -14.22 -41.59 81.52
CA GLY D 154 -14.38 -40.59 80.49
C GLY D 154 -15.82 -40.38 80.10
N CYS D 155 -16.00 -39.68 78.98
CA CYS D 155 -17.30 -39.33 78.45
C CYS D 155 -17.28 -39.53 76.93
N LEU D 156 -18.36 -40.10 76.40
CA LEU D 156 -18.51 -40.28 74.96
C LEU D 156 -19.45 -39.20 74.42
N VAL D 157 -18.93 -38.34 73.55
CA VAL D 157 -19.71 -37.28 72.91
C VAL D 157 -20.01 -37.76 71.49
N LYS D 158 -21.19 -38.34 71.30
CA LYS D 158 -21.51 -39.06 70.07
C LYS D 158 -22.55 -38.30 69.25
N ASP D 159 -22.40 -38.36 67.93
CA ASP D 159 -23.40 -37.88 66.97
C ASP D 159 -23.72 -36.40 67.15
N TYR D 160 -22.81 -35.53 66.72
CA TYR D 160 -23.05 -34.08 66.71
C TYR D 160 -22.53 -33.50 65.40
N PHE D 161 -23.00 -32.30 65.09
CA PHE D 161 -22.56 -31.59 63.89
C PHE D 161 -22.97 -30.13 64.04
N PRO D 162 -22.09 -29.18 63.69
CA PRO D 162 -20.74 -29.43 63.23
C PRO D 162 -19.70 -29.19 64.32
N GLU D 163 -18.43 -29.25 63.94
CA GLU D 163 -17.36 -28.87 64.82
C GLU D 163 -17.50 -27.40 65.23
N PRO D 164 -16.95 -27.00 66.38
CA PRO D 164 -16.23 -27.82 67.36
C PRO D 164 -17.06 -28.14 68.61
N VAL D 165 -16.53 -29.04 69.44
CA VAL D 165 -17.08 -29.35 70.75
C VAL D 165 -15.95 -29.25 71.77
N THR D 166 -16.18 -28.51 72.84
CA THR D 166 -15.21 -28.35 73.91
C THR D 166 -15.67 -29.14 75.14
N VAL D 167 -14.72 -29.84 75.77
CA VAL D 167 -15.02 -30.68 76.93
C VAL D 167 -14.10 -30.27 78.07
N SER D 168 -14.68 -30.09 79.25
CA SER D 168 -13.94 -29.88 80.49
C SER D 168 -14.46 -30.82 81.55
N TRP D 169 -13.74 -30.92 82.66
CA TRP D 169 -14.09 -31.82 83.75
C TRP D 169 -14.18 -31.06 85.05
N ASN D 170 -15.29 -31.24 85.76
CA ASN D 170 -15.54 -30.59 87.05
C ASN D 170 -15.45 -29.07 86.94
N SER D 171 -16.03 -28.53 85.85
CA SER D 171 -16.06 -27.09 85.59
C SER D 171 -14.66 -26.48 85.56
N GLY D 172 -13.67 -27.25 85.08
CA GLY D 172 -12.31 -26.76 84.96
C GLY D 172 -11.42 -27.04 86.15
N ALA D 173 -11.98 -27.49 87.28
CA ALA D 173 -11.18 -27.76 88.47
C ALA D 173 -10.22 -28.93 88.30
N LEU D 174 -10.51 -29.84 87.37
CA LEU D 174 -9.66 -30.99 87.09
C LEU D 174 -9.07 -30.82 85.70
N THR D 175 -7.75 -30.74 85.62
CA THR D 175 -7.05 -30.56 84.35
C THR D 175 -5.99 -31.62 84.09
N SER D 176 -5.26 -32.04 85.11
CA SER D 176 -4.20 -33.04 84.91
C SER D 176 -4.81 -34.41 84.68
N GLY D 177 -4.18 -35.18 83.79
CA GLY D 177 -4.66 -36.48 83.40
C GLY D 177 -5.74 -36.48 82.34
N VAL D 178 -6.28 -35.32 81.98
CA VAL D 178 -7.36 -35.23 81.01
C VAL D 178 -6.76 -35.36 79.60
N HIS D 179 -7.43 -36.12 78.75
CA HIS D 179 -7.02 -36.30 77.36
C HIS D 179 -8.26 -36.28 76.48
N THR D 180 -8.52 -35.12 75.85
CA THR D 180 -9.65 -34.98 74.94
C THR D 180 -9.19 -35.33 73.53
N PHE D 181 -9.85 -36.36 72.91
CA PHE D 181 -9.42 -36.86 71.61
C PHE D 181 -10.13 -36.13 70.47
N PRO D 182 -9.43 -35.93 69.36
CA PRO D 182 -10.07 -35.33 68.19
C PRO D 182 -11.25 -36.18 67.72
N ALA D 183 -12.27 -35.50 67.20
CA ALA D 183 -13.49 -36.18 66.80
C ALA D 183 -13.29 -36.96 65.51
N VAL D 184 -14.08 -38.03 65.37
CA VAL D 184 -14.11 -38.84 64.15
C VAL D 184 -15.30 -38.39 63.31
N LEU D 185 -15.12 -38.40 61.99
CA LEU D 185 -16.18 -38.04 61.06
C LEU D 185 -16.79 -39.34 60.55
N GLN D 186 -17.97 -39.67 61.06
CA GLN D 186 -18.65 -40.89 60.66
C GLN D 186 -19.17 -40.77 59.24
N SER D 187 -19.49 -41.92 58.64
CA SER D 187 -20.04 -41.93 57.29
C SER D 187 -21.38 -41.22 57.22
N SER D 188 -22.06 -41.07 58.36
CA SER D 188 -23.33 -40.35 58.39
C SER D 188 -23.17 -38.85 58.29
N GLY D 189 -21.93 -38.34 58.34
CA GLY D 189 -21.69 -36.92 58.34
C GLY D 189 -21.62 -36.28 59.70
N LEU D 190 -21.94 -37.02 60.76
CA LEU D 190 -21.89 -36.51 62.12
C LEU D 190 -20.53 -36.81 62.76
N TYR D 191 -20.18 -36.00 63.75
CA TYR D 191 -18.92 -36.14 64.46
C TYR D 191 -19.14 -36.85 65.80
N SER D 192 -18.06 -37.43 66.31
CA SER D 192 -18.08 -38.07 67.62
C SER D 192 -16.66 -38.07 68.18
N LEU D 193 -16.52 -37.65 69.44
CA LEU D 193 -15.23 -37.62 70.12
C LEU D 193 -15.35 -38.26 71.49
N SER D 194 -14.22 -38.36 72.17
CA SER D 194 -14.19 -38.87 73.53
C SER D 194 -13.16 -38.09 74.33
N SER D 195 -13.42 -37.97 75.64
CA SER D 195 -12.52 -37.27 76.55
C SER D 195 -12.41 -38.10 77.82
N VAL D 196 -11.19 -38.48 78.17
CA VAL D 196 -10.93 -39.37 79.30
C VAL D 196 -10.00 -38.67 80.27
N VAL D 197 -10.06 -39.07 81.54
CA VAL D 197 -9.18 -38.56 82.58
C VAL D 197 -8.75 -39.70 83.48
N THR D 198 -7.47 -39.73 83.83
CA THR D 198 -6.92 -40.73 84.73
C THR D 198 -6.82 -40.14 86.14
N VAL D 199 -7.42 -40.81 87.11
CA VAL D 199 -7.45 -40.33 88.49
C VAL D 199 -7.06 -41.49 89.40
N PRO D 200 -6.65 -41.19 90.63
CA PRO D 200 -6.41 -42.28 91.59
C PRO D 200 -7.68 -43.06 91.85
N SER D 201 -7.57 -44.39 91.86
CA SER D 201 -8.72 -45.25 92.12
C SER D 201 -9.30 -44.99 93.51
N SER D 202 -8.50 -44.45 94.42
CA SER D 202 -8.96 -44.15 95.77
C SER D 202 -9.94 -42.99 95.82
N SER D 203 -10.00 -42.17 94.77
CA SER D 203 -10.84 -40.98 94.77
C SER D 203 -12.21 -41.23 94.16
N LEU D 204 -12.54 -42.49 93.82
CA LEU D 204 -13.82 -42.77 93.21
C LEU D 204 -14.97 -42.58 94.21
N GLY D 205 -14.75 -42.97 95.46
CA GLY D 205 -15.74 -42.80 96.50
C GLY D 205 -15.67 -41.48 97.25
N THR D 206 -14.76 -40.58 96.87
CA THR D 206 -14.60 -39.30 97.54
C THR D 206 -14.80 -38.10 96.63
N GLN D 207 -14.53 -38.23 95.34
CA GLN D 207 -14.64 -37.14 94.39
C GLN D 207 -15.63 -37.51 93.28
N THR D 208 -16.51 -36.56 92.96
CA THR D 208 -17.44 -36.72 91.87
C THR D 208 -16.86 -36.13 90.59
N TYR D 209 -16.99 -36.87 89.49
CA TYR D 209 -16.40 -36.48 88.22
C TYR D 209 -17.50 -36.19 87.21
N ILE D 210 -17.53 -34.96 86.70
CA ILE D 210 -18.53 -34.51 85.74
C ILE D 210 -17.80 -33.89 84.56
N CYS D 211 -18.10 -34.39 83.35
CA CYS D 211 -17.55 -33.81 82.14
C CYS D 211 -18.51 -32.76 81.60
N ASN D 212 -17.96 -31.61 81.20
CA ASN D 212 -18.76 -30.49 80.72
C ASN D 212 -18.60 -30.40 79.21
N VAL D 213 -19.59 -30.90 78.48
CA VAL D 213 -19.59 -30.88 77.02
C VAL D 213 -20.31 -29.63 76.55
N ASN D 214 -19.66 -28.88 75.66
CA ASN D 214 -20.22 -27.65 75.12
C ASN D 214 -20.20 -27.72 73.59
N HIS D 215 -21.38 -27.72 72.98
CA HIS D 215 -21.54 -27.67 71.53
C HIS D 215 -22.26 -26.36 71.21
N LYS D 216 -21.48 -25.29 71.04
CA LYS D 216 -22.07 -23.98 70.77
C LYS D 216 -22.92 -23.92 69.50
N PRO D 217 -22.58 -24.59 68.40
CA PRO D 217 -23.45 -24.54 67.22
C PRO D 217 -24.90 -24.94 67.49
N SER D 218 -25.16 -25.85 68.43
CA SER D 218 -26.52 -26.25 68.77
C SER D 218 -27.04 -25.62 70.06
N ASN D 219 -26.25 -24.75 70.69
CA ASN D 219 -26.64 -24.09 71.95
C ASN D 219 -27.00 -25.12 73.02
N THR D 220 -26.17 -26.16 73.14
CA THR D 220 -26.41 -27.27 74.05
C THR D 220 -25.22 -27.44 74.98
N LYS D 221 -25.48 -27.41 76.28
CA LYS D 221 -24.49 -27.78 77.29
C LYS D 221 -24.96 -29.02 78.03
N VAL D 222 -24.07 -29.99 78.19
CA VAL D 222 -24.38 -31.24 78.88
C VAL D 222 -23.31 -31.47 79.94
N ASP D 223 -23.74 -31.62 81.19
CA ASP D 223 -22.88 -31.95 82.32
C ASP D 223 -23.21 -33.38 82.73
N LYS D 224 -22.27 -34.29 82.48
CA LYS D 224 -22.51 -35.73 82.64
C LYS D 224 -21.71 -36.25 83.83
N ARG D 225 -22.41 -36.73 84.85
CA ARG D 225 -21.77 -37.36 85.99
C ARG D 225 -21.33 -38.77 85.60
N VAL D 226 -20.10 -39.11 85.99
CA VAL D 226 -19.50 -40.41 85.70
C VAL D 226 -19.23 -41.10 87.02
N GLU D 227 -19.98 -42.16 87.32
CA GLU D 227 -19.87 -42.92 88.55
C GLU D 227 -19.46 -44.36 88.26
N PRO D 228 -18.81 -45.04 89.22
CA PRO D 228 -18.48 -46.46 89.07
C PRO D 228 -19.72 -47.34 88.95
N SER E 2 -0.33 -33.40 37.61
CA SER E 2 0.66 -32.42 38.07
C SER E 2 2.06 -32.82 37.66
N VAL E 3 2.96 -31.85 37.67
CA VAL E 3 4.27 -31.99 37.06
C VAL E 3 5.37 -32.13 38.11
N VAL E 4 5.35 -31.28 39.13
CA VAL E 4 6.35 -31.34 40.19
C VAL E 4 6.22 -32.66 40.97
N THR E 5 7.37 -33.25 41.31
CA THR E 5 7.40 -34.53 42.00
C THR E 5 8.43 -34.47 43.11
N GLN E 6 8.07 -35.03 44.26
CA GLN E 6 8.98 -35.23 45.37
C GLN E 6 8.91 -36.67 45.86
N PRO E 7 10.01 -37.21 46.36
CA PRO E 7 9.94 -38.50 47.04
C PRO E 7 9.02 -38.40 48.25
N PRO E 8 8.32 -39.47 48.57
CA PRO E 8 7.33 -39.42 49.66
C PRO E 8 7.96 -39.24 51.04
N SER E 9 8.98 -40.06 51.34
CA SER E 9 9.63 -40.05 52.64
CA SER E 9 9.63 -40.05 52.64
C SER E 9 11.14 -39.88 52.47
N ALA E 10 11.80 -39.59 53.58
CA ALA E 10 13.24 -39.39 53.61
C ALA E 10 13.74 -39.64 55.02
N SER E 11 14.91 -40.26 55.13
CA SER E 11 15.53 -40.56 56.41
C SER E 11 16.94 -39.99 56.44
N GLY E 12 17.40 -39.64 57.64
CA GLY E 12 18.75 -39.10 57.80
C GLY E 12 19.26 -39.21 59.21
N THR E 13 20.51 -39.63 59.37
CA THR E 13 21.10 -39.75 60.70
C THR E 13 21.35 -38.36 61.28
N PRO E 14 21.15 -38.17 62.59
CA PRO E 14 21.36 -36.85 63.19
C PRO E 14 22.79 -36.39 63.03
N GLY E 15 22.96 -35.09 62.77
CA GLY E 15 24.27 -34.49 62.56
C GLY E 15 24.82 -34.61 61.16
N GLN E 16 24.16 -35.36 60.28
CA GLN E 16 24.65 -35.61 58.93
C GLN E 16 23.83 -34.81 57.92
N ARG E 17 23.96 -35.15 56.64
CA ARG E 17 23.39 -34.39 55.54
C ARG E 17 22.32 -35.20 54.81
N VAL E 18 21.31 -34.49 54.29
CA VAL E 18 20.20 -35.11 53.55
C VAL E 18 19.96 -34.28 52.29
N THR E 19 19.41 -34.94 51.26
CA THR E 19 19.03 -34.28 50.01
C THR E 19 17.61 -34.68 49.64
N ILE E 20 16.74 -33.69 49.48
CA ILE E 20 15.36 -33.87 49.01
C ILE E 20 15.28 -33.36 47.58
N SER E 21 14.83 -34.21 46.68
CA SER E 21 14.79 -33.92 45.25
C SER E 21 13.42 -33.42 44.82
N CYS E 22 13.43 -32.55 43.82
CA CYS E 22 12.20 -31.96 43.28
C CYS E 22 12.33 -31.97 41.77
N SER E 23 11.44 -32.71 41.09
CA SER E 23 11.53 -32.92 39.65
C SER E 23 10.42 -32.17 38.94
N GLY E 24 10.78 -31.38 37.92
CA GLY E 24 9.83 -30.58 37.18
C GLY E 24 9.95 -30.63 35.67
N SER E 25 9.45 -29.60 34.98
CA SER E 25 9.43 -29.57 33.52
C SER E 25 9.86 -28.19 33.05
N SER E 26 9.63 -27.92 31.76
CA SER E 26 9.90 -26.59 31.24
C SER E 26 8.83 -25.58 31.64
N SER E 27 7.64 -26.05 31.99
CA SER E 27 6.52 -25.15 32.27
C SER E 27 6.59 -24.54 33.65
N ASP E 28 7.40 -25.10 34.55
CA ASP E 28 7.60 -24.55 35.89
C ASP E 28 9.05 -24.14 36.11
N ILE E 29 9.97 -25.09 36.25
CA ILE E 29 11.37 -24.74 36.48
C ILE E 29 12.05 -24.30 35.20
N GLY E 30 11.41 -24.50 34.04
CA GLY E 30 12.02 -24.09 32.79
C GLY E 30 12.27 -22.61 32.73
N SER E 31 11.41 -21.81 33.34
CA SER E 31 11.58 -20.36 33.25
C SER E 31 11.17 -19.64 34.52
N ASN E 32 11.07 -20.35 35.63
CA ASN E 32 10.62 -19.73 36.87
C ASN E 32 11.39 -20.28 38.05
N THR E 33 11.49 -19.47 39.09
CA THR E 33 12.24 -19.84 40.27
C THR E 33 11.45 -20.86 41.08
N VAL E 34 12.17 -21.55 41.96
CA VAL E 34 11.61 -22.60 42.81
C VAL E 34 11.93 -22.26 44.26
N ASN E 35 10.96 -22.48 45.14
CA ASN E 35 11.12 -22.21 46.57
C ASN E 35 10.75 -23.45 47.39
N TRP E 36 11.07 -23.40 48.68
CA TRP E 36 10.87 -24.54 49.57
C TRP E 36 10.15 -24.09 50.84
N TYR E 37 9.25 -24.94 51.34
CA TYR E 37 8.48 -24.65 52.53
C TYR E 37 8.55 -25.81 53.51
N GLN E 38 8.63 -25.47 54.80
CA GLN E 38 8.69 -26.44 55.89
C GLN E 38 7.42 -26.31 56.71
N GLN E 39 6.76 -27.43 56.96
CA GLN E 39 5.52 -27.47 57.72
C GLN E 39 5.63 -28.52 58.81
N LEU E 40 5.47 -28.10 60.06
CA LEU E 40 5.40 -29.08 61.14
C LEU E 40 3.96 -29.59 61.27
N PRO E 41 3.78 -30.84 61.64
CA PRO E 41 2.42 -31.37 61.74
C PRO E 41 1.60 -30.58 62.75
N GLY E 42 0.43 -30.13 62.30
CA GLY E 42 -0.47 -29.33 63.12
C GLY E 42 -0.33 -27.83 62.94
N THR E 43 0.89 -27.35 62.65
CA THR E 43 1.14 -25.93 62.50
C THR E 43 0.95 -25.51 61.04
N ALA E 44 1.36 -24.29 60.70
CA ALA E 44 1.25 -23.72 59.38
C ALA E 44 2.60 -23.70 58.69
N PRO E 45 2.64 -23.82 57.36
CA PRO E 45 3.93 -23.84 56.67
C PRO E 45 4.68 -22.52 56.85
N LYS E 46 6.00 -22.61 56.75
CA LYS E 46 6.86 -21.43 56.81
C LYS E 46 7.87 -21.49 55.68
N LEU E 47 8.28 -20.31 55.23
CA LEU E 47 9.19 -20.20 54.11
C LEU E 47 10.60 -20.60 54.52
N LEU E 48 11.22 -21.44 53.69
CA LEU E 48 12.57 -21.95 53.91
C LEU E 48 13.57 -21.43 52.89
N ILE E 49 13.21 -21.46 51.61
CA ILE E 49 14.08 -21.03 50.50
C ILE E 49 13.19 -20.31 49.51
N TYR E 50 13.73 -19.26 48.83
CA TYR E 50 12.75 -18.61 47.96
C TYR E 50 13.21 -18.37 46.52
N THR E 51 14.45 -17.94 46.29
CA THR E 51 14.95 -17.78 44.92
C THR E 51 15.98 -18.89 44.69
N ASN E 52 15.49 -20.10 44.45
CA ASN E 52 16.33 -21.29 44.27
C ASN E 52 17.18 -21.63 45.49
N ASN E 53 17.80 -20.62 46.12
CA ASN E 53 18.66 -20.88 47.27
C ASN E 53 18.88 -19.64 48.12
N GLN E 54 17.87 -18.79 48.26
CA GLN E 54 17.94 -17.68 49.20
C GLN E 54 17.21 -18.05 50.49
N ARG E 55 17.76 -17.63 51.64
CA ARG E 55 17.22 -18.00 52.94
C ARG E 55 16.58 -16.81 53.64
N PRO E 56 15.35 -16.93 54.14
CA PRO E 56 14.72 -15.83 54.88
C PRO E 56 15.39 -15.61 56.23
N SER E 57 14.99 -14.52 56.87
CA SER E 57 15.48 -14.28 58.22
C SER E 57 14.89 -15.33 59.16
N GLY E 58 15.75 -15.99 59.93
CA GLY E 58 15.32 -17.04 60.82
C GLY E 58 15.51 -18.46 60.33
N VAL E 59 16.05 -18.66 59.12
CA VAL E 59 16.36 -19.98 58.61
C VAL E 59 17.88 -20.13 58.60
N PRO E 60 18.42 -21.08 59.36
CA PRO E 60 19.88 -21.21 59.45
C PRO E 60 20.50 -21.76 58.17
N ASP E 61 21.82 -21.58 58.07
CA ASP E 61 22.60 -22.01 56.92
C ASP E 61 22.68 -23.52 56.80
N ARG E 62 22.09 -24.27 57.73
CA ARG E 62 22.03 -25.71 57.55
C ARG E 62 21.20 -26.06 56.31
N PHE E 63 20.28 -25.19 55.92
CA PHE E 63 19.42 -25.43 54.77
C PHE E 63 20.00 -24.73 53.54
N SER E 64 20.12 -25.47 52.45
CA SER E 64 20.68 -24.94 51.23
C SER E 64 19.89 -25.48 50.05
N GLY E 65 19.50 -24.58 49.15
CA GLY E 65 18.79 -24.95 47.95
C GLY E 65 19.70 -24.95 46.74
N SER E 66 19.19 -25.56 45.67
CA SER E 66 19.89 -25.62 44.40
C SER E 66 18.89 -25.95 43.31
N LYS E 67 19.17 -25.46 42.11
CA LYS E 67 18.29 -25.67 40.96
C LYS E 67 19.17 -25.94 39.76
N SER E 68 18.89 -27.03 39.05
CA SER E 68 19.62 -27.39 37.85
C SER E 68 18.64 -27.87 36.79
N GLY E 69 18.43 -27.06 35.77
CA GLY E 69 17.52 -27.43 34.69
C GLY E 69 16.09 -27.62 35.17
N THR E 70 15.56 -28.82 34.96
CA THR E 70 14.17 -29.14 35.32
C THR E 70 14.05 -29.82 36.66
N SER E 71 15.11 -29.85 37.45
CA SER E 71 15.13 -30.49 38.76
C SER E 71 15.66 -29.53 39.80
N ALA E 72 15.20 -29.70 41.04
CA ALA E 72 15.65 -28.91 42.16
C ALA E 72 15.97 -29.82 43.33
N SER E 73 16.69 -29.27 44.30
CA SER E 73 17.12 -30.06 45.44
C SER E 73 17.27 -29.18 46.67
N LEU E 74 16.89 -29.72 47.82
CA LEU E 74 17.08 -29.08 49.11
C LEU E 74 18.01 -29.94 49.96
N ALA E 75 19.00 -29.32 50.57
CA ALA E 75 19.99 -30.01 51.38
C ALA E 75 19.91 -29.51 52.82
N ILE E 76 19.93 -30.45 53.77
CA ILE E 76 19.88 -30.16 55.19
C ILE E 76 21.12 -30.79 55.81
N THR E 77 22.05 -29.96 56.26
CA THR E 77 23.22 -30.44 56.97
C THR E 77 23.00 -30.37 58.48
N GLY E 78 23.68 -31.26 59.20
CA GLY E 78 23.58 -31.35 60.64
C GLY E 78 22.16 -31.52 61.14
N LEU E 79 21.56 -32.67 60.83
CA LEU E 79 20.15 -32.90 61.13
C LEU E 79 19.89 -32.78 62.62
N GLN E 80 18.82 -32.06 62.97
CA GLN E 80 18.37 -31.92 64.35
C GLN E 80 16.95 -32.46 64.48
N SER E 81 16.52 -32.67 65.73
CA SER E 81 15.21 -33.28 65.96
C SER E 81 14.09 -32.41 65.39
N GLU E 82 14.18 -31.10 65.57
CA GLU E 82 13.12 -30.22 65.08
C GLU E 82 13.03 -30.16 63.57
N ASP E 83 13.95 -30.79 62.84
CA ASP E 83 13.85 -30.79 61.39
C ASP E 83 12.91 -31.86 60.86
N GLU E 84 12.37 -32.73 61.73
CA GLU E 84 11.40 -33.74 61.30
C GLU E 84 10.07 -33.07 60.98
N ALA E 85 9.72 -33.02 59.70
CA ALA E 85 8.52 -32.29 59.27
C ALA E 85 8.21 -32.65 57.82
N ASP E 86 7.25 -31.93 57.23
CA ASP E 86 6.92 -31.99 55.81
C ASP E 86 7.63 -30.89 55.05
N TYR E 87 8.19 -31.22 53.88
CA TYR E 87 8.92 -30.28 53.04
C TYR E 87 8.31 -30.26 51.64
N PHE E 88 7.86 -29.07 51.22
CA PHE E 88 7.27 -28.87 49.91
C PHE E 88 8.13 -27.93 49.07
N CYS E 89 8.32 -28.27 47.81
CA CYS E 89 8.87 -27.37 46.81
C CYS E 89 7.73 -26.82 45.94
N ALA E 90 7.93 -25.62 45.41
CA ALA E 90 6.91 -24.98 44.59
C ALA E 90 7.56 -23.99 43.64
N ALA E 91 7.00 -23.88 42.44
CA ALA E 91 7.47 -22.97 41.41
C ALA E 91 6.28 -22.40 40.66
N TRP E 92 6.47 -21.22 40.08
CA TRP E 92 5.40 -20.54 39.35
C TRP E 92 5.33 -21.13 37.96
N ASP E 93 4.49 -22.16 37.80
CA ASP E 93 4.28 -22.72 36.47
C ASP E 93 3.42 -21.75 35.68
N GLU E 94 3.74 -21.60 34.39
CA GLU E 94 3.01 -20.66 33.56
C GLU E 94 1.91 -21.28 32.72
N SER E 95 2.07 -22.55 32.31
CA SER E 95 1.04 -23.21 31.52
C SER E 95 -0.33 -23.11 32.20
N LEU E 96 -0.37 -23.36 33.50
CA LEU E 96 -1.60 -23.24 34.26
C LEU E 96 -1.80 -21.85 34.86
N ASN E 97 -0.85 -20.94 34.69
CA ASN E 97 -0.94 -19.58 35.24
C ASN E 97 -1.20 -19.63 36.75
N GLY E 98 -0.19 -20.13 37.47
CA GLY E 98 -0.30 -20.22 38.91
C GLY E 98 0.77 -21.05 39.59
N ARG E 99 0.96 -20.82 40.88
CA ARG E 99 1.92 -21.60 41.64
C ARG E 99 1.47 -23.04 41.74
N VAL E 100 2.43 -23.96 41.70
CA VAL E 100 2.15 -25.38 41.87
C VAL E 100 3.04 -25.90 43.00
N PHE E 101 2.43 -26.58 43.96
CA PHE E 101 3.16 -27.17 45.07
C PHE E 101 3.49 -28.61 44.77
N GLY E 102 4.63 -29.06 45.31
CA GLY E 102 5.00 -30.45 45.21
C GLY E 102 4.09 -31.35 46.02
N GLY E 103 4.27 -32.65 45.83
CA GLY E 103 3.53 -33.60 46.63
C GLY E 103 3.93 -33.59 48.09
N GLY E 104 5.12 -33.12 48.41
CA GLY E 104 5.60 -33.10 49.78
C GLY E 104 6.53 -34.26 50.09
N THR E 105 7.40 -34.05 51.07
CA THR E 105 8.33 -35.08 51.52
C THR E 105 8.36 -35.08 53.05
N LYS E 106 7.91 -36.18 53.65
CA LYS E 106 8.00 -36.35 55.10
C LYS E 106 9.41 -36.77 55.47
N LEU E 107 10.00 -36.07 56.43
CA LEU E 107 11.34 -36.35 56.91
C LEU E 107 11.28 -36.99 58.30
N THR E 108 12.07 -38.05 58.49
CA THR E 108 12.12 -38.77 59.77
C THR E 108 13.57 -38.79 60.26
N VAL E 109 13.79 -38.24 61.46
CA VAL E 109 15.08 -38.28 62.14
C VAL E 109 15.12 -39.53 63.00
N LEU E 110 16.18 -40.32 62.87
CA LEU E 110 16.19 -41.67 63.44
C LEU E 110 16.15 -41.70 64.97
N GLY E 111 16.69 -40.71 65.63
CA GLY E 111 16.94 -40.91 67.05
C GLY E 111 15.91 -41.22 68.11
N GLN E 112 14.66 -41.32 67.70
CA GLN E 112 13.58 -41.53 68.61
C GLN E 112 13.45 -43.01 68.99
N PRO E 113 12.78 -43.31 70.11
CA PRO E 113 12.71 -44.73 70.54
C PRO E 113 11.53 -45.48 69.95
N LYS E 114 10.85 -46.25 70.80
CA LYS E 114 9.74 -47.09 70.37
C LYS E 114 8.59 -47.03 71.39
N ALA E 115 7.99 -45.84 71.55
CA ALA E 115 6.94 -45.68 72.54
C ALA E 115 5.73 -46.55 72.17
N ASN E 116 5.40 -47.50 73.04
CA ASN E 116 4.28 -48.39 72.79
C ASN E 116 2.95 -47.70 73.13
N PRO E 117 1.89 -48.01 72.40
CA PRO E 117 0.61 -47.33 72.61
C PRO E 117 -0.08 -47.83 73.87
N THR E 118 -0.68 -46.87 74.59
CA THR E 118 -1.53 -47.18 75.75
C THR E 118 -2.96 -47.30 75.28
N VAL E 119 -3.57 -48.45 75.52
CA VAL E 119 -4.89 -48.78 74.99
C VAL E 119 -5.86 -48.96 76.15
N THR E 120 -6.99 -48.26 76.07
CA THR E 120 -8.09 -48.43 77.03
C THR E 120 -9.37 -48.63 76.24
N LEU E 121 -10.11 -49.69 76.58
CA LEU E 121 -11.33 -50.07 75.87
C LEU E 121 -12.52 -49.92 76.81
N PHE E 122 -13.53 -49.19 76.37
CA PHE E 122 -14.74 -48.99 77.17
C PHE E 122 -15.92 -49.72 76.56
N PRO E 123 -16.69 -50.46 77.34
CA PRO E 123 -17.90 -51.09 76.82
C PRO E 123 -19.02 -50.07 76.67
N PRO E 124 -20.10 -50.41 75.98
CA PRO E 124 -21.24 -49.48 75.89
C PRO E 124 -21.85 -49.24 77.25
N SER E 125 -22.09 -47.97 77.56
CA SER E 125 -22.70 -47.63 78.83
C SER E 125 -24.15 -48.10 78.88
N SER E 126 -24.62 -48.41 80.08
CA SER E 126 -26.01 -48.82 80.25
C SER E 126 -26.97 -47.73 79.80
N GLU E 127 -26.55 -46.46 79.89
CA GLU E 127 -27.41 -45.38 79.46
C GLU E 127 -27.59 -45.37 77.94
N GLU E 128 -26.53 -45.68 77.19
CA GLU E 128 -26.65 -45.75 75.74
C GLU E 128 -27.43 -46.98 75.30
N LEU E 129 -27.26 -48.11 76.00
CA LEU E 129 -28.03 -49.30 75.67
C LEU E 129 -29.51 -49.08 75.94
N GLN E 130 -29.84 -48.31 76.98
CA GLN E 130 -31.23 -47.95 77.22
C GLN E 130 -31.80 -47.07 76.12
N ALA E 131 -30.94 -46.39 75.36
CA ALA E 131 -31.37 -45.62 74.19
C ALA E 131 -31.34 -46.44 72.92
N ASN E 132 -31.23 -47.76 73.03
CA ASN E 132 -31.23 -48.68 71.89
C ASN E 132 -30.06 -48.40 70.95
N LYS E 133 -28.89 -48.15 71.53
CA LYS E 133 -27.66 -47.96 70.78
C LYS E 133 -26.52 -48.59 71.55
N ALA E 134 -25.40 -48.83 70.86
CA ALA E 134 -24.22 -49.41 71.47
C ALA E 134 -22.99 -48.95 70.70
N THR E 135 -22.01 -48.40 71.40
CA THR E 135 -20.78 -47.91 70.80
C THR E 135 -19.60 -48.32 71.67
N LEU E 136 -18.66 -49.06 71.08
CA LEU E 136 -17.43 -49.43 71.75
C LEU E 136 -16.37 -48.40 71.43
N VAL E 137 -15.72 -47.87 72.47
CA VAL E 137 -14.74 -46.81 72.34
C VAL E 137 -13.38 -47.39 72.72
N CYS E 138 -12.43 -47.30 71.79
CA CYS E 138 -11.06 -47.76 72.00
C CYS E 138 -10.13 -46.56 71.83
N LEU E 139 -9.48 -46.15 72.91
CA LEU E 139 -8.66 -44.95 72.92
C LEU E 139 -7.18 -45.34 72.93
N ILE E 140 -6.40 -44.74 72.04
CA ILE E 140 -5.00 -45.06 71.83
C ILE E 140 -4.18 -43.79 72.03
N SER E 141 -3.18 -43.84 72.92
CA SER E 141 -2.40 -42.66 73.23
C SER E 141 -0.95 -43.06 73.53
N ASP E 142 -0.08 -42.06 73.51
CA ASP E 142 1.32 -42.20 73.92
C ASP E 142 2.08 -43.19 73.05
N PHE E 143 1.87 -43.11 71.73
CA PHE E 143 2.60 -43.95 70.79
C PHE E 143 3.41 -43.09 69.84
N TYR E 144 4.64 -43.51 69.59
CA TYR E 144 5.53 -42.85 68.65
C TYR E 144 6.31 -43.95 67.93
N PRO E 145 6.42 -43.90 66.60
CA PRO E 145 5.91 -42.82 65.74
C PRO E 145 4.41 -42.94 65.44
N GLY E 146 3.80 -41.82 65.06
CA GLY E 146 2.36 -41.76 64.86
C GLY E 146 1.84 -42.56 63.68
N ALA E 147 1.79 -43.87 63.81
CA ALA E 147 1.27 -44.73 62.76
C ALA E 147 0.83 -46.05 63.39
N VAL E 148 -0.49 -46.29 63.40
CA VAL E 148 -1.06 -47.50 64.00
C VAL E 148 -2.16 -48.03 63.09
N THR E 149 -2.49 -49.30 63.28
CA THR E 149 -3.59 -49.96 62.59
C THR E 149 -4.47 -50.64 63.62
N VAL E 150 -5.78 -50.45 63.49
CA VAL E 150 -6.75 -50.94 64.47
C VAL E 150 -7.61 -52.02 63.83
N ALA E 151 -7.87 -53.08 64.59
CA ALA E 151 -8.73 -54.18 64.17
C ALA E 151 -9.63 -54.60 65.32
N TRP E 152 -10.90 -54.87 65.01
CA TRP E 152 -11.89 -55.29 65.98
C TRP E 152 -12.27 -56.74 65.74
N LYS E 153 -12.62 -57.44 66.83
CA LYS E 153 -12.95 -58.85 66.78
C LYS E 153 -14.22 -59.12 67.58
N ALA E 154 -15.16 -59.84 66.98
CA ALA E 154 -16.39 -60.25 67.64
C ALA E 154 -16.23 -61.69 68.08
N ASP E 155 -16.29 -61.92 69.40
CA ASP E 155 -16.02 -63.22 70.00
C ASP E 155 -14.67 -63.75 69.52
N SER E 156 -14.68 -64.66 68.56
CA SER E 156 -13.48 -65.24 67.98
C SER E 156 -13.44 -65.04 66.47
N SER E 157 -13.83 -63.85 66.00
CA SER E 157 -13.87 -63.59 64.57
C SER E 157 -13.72 -62.11 64.32
N PRO E 158 -13.05 -61.70 63.25
CA PRO E 158 -12.90 -60.27 62.97
C PRO E 158 -14.18 -59.65 62.45
N VAL E 159 -14.23 -58.32 62.50
CA VAL E 159 -15.39 -57.55 62.05
C VAL E 159 -14.92 -56.18 61.58
N LYS E 160 -15.49 -55.70 60.47
CA LYS E 160 -15.20 -54.39 59.94
C LYS E 160 -16.43 -53.49 59.84
N ALA E 161 -17.63 -54.03 59.98
CA ALA E 161 -18.84 -53.23 59.87
C ALA E 161 -19.02 -52.35 61.10
N GLY E 162 -19.25 -51.06 60.87
CA GLY E 162 -19.45 -50.12 61.96
C GLY E 162 -18.20 -49.57 62.59
N VAL E 163 -17.07 -49.62 61.88
CA VAL E 163 -15.80 -49.16 62.41
C VAL E 163 -15.49 -47.77 61.86
N GLU E 164 -15.14 -46.86 62.76
CA GLU E 164 -14.72 -45.51 62.40
C GLU E 164 -13.45 -45.19 63.16
N THR E 165 -12.37 -44.87 62.44
CA THR E 165 -11.06 -44.68 63.04
C THR E 165 -10.48 -43.35 62.58
N THR E 166 -9.89 -42.62 63.52
CA THR E 166 -9.30 -41.32 63.24
C THR E 166 -7.87 -41.47 62.75
N THR E 167 -7.38 -40.43 62.09
CA THR E 167 -5.98 -40.36 61.77
C THR E 167 -5.18 -40.02 63.03
N PRO E 168 -3.91 -40.41 63.09
CA PRO E 168 -3.08 -40.04 64.24
C PRO E 168 -2.86 -38.55 64.32
N SER E 169 -2.80 -38.04 65.56
CA SER E 169 -2.60 -36.63 65.82
C SER E 169 -1.52 -36.43 66.86
N LYS E 170 -0.63 -35.49 66.62
CA LYS E 170 0.47 -35.23 67.55
C LYS E 170 -0.07 -34.61 68.84
N GLN E 171 0.34 -35.16 69.98
CA GLN E 171 -0.11 -34.68 71.28
C GLN E 171 0.77 -33.53 71.74
N SER E 172 0.67 -33.18 73.02
CA SER E 172 1.52 -32.13 73.57
C SER E 172 2.94 -32.63 73.82
N ASN E 173 3.08 -33.86 74.32
CA ASN E 173 4.38 -34.47 74.59
C ASN E 173 5.07 -35.00 73.33
N ASN E 174 4.66 -34.52 72.16
CA ASN E 174 5.18 -34.91 70.85
C ASN E 174 4.88 -36.36 70.51
N LYS E 175 4.21 -37.11 71.38
CA LYS E 175 3.70 -38.42 71.00
C LYS E 175 2.38 -38.25 70.26
N TYR E 176 1.79 -39.35 69.81
CA TYR E 176 0.60 -39.30 68.98
C TYR E 176 -0.56 -40.03 69.65
N ALA E 177 -1.78 -39.70 69.18
CA ALA E 177 -3.01 -40.23 69.72
C ALA E 177 -3.97 -40.56 68.58
N ALA E 178 -4.85 -41.53 68.83
CA ALA E 178 -5.87 -41.93 67.88
C ALA E 178 -7.02 -42.59 68.64
N SER E 179 -8.18 -42.61 68.00
CA SER E 179 -9.37 -43.20 68.61
C SER E 179 -10.15 -43.98 67.55
N SER E 180 -10.76 -45.08 67.99
CA SER E 180 -11.55 -45.94 67.13
C SER E 180 -12.87 -46.27 67.81
N TYR E 181 -13.94 -46.34 67.02
CA TYR E 181 -15.28 -46.59 67.53
C TYR E 181 -15.91 -47.74 66.76
N LEU E 182 -16.66 -48.57 67.48
CA LEU E 182 -17.40 -49.68 66.89
C LEU E 182 -18.86 -49.55 67.28
N SER E 183 -19.71 -49.26 66.30
CA SER E 183 -21.13 -49.12 66.53
C SER E 183 -21.80 -50.48 66.42
N LEU E 184 -22.62 -50.82 67.40
CA LEU E 184 -23.34 -52.09 67.44
C LEU E 184 -24.79 -51.85 67.84
N THR E 185 -25.61 -52.88 67.61
CA THR E 185 -26.96 -52.88 68.17
C THR E 185 -26.92 -53.46 69.58
N PRO E 186 -27.86 -53.08 70.45
CA PRO E 186 -27.90 -53.68 71.79
C PRO E 186 -28.02 -55.19 71.78
N GLU E 187 -28.46 -55.80 70.67
CA GLU E 187 -28.53 -57.25 70.58
C GLU E 187 -27.18 -57.85 70.18
N GLN E 188 -26.49 -57.25 69.21
CA GLN E 188 -25.16 -57.73 68.84
C GLN E 188 -24.21 -57.65 70.03
N TRP E 189 -24.39 -56.67 70.91
CA TRP E 189 -23.52 -56.54 72.07
C TRP E 189 -23.77 -57.66 73.07
N LYS E 190 -25.04 -57.93 73.38
CA LYS E 190 -25.36 -58.98 74.34
C LYS E 190 -25.17 -60.39 73.78
N SER E 191 -25.23 -60.55 72.45
CA SER E 191 -25.20 -61.88 71.87
C SER E 191 -23.80 -62.50 71.95
N HIS E 192 -22.76 -61.71 71.69
CA HIS E 192 -21.42 -62.27 71.66
C HIS E 192 -20.83 -62.35 73.06
N ARG E 193 -19.82 -63.19 73.20
CA ARG E 193 -19.22 -63.39 74.52
C ARG E 193 -18.33 -62.22 74.91
N SER E 194 -17.56 -61.69 73.96
CA SER E 194 -16.62 -60.62 74.25
C SER E 194 -16.22 -59.95 72.95
N TYR E 195 -15.76 -58.71 73.06
CA TYR E 195 -15.22 -57.94 71.94
C TYR E 195 -13.82 -57.45 72.29
N SER E 196 -12.96 -57.38 71.28
CA SER E 196 -11.55 -57.06 71.47
C SER E 196 -11.11 -55.98 70.49
N CYS E 197 -10.28 -55.05 70.99
CA CYS E 197 -9.69 -53.98 70.17
C CYS E 197 -8.20 -54.28 70.04
N GLN E 198 -7.76 -54.54 68.81
CA GLN E 198 -6.36 -54.86 68.52
C GLN E 198 -5.68 -53.63 67.94
N VAL E 199 -4.59 -53.21 68.57
CA VAL E 199 -3.81 -52.05 68.14
C VAL E 199 -2.41 -52.54 67.81
N THR E 200 -2.05 -52.51 66.52
CA THR E 200 -0.75 -52.95 66.06
C THR E 200 0.14 -51.73 65.82
N HIS E 201 1.29 -51.69 66.50
CA HIS E 201 2.22 -50.57 66.40
C HIS E 201 3.63 -51.12 66.22
N GLU E 202 4.23 -50.87 65.05
CA GLU E 202 5.59 -51.29 64.74
C GLU E 202 5.73 -52.82 64.80
N GLY E 203 4.77 -53.52 64.21
CA GLY E 203 4.81 -54.97 64.14
C GLY E 203 4.25 -55.69 65.35
N SER E 204 4.16 -55.02 66.49
CA SER E 204 3.64 -55.62 67.71
C SER E 204 2.22 -55.13 67.97
N THR E 205 1.40 -55.99 68.55
CA THR E 205 -0.02 -55.72 68.77
C THR E 205 -0.36 -55.83 70.25
N VAL E 206 -1.18 -54.90 70.72
CA VAL E 206 -1.72 -54.90 72.07
C VAL E 206 -3.24 -55.02 71.97
N GLU E 207 -3.82 -55.97 72.71
CA GLU E 207 -5.25 -56.25 72.63
C GLU E 207 -5.90 -56.05 73.99
N LYS E 208 -7.00 -55.28 74.01
CA LYS E 208 -7.87 -55.17 75.18
C LYS E 208 -9.22 -55.78 74.86
N THR E 209 -9.84 -56.43 75.85
CA THR E 209 -11.09 -57.16 75.66
C THR E 209 -12.12 -56.75 76.71
N VAL E 210 -13.37 -56.62 76.28
CA VAL E 210 -14.49 -56.32 77.15
C VAL E 210 -15.61 -57.32 76.86
N ALA E 211 -16.52 -57.44 77.81
CA ALA E 211 -17.62 -58.39 77.75
C ALA E 211 -18.85 -57.76 78.39
N PRO E 212 -20.05 -58.21 78.01
CA PRO E 212 -21.27 -57.64 78.60
C PRO E 212 -21.37 -57.92 80.09
N THR E 213 -21.44 -56.84 80.86
CA THR E 213 -21.58 -56.84 82.33
C THR E 213 -21.07 -58.08 83.05
N GLN F 1 2.52 21.32 51.38
CA GLN F 1 1.23 20.71 51.05
C GLN F 1 1.13 20.37 49.56
N VAL F 2 -0.10 20.37 49.06
CA VAL F 2 -0.37 20.18 47.63
C VAL F 2 -1.32 21.28 47.20
N GLN F 3 -0.94 22.04 46.18
CA GLN F 3 -1.75 23.14 45.68
C GLN F 3 -1.62 23.26 44.17
N LEU F 4 -2.74 23.59 43.51
CA LEU F 4 -2.79 23.89 42.07
C LEU F 4 -3.46 25.26 41.95
N VAL F 5 -2.67 26.33 41.94
CA VAL F 5 -3.19 27.69 41.87
C VAL F 5 -3.20 28.12 40.40
N GLU F 6 -4.36 28.55 39.92
CA GLU F 6 -4.53 28.99 38.55
C GLU F 6 -4.65 30.50 38.48
N SER F 7 -4.44 31.03 37.27
CA SER F 7 -4.52 32.46 37.01
C SER F 7 -4.53 32.67 35.51
N GLY F 8 -4.90 33.89 35.10
CA GLY F 8 -4.91 34.26 33.69
C GLY F 8 -6.28 34.41 33.08
N GLY F 9 -7.35 34.25 33.86
CA GLY F 9 -8.69 34.39 33.32
C GLY F 9 -9.17 35.83 33.27
N GLY F 10 -10.31 36.00 32.62
CA GLY F 10 -10.90 37.31 32.44
C GLY F 10 -11.73 37.32 31.17
N LEU F 11 -12.02 38.53 30.69
CA LEU F 11 -12.76 38.72 29.45
C LEU F 11 -11.80 38.99 28.31
N ILE F 12 -12.12 38.45 27.13
CA ILE F 12 -11.28 38.61 25.94
C ILE F 12 -12.19 38.54 24.71
N GLN F 13 -11.95 39.43 23.76
CA GLN F 13 -12.78 39.55 22.57
C GLN F 13 -12.67 38.29 21.69
N PRO F 14 -13.68 38.02 20.87
CA PRO F 14 -13.63 36.81 20.02
C PRO F 14 -12.48 36.88 19.03
N GLY F 15 -11.89 35.73 18.76
CA GLY F 15 -10.72 35.69 17.91
C GLY F 15 -9.44 36.15 18.58
N GLY F 16 -9.50 36.51 19.85
CA GLY F 16 -8.34 36.99 20.57
C GLY F 16 -7.50 35.86 21.12
N SER F 17 -6.60 36.22 22.03
CA SER F 17 -5.70 35.26 22.65
C SER F 17 -5.64 35.48 24.16
N LEU F 18 -5.47 34.37 24.89
CA LEU F 18 -5.36 34.43 26.34
C LEU F 18 -4.60 33.19 26.81
N ARG F 19 -3.73 33.39 27.78
CA ARG F 19 -2.86 32.33 28.29
C ARG F 19 -3.16 32.09 29.76
N LEU F 20 -3.44 30.84 30.10
CA LEU F 20 -3.79 30.44 31.45
C LEU F 20 -2.59 29.82 32.15
N SER F 21 -2.52 30.02 33.47
CA SER F 21 -1.42 29.53 34.28
C SER F 21 -1.95 28.60 35.36
N CYS F 22 -1.06 27.73 35.86
CA CYS F 22 -1.43 26.72 36.84
C CYS F 22 -0.19 26.44 37.71
N ALA F 23 0.00 27.28 38.73
CA ALA F 23 1.15 27.13 39.61
C ALA F 23 0.98 25.91 40.51
N ALA F 24 2.03 25.09 40.60
CA ALA F 24 1.98 23.85 41.34
C ALA F 24 2.84 23.92 42.60
N SER F 25 2.38 23.24 43.65
CA SER F 25 3.12 23.18 44.91
C SER F 25 3.08 21.75 45.42
N GLY F 26 4.27 21.21 45.72
CA GLY F 26 4.36 19.83 46.18
C GLY F 26 4.34 18.81 45.07
N ILE F 27 3.67 19.12 43.97
CA ILE F 27 3.59 18.26 42.80
C ILE F 27 4.45 18.86 41.70
N THR F 28 5.31 18.06 41.09
CA THR F 28 6.17 18.51 40.00
C THR F 28 5.46 18.32 38.68
N VAL F 29 5.24 19.43 37.97
CA VAL F 29 4.48 19.37 36.73
C VAL F 29 5.22 18.56 35.68
N SER F 30 6.53 18.75 35.57
CA SER F 30 7.32 18.13 34.52
C SER F 30 7.37 16.61 34.61
N SER F 31 6.93 16.03 35.72
CA SER F 31 6.95 14.58 35.87
C SER F 31 5.56 14.02 36.15
N ASN F 32 4.53 14.63 35.57
CA ASN F 32 3.17 14.16 35.80
C ASN F 32 2.34 14.36 34.56
N TYR F 33 1.31 13.52 34.44
CA TYR F 33 0.25 13.76 33.47
C TYR F 33 -0.55 14.96 33.95
N MET F 34 -0.39 16.09 33.28
CA MET F 34 -1.12 17.31 33.63
C MET F 34 -2.17 17.59 32.57
N THR F 35 -3.38 17.95 33.00
CA THR F 35 -4.48 18.16 32.08
C THR F 35 -5.20 19.47 32.37
N TRP F 36 -5.95 19.94 31.37
CA TRP F 36 -6.85 21.07 31.50
C TRP F 36 -8.27 20.60 31.21
N VAL F 37 -9.20 20.97 32.07
CA VAL F 37 -10.60 20.61 31.88
C VAL F 37 -11.46 21.83 32.12
N ARG F 38 -12.32 22.14 31.15
CA ARG F 38 -13.21 23.28 31.23
C ARG F 38 -14.63 22.79 31.44
N GLN F 39 -15.44 23.65 32.07
CA GLN F 39 -16.84 23.35 32.36
C GLN F 39 -17.67 24.55 31.96
N ALA F 40 -18.47 24.40 30.92
CA ALA F 40 -19.35 25.45 30.48
C ALA F 40 -20.35 25.80 31.59
N PRO F 41 -20.76 27.07 31.68
CA PRO F 41 -21.69 27.47 32.76
C PRO F 41 -22.98 26.67 32.75
N GLY F 42 -23.07 25.66 33.62
CA GLY F 42 -24.26 24.85 33.75
C GLY F 42 -24.30 23.60 32.92
N LYS F 43 -23.18 23.18 32.36
CA LYS F 43 -23.09 21.94 31.60
C LYS F 43 -22.13 21.00 32.31
N GLY F 44 -21.80 19.90 31.63
CA GLY F 44 -20.90 18.90 32.18
C GLY F 44 -19.45 19.29 32.07
N LEU F 45 -18.59 18.30 32.30
CA LEU F 45 -17.16 18.48 32.20
C LEU F 45 -16.66 17.99 30.86
N GLU F 46 -15.74 18.75 30.27
CA GLU F 46 -15.16 18.44 28.97
C GLU F 46 -13.65 18.54 29.12
N TRP F 47 -12.96 17.41 28.96
CA TRP F 47 -11.51 17.42 28.93
C TRP F 47 -11.02 18.13 27.67
N VAL F 48 -9.96 18.92 27.81
CA VAL F 48 -9.45 19.77 26.74
C VAL F 48 -8.10 19.27 26.22
N SER F 49 -7.08 19.28 27.07
CA SER F 49 -5.73 18.97 26.64
C SER F 49 -4.99 18.26 27.75
N LEU F 50 -3.85 17.65 27.40
CA LEU F 50 -2.97 17.03 28.38
C LEU F 50 -1.54 17.14 27.91
N LEU F 51 -0.61 16.91 28.84
CA LEU F 51 0.81 16.94 28.56
C LEU F 51 1.46 15.77 29.29
N TYR F 52 2.14 14.91 28.55
CA TYR F 52 2.83 13.79 29.16
C TYR F 52 4.07 14.27 29.91
N ALA F 53 4.52 13.44 30.84
CA ALA F 53 5.79 13.72 31.50
C ALA F 53 6.93 13.72 30.49
N GLY F 54 6.80 12.96 29.41
CA GLY F 54 7.79 12.89 28.37
C GLY F 54 7.68 13.94 27.28
N GLY F 55 6.65 14.79 27.34
CA GLY F 55 6.50 15.91 26.43
C GLY F 55 5.42 15.75 25.38
N SER F 56 4.84 14.57 25.23
CA SER F 56 3.78 14.39 24.25
C SER F 56 2.52 15.12 24.70
N ALA F 57 1.89 15.83 23.76
CA ALA F 57 0.67 16.58 24.01
C ALA F 57 -0.46 16.01 23.19
N PHE F 58 -1.67 16.08 23.75
CA PHE F 58 -2.88 15.64 23.07
C PHE F 58 -4.02 16.59 23.39
N TYR F 59 -4.86 16.83 22.40
CA TYR F 59 -5.93 17.82 22.51
C TYR F 59 -7.25 17.20 22.07
N ALA F 60 -8.34 17.83 22.50
CA ALA F 60 -9.67 17.42 22.09
C ALA F 60 -9.99 18.00 20.72
N ASP F 61 -10.98 17.40 20.06
CA ASP F 61 -11.30 17.81 18.70
C ASP F 61 -11.81 19.24 18.65
N SER F 62 -12.40 19.73 19.75
CA SER F 62 -13.01 21.04 19.77
C SER F 62 -12.02 22.18 19.96
N VAL F 63 -10.75 21.88 20.24
CA VAL F 63 -9.75 22.91 20.49
C VAL F 63 -8.47 22.64 19.70
N LYS F 64 -8.49 21.62 18.84
CA LYS F 64 -7.29 21.27 18.11
C LYS F 64 -6.87 22.41 17.19
N GLY F 65 -5.57 22.67 17.14
CA GLY F 65 -5.03 23.75 16.34
C GLY F 65 -5.23 25.13 16.92
N ARG F 66 -6.12 25.29 17.90
CA ARG F 66 -6.35 26.58 18.52
C ARG F 66 -5.74 26.70 19.91
N PHE F 67 -5.63 25.60 20.64
CA PHE F 67 -5.07 25.58 21.98
C PHE F 67 -3.70 24.94 21.99
N THR F 68 -2.91 25.31 22.98
CA THR F 68 -1.54 24.82 23.12
C THR F 68 -1.20 24.73 24.61
N ILE F 69 -0.76 23.54 25.04
CA ILE F 69 -0.40 23.30 26.44
C ILE F 69 1.11 23.25 26.55
N SER F 70 1.65 23.87 27.60
CA SER F 70 3.08 23.93 27.83
C SER F 70 3.34 23.97 29.33
N ARG F 71 4.62 24.03 29.69
CA ARG F 71 5.02 24.05 31.09
C ARG F 71 6.37 24.71 31.23
N ASP F 72 6.74 25.03 32.47
CA ASP F 72 8.03 25.63 32.78
C ASP F 72 8.56 24.93 34.02
N ASN F 73 9.65 24.17 33.87
CA ASN F 73 10.15 23.37 34.98
C ASN F 73 10.76 24.23 36.08
N SER F 74 11.37 25.36 35.71
CA SER F 74 11.95 26.24 36.73
C SER F 74 10.86 26.85 37.60
N LYS F 75 9.76 27.29 36.99
CA LYS F 75 8.66 27.89 37.74
C LYS F 75 7.66 26.85 38.23
N ASN F 76 7.75 25.62 37.74
CA ASN F 76 6.84 24.52 38.13
C ASN F 76 5.38 24.96 37.95
N THR F 77 5.05 25.33 36.71
CA THR F 77 3.75 25.86 36.40
C THR F 77 3.29 25.34 35.04
N LEU F 78 2.01 24.99 34.96
CA LEU F 78 1.41 24.52 33.72
C LEU F 78 0.73 25.69 33.01
N TYR F 79 0.85 25.72 31.69
CA TYR F 79 0.29 26.80 30.90
C TYR F 79 -0.67 26.27 29.86
N LEU F 80 -1.63 27.11 29.47
CA LEU F 80 -2.58 26.79 28.41
C LEU F 80 -2.76 28.04 27.55
N LEU F 81 -2.16 28.02 26.36
CA LEU F 81 -2.31 29.12 25.42
C LEU F 81 -3.56 28.91 24.58
N MET F 82 -4.34 29.98 24.42
CA MET F 82 -5.61 29.92 23.74
C MET F 82 -5.64 30.99 22.66
N ASN F 83 -5.80 30.57 21.41
CA ASN F 83 -5.87 31.49 20.29
C ASN F 83 -7.19 31.33 19.55
N SER F 84 -7.61 32.40 18.90
CA SER F 84 -8.83 32.39 18.08
C SER F 84 -10.03 31.90 18.90
N LEU F 85 -10.37 32.65 19.93
CA LEU F 85 -11.43 32.24 20.84
C LEU F 85 -12.81 32.56 20.29
N ARG F 86 -13.81 31.80 20.75
CA ARG F 86 -15.21 32.04 20.42
C ARG F 86 -16.05 31.86 21.68
N VAL F 87 -17.35 32.11 21.56
CA VAL F 87 -18.22 32.05 22.74
C VAL F 87 -18.38 30.61 23.22
N GLY F 88 -18.22 29.63 22.33
CA GLY F 88 -18.25 28.24 22.73
C GLY F 88 -17.17 27.87 23.72
N ASP F 89 -16.07 28.63 23.74
CA ASP F 89 -14.96 28.39 24.65
C ASP F 89 -15.15 29.05 26.01
N THR F 90 -16.18 29.86 26.18
CA THR F 90 -16.44 30.51 27.47
C THR F 90 -16.78 29.45 28.50
N ALA F 91 -15.94 29.32 29.51
CA ALA F 91 -16.14 28.29 30.52
C ALA F 91 -15.20 28.60 31.70
N VAL F 92 -15.34 27.81 32.76
CA VAL F 92 -14.41 27.83 33.88
C VAL F 92 -13.39 26.74 33.63
N TYR F 93 -12.12 27.12 33.54
CA TYR F 93 -11.06 26.20 33.17
C TYR F 93 -10.35 25.72 34.42
N TYR F 94 -10.21 24.40 34.54
CA TYR F 94 -9.51 23.77 35.65
C TYR F 94 -8.25 23.08 35.14
N CYS F 95 -7.24 23.02 36.01
CA CYS F 95 -6.05 22.23 35.78
C CYS F 95 -5.94 21.18 36.87
N ALA F 96 -5.54 19.97 36.50
CA ALA F 96 -5.51 18.88 37.46
C ALA F 96 -4.36 17.95 37.09
N ARG F 97 -3.94 17.17 38.08
CA ARG F 97 -2.88 16.18 37.88
C ARG F 97 -3.56 14.84 37.63
N ASP F 98 -3.24 14.23 36.50
CA ASP F 98 -3.79 12.93 36.15
C ASP F 98 -2.88 11.86 36.71
N LEU F 99 -3.49 10.84 37.30
CA LEU F 99 -2.79 9.63 37.68
C LEU F 99 -3.24 8.47 36.80
N GLN F 100 -3.91 8.80 35.70
CA GLN F 100 -4.43 7.80 34.79
C GLN F 100 -5.27 6.80 35.61
N VAL F 101 -4.72 5.62 35.91
CA VAL F 101 -5.49 4.57 36.57
C VAL F 101 -6.10 5.07 37.86
N TYR F 102 -5.37 5.89 38.59
CA TYR F 102 -5.83 6.42 39.86
C TYR F 102 -6.54 7.75 39.69
N GLY F 103 -6.95 8.09 38.47
CA GLY F 103 -7.77 9.27 38.25
C GLY F 103 -7.06 10.58 38.53
N MET F 104 -7.84 11.67 38.41
CA MET F 104 -7.36 13.03 38.64
C MET F 104 -7.64 13.41 40.09
N ASP F 105 -6.63 13.30 40.95
CA ASP F 105 -6.82 13.50 42.38
C ASP F 105 -6.87 14.98 42.76
N VAL F 106 -5.82 15.72 42.43
CA VAL F 106 -5.67 17.11 42.86
C VAL F 106 -6.13 18.03 41.75
N TRP F 107 -7.04 18.94 42.08
CA TRP F 107 -7.59 19.89 41.13
C TRP F 107 -7.29 21.32 41.57
N GLY F 108 -7.21 22.22 40.58
CA GLY F 108 -7.10 23.63 40.86
C GLY F 108 -8.44 24.27 41.19
N GLN F 109 -8.37 25.48 41.73
CA GLN F 109 -9.58 26.19 42.10
C GLN F 109 -10.35 26.68 40.89
N GLY F 110 -9.69 26.81 39.73
CA GLY F 110 -10.38 27.17 38.51
C GLY F 110 -10.48 28.67 38.27
N THR F 111 -10.13 29.09 37.06
CA THR F 111 -10.27 30.48 36.65
C THR F 111 -11.33 30.58 35.56
N THR F 112 -11.99 31.73 35.49
CA THR F 112 -13.12 31.93 34.59
C THR F 112 -12.69 32.73 33.37
N VAL F 113 -13.13 32.28 32.20
CA VAL F 113 -12.83 32.92 30.92
C VAL F 113 -14.16 33.24 30.24
N THR F 114 -14.37 34.51 29.93
CA THR F 114 -15.62 35.00 29.35
C THR F 114 -15.34 35.58 27.97
N VAL F 115 -15.96 34.98 26.96
CA VAL F 115 -15.75 35.41 25.59
C VAL F 115 -17.12 35.70 24.98
N SER F 116 -17.31 36.93 24.54
CA SER F 116 -18.48 37.33 23.77
C SER F 116 -18.18 38.65 23.08
N SER F 117 -19.20 39.47 22.91
CA SER F 117 -18.95 40.80 22.36
C SER F 117 -18.45 41.68 23.50
N ALA F 118 -19.11 42.80 23.74
CA ALA F 118 -18.75 43.71 24.84
C ALA F 118 -19.90 44.64 25.17
N SER F 119 -19.71 45.93 24.93
CA SER F 119 -20.73 46.96 25.05
C SER F 119 -21.45 47.16 26.38
N THR F 120 -22.64 47.77 26.22
CA THR F 120 -23.55 48.23 27.24
C THR F 120 -24.87 48.56 26.52
N LYS F 121 -25.47 47.53 25.91
CA LYS F 121 -26.65 47.63 25.06
C LYS F 121 -27.97 47.53 25.84
N GLY F 122 -29.04 48.03 25.22
CA GLY F 122 -30.37 47.98 25.79
C GLY F 122 -31.25 46.89 25.22
N PRO F 123 -32.17 46.39 26.04
CA PRO F 123 -33.03 45.27 25.63
C PRO F 123 -34.22 45.71 24.79
N SER F 124 -34.78 44.74 24.08
CA SER F 124 -36.05 44.91 23.38
C SER F 124 -37.15 44.23 24.19
N VAL F 125 -38.19 44.99 24.54
CA VAL F 125 -39.26 44.53 25.42
C VAL F 125 -40.48 44.22 24.57
N PHE F 126 -40.99 42.99 24.70
CA PHE F 126 -42.17 42.54 23.97
C PHE F 126 -43.23 42.04 24.93
N PRO F 127 -44.49 42.40 24.72
CA PRO F 127 -45.53 41.96 25.64
C PRO F 127 -45.88 40.49 25.43
N LEU F 128 -46.11 39.79 26.55
CA LEU F 128 -46.56 38.40 26.53
C LEU F 128 -48.04 38.41 26.89
N ALA F 129 -48.88 38.48 25.87
CA ALA F 129 -50.31 38.69 26.08
C ALA F 129 -50.95 37.49 26.77
N PRO F 130 -51.95 37.72 27.61
CA PRO F 130 -52.68 36.59 28.22
C PRO F 130 -53.53 35.87 27.20
N SER F 131 -53.55 34.55 27.30
CA SER F 131 -54.28 33.73 26.35
C SER F 131 -55.79 33.94 26.47
N SER F 132 -56.50 33.74 25.35
CA SER F 132 -57.94 33.87 25.31
C SER F 132 -58.66 32.62 25.82
N LYS F 133 -57.93 31.56 26.15
CA LYS F 133 -58.55 30.33 26.65
C LYS F 133 -58.51 30.29 28.18
N GLY F 138 -59.54 29.84 35.99
CA GLY F 138 -60.01 31.01 36.68
C GLY F 138 -58.96 32.08 36.86
N THR F 139 -57.71 31.74 36.55
CA THR F 139 -56.59 32.67 36.59
C THR F 139 -55.91 32.74 35.23
N ALA F 140 -55.15 33.81 35.03
CA ALA F 140 -54.43 34.02 33.78
C ALA F 140 -53.05 34.58 34.09
N ALA F 141 -52.08 34.22 33.25
CA ALA F 141 -50.70 34.64 33.40
C ALA F 141 -50.29 35.49 32.21
N LEU F 142 -49.81 36.70 32.49
CA LEU F 142 -49.28 37.59 31.47
C LEU F 142 -47.91 38.07 31.92
N GLY F 143 -47.11 38.52 30.97
CA GLY F 143 -45.75 38.93 31.30
C GLY F 143 -45.10 39.78 30.23
N CYS F 144 -43.81 40.00 30.43
CA CYS F 144 -42.98 40.83 29.57
C CYS F 144 -41.72 40.07 29.17
N LEU F 145 -41.37 40.13 27.89
CA LEU F 145 -40.17 39.49 27.38
C LEU F 145 -39.08 40.55 27.25
N VAL F 146 -38.09 40.49 28.13
CA VAL F 146 -36.95 41.39 28.11
C VAL F 146 -35.84 40.67 27.35
N LYS F 147 -35.64 41.02 26.07
CA LYS F 147 -34.87 40.21 25.16
C LYS F 147 -33.59 40.93 24.75
N ASP F 148 -32.48 40.17 24.70
CA ASP F 148 -31.20 40.62 24.16
C ASP F 148 -30.66 41.87 24.85
N TYR F 149 -30.05 41.70 26.02
CA TYR F 149 -29.41 42.81 26.72
C TYR F 149 -28.10 42.34 27.33
N PHE F 150 -27.21 43.30 27.58
CA PHE F 150 -25.92 43.02 28.21
C PHE F 150 -25.35 44.33 28.71
N PRO F 151 -24.76 44.36 29.93
CA PRO F 151 -24.68 43.22 30.83
C PRO F 151 -25.83 43.18 31.84
N GLU F 152 -25.82 42.17 32.71
CA GLU F 152 -26.80 42.09 33.78
C GLU F 152 -26.57 43.21 34.80
N PRO F 153 -27.60 43.53 35.60
CA PRO F 153 -28.98 43.03 35.58
C PRO F 153 -30.02 44.04 35.09
N VAL F 154 -31.26 43.59 34.93
CA VAL F 154 -32.40 44.46 34.69
C VAL F 154 -33.39 44.30 35.83
N THR F 155 -34.11 45.38 36.14
CA THR F 155 -35.16 45.37 37.15
C THR F 155 -36.52 45.51 36.46
N VAL F 156 -37.46 44.66 36.85
CA VAL F 156 -38.81 44.68 36.28
C VAL F 156 -39.80 44.87 37.40
N SER F 157 -40.56 45.95 37.34
CA SER F 157 -41.69 46.19 38.22
C SER F 157 -42.95 46.25 37.37
N TRP F 158 -44.10 46.20 38.04
CA TRP F 158 -45.38 46.17 37.36
C TRP F 158 -46.26 47.30 37.88
N ASN F 159 -46.78 48.11 36.96
CA ASN F 159 -47.60 49.28 37.28
C ASN F 159 -46.84 50.22 38.22
N SER F 160 -45.55 50.41 37.94
CA SER F 160 -44.67 51.26 38.74
C SER F 160 -44.63 50.82 40.20
N GLY F 161 -44.52 49.50 40.41
CA GLY F 161 -44.43 48.95 41.74
C GLY F 161 -45.74 48.78 42.49
N ALA F 162 -46.86 49.22 41.91
CA ALA F 162 -48.15 49.07 42.57
C ALA F 162 -48.65 47.63 42.54
N LEU F 163 -48.04 46.77 41.73
CA LEU F 163 -48.38 45.36 41.63
C LEU F 163 -47.17 44.53 42.02
N THR F 164 -47.27 43.80 43.13
CA THR F 164 -46.12 43.05 43.64
C THR F 164 -46.46 41.58 43.87
N SER F 165 -47.56 41.31 44.56
CA SER F 165 -47.92 39.93 44.89
C SER F 165 -48.39 39.20 43.64
N GLY F 166 -47.84 38.01 43.41
CA GLY F 166 -48.09 37.26 42.20
C GLY F 166 -47.02 37.43 41.13
N VAL F 167 -46.24 38.50 41.20
CA VAL F 167 -45.19 38.75 40.21
C VAL F 167 -44.06 37.75 40.41
N HIS F 168 -43.58 37.17 39.31
CA HIS F 168 -42.47 36.23 39.32
C HIS F 168 -41.55 36.57 38.16
N THR F 169 -40.41 37.20 38.47
CA THR F 169 -39.40 37.54 37.47
C THR F 169 -38.35 36.43 37.45
N PHE F 170 -38.27 35.71 36.35
CA PHE F 170 -37.43 34.53 36.23
C PHE F 170 -35.97 34.90 35.97
N PRO F 171 -35.03 34.05 36.37
CA PRO F 171 -33.62 34.31 36.04
C PRO F 171 -33.39 34.29 34.54
N ALA F 172 -32.40 35.07 34.12
CA ALA F 172 -32.13 35.29 32.71
C ALA F 172 -31.29 34.16 32.12
N VAL F 173 -31.43 33.97 30.80
CA VAL F 173 -30.61 33.04 30.04
C VAL F 173 -29.39 33.79 29.52
N LEU F 174 -28.32 33.05 29.30
CA LEU F 174 -27.16 33.55 28.58
C LEU F 174 -27.17 32.89 27.20
N GLN F 175 -27.72 33.60 26.22
CA GLN F 175 -27.77 33.06 24.86
C GLN F 175 -26.37 32.84 24.31
N SER F 176 -26.28 31.96 23.31
CA SER F 176 -24.99 31.70 22.66
C SER F 176 -24.42 32.95 22.02
N SER F 177 -25.24 33.96 21.79
CA SER F 177 -24.79 35.25 21.26
C SER F 177 -24.10 36.10 22.31
N GLY F 178 -24.06 35.65 23.56
CA GLY F 178 -23.51 36.42 24.65
C GLY F 178 -24.44 37.42 25.28
N LEU F 179 -25.64 37.58 24.73
CA LEU F 179 -26.63 38.51 25.26
C LEU F 179 -27.58 37.77 26.20
N TYR F 180 -28.19 38.54 27.10
CA TYR F 180 -29.09 38.00 28.10
C TYR F 180 -30.55 38.24 27.72
N SER F 181 -31.43 37.39 28.23
CA SER F 181 -32.87 37.53 28.02
C SER F 181 -33.60 36.89 29.19
N LEU F 182 -34.61 37.59 29.71
CA LEU F 182 -35.43 37.07 30.79
C LEU F 182 -36.90 37.41 30.56
N SER F 183 -37.75 36.84 31.40
CA SER F 183 -39.19 37.11 31.35
C SER F 183 -39.70 37.33 32.77
N SER F 184 -40.64 38.26 32.91
CA SER F 184 -41.27 38.54 34.20
C SER F 184 -42.77 38.43 34.03
N VAL F 185 -43.39 37.50 34.76
CA VAL F 185 -44.81 37.20 34.60
C VAL F 185 -45.54 37.49 35.89
N VAL F 186 -46.80 37.88 35.76
CA VAL F 186 -47.70 38.08 36.89
C VAL F 186 -48.97 37.30 36.60
N THR F 187 -49.35 36.44 37.53
CA THR F 187 -50.56 35.60 37.40
C THR F 187 -51.71 36.31 38.09
N VAL F 188 -52.67 36.81 37.30
CA VAL F 188 -53.80 37.58 37.80
C VAL F 188 -55.10 36.81 37.60
N PRO F 189 -56.18 37.15 38.30
CA PRO F 189 -57.47 36.50 38.04
C PRO F 189 -57.99 36.82 36.65
N SER F 190 -58.71 35.85 36.08
CA SER F 190 -59.20 35.98 34.71
C SER F 190 -60.23 37.10 34.55
N SER F 191 -60.95 37.43 35.63
CA SER F 191 -62.05 38.39 35.51
C SER F 191 -61.57 39.83 35.36
N SER F 192 -60.33 40.12 35.74
CA SER F 192 -59.82 41.49 35.73
C SER F 192 -59.05 41.84 34.46
N LEU F 193 -58.98 40.93 33.48
CA LEU F 193 -58.18 41.19 32.29
C LEU F 193 -58.73 42.34 31.44
N GLY F 194 -60.02 42.65 31.54
CA GLY F 194 -60.60 43.67 30.71
C GLY F 194 -60.74 45.03 31.38
N THR F 195 -60.77 45.01 32.71
CA THR F 195 -60.98 46.23 33.49
C THR F 195 -59.68 46.83 34.02
N GLN F 196 -58.61 46.05 34.09
CA GLN F 196 -57.34 46.50 34.63
C GLN F 196 -56.31 46.65 33.52
N THR F 197 -55.42 47.64 33.69
CA THR F 197 -54.31 47.87 32.78
C THR F 197 -53.03 47.40 33.46
N TYR F 198 -52.21 46.63 32.74
CA TYR F 198 -50.97 46.08 33.26
C TYR F 198 -49.80 46.58 32.43
N ILE F 199 -48.80 47.16 33.10
CA ILE F 199 -47.63 47.73 32.44
C ILE F 199 -46.41 47.33 33.25
N CYS F 200 -45.46 46.65 32.61
CA CYS F 200 -44.20 46.32 33.26
C CYS F 200 -43.20 47.44 33.03
N ASN F 201 -42.42 47.74 34.06
CA ASN F 201 -41.44 48.82 34.02
C ASN F 201 -40.05 48.18 34.07
N VAL F 202 -39.42 48.06 32.90
CA VAL F 202 -38.13 47.42 32.76
C VAL F 202 -37.05 48.50 32.75
N ASN F 203 -36.06 48.35 33.62
CA ASN F 203 -34.94 49.30 33.71
C ASN F 203 -33.63 48.56 33.51
N HIS F 204 -32.78 49.09 32.64
CA HIS F 204 -31.44 48.57 32.42
C HIS F 204 -30.46 49.70 32.74
N LYS F 205 -29.91 49.66 33.96
CA LYS F 205 -29.06 50.76 34.42
C LYS F 205 -27.83 50.97 33.54
N PRO F 206 -27.07 49.96 33.13
CA PRO F 206 -25.84 50.27 32.38
C PRO F 206 -26.10 51.00 31.07
N SER F 207 -27.18 50.68 30.36
CA SER F 207 -27.53 51.43 29.16
C SER F 207 -28.51 52.55 29.45
N ASN F 208 -28.90 52.71 30.71
CA ASN F 208 -29.94 53.63 31.13
C ASN F 208 -31.17 53.50 30.24
N THR F 209 -31.63 52.27 30.10
CA THR F 209 -32.84 51.96 29.36
C THR F 209 -33.98 51.91 30.36
N LYS F 210 -35.09 52.58 30.05
CA LYS F 210 -36.27 52.62 30.92
C LYS F 210 -37.47 52.42 30.00
N VAL F 211 -37.96 51.18 29.93
CA VAL F 211 -39.03 50.83 29.00
C VAL F 211 -40.28 50.50 29.79
N ASP F 212 -41.39 51.11 29.41
CA ASP F 212 -42.71 50.80 29.95
C ASP F 212 -43.57 50.27 28.82
N LYS F 213 -44.05 49.04 28.96
CA LYS F 213 -44.79 48.36 27.91
C LYS F 213 -46.13 47.89 28.46
N ARG F 214 -47.22 48.21 27.77
CA ARG F 214 -48.53 47.72 28.15
C ARG F 214 -48.76 46.33 27.58
N VAL F 215 -49.40 45.47 28.36
CA VAL F 215 -49.69 44.11 27.96
C VAL F 215 -51.20 43.97 27.90
N GLU F 216 -51.74 43.96 26.68
CA GLU F 216 -53.16 43.80 26.42
C GLU F 216 -53.43 42.42 25.81
N PRO F 217 -54.65 41.89 25.97
CA PRO F 217 -54.97 40.58 25.38
C PRO F 217 -54.87 40.62 23.86
N LYS F 218 -54.53 39.46 23.28
CA LYS F 218 -54.30 39.38 21.84
C LYS F 218 -55.62 39.49 21.07
N SER F 219 -55.63 40.35 20.06
CA SER F 219 -56.82 40.55 19.22
C SER F 219 -56.80 39.61 18.02
N GLU G 3 -18.71 8.78 24.74
CA GLU G 3 -20.18 8.77 24.83
C GLU G 3 -20.67 8.06 26.10
N LEU G 4 -20.48 8.71 27.24
CA LEU G 4 -20.96 8.20 28.53
C LEU G 4 -22.33 8.79 28.85
N THR G 5 -23.26 7.92 29.24
CA THR G 5 -24.62 8.32 29.51
C THR G 5 -24.88 8.15 31.00
N GLN G 6 -25.31 9.22 31.64
CA GLN G 6 -25.73 9.20 33.02
C GLN G 6 -27.16 9.72 33.12
N PRO G 7 -27.95 9.20 34.06
CA PRO G 7 -29.28 9.74 34.26
C PRO G 7 -29.20 11.21 34.65
N PRO G 8 -30.21 12.00 34.30
CA PRO G 8 -30.18 13.42 34.68
C PRO G 8 -30.13 13.65 36.18
N SER G 9 -30.93 12.93 36.96
CA SER G 9 -30.96 13.15 38.40
C SER G 9 -31.48 11.92 39.12
N VAL G 10 -31.05 11.79 40.39
CA VAL G 10 -31.59 10.81 41.32
C VAL G 10 -32.15 11.55 42.53
N SER G 11 -33.13 10.94 43.18
CA SER G 11 -33.78 11.50 44.36
C SER G 11 -33.86 10.41 45.42
N VAL G 12 -33.17 10.62 46.54
CA VAL G 12 -33.10 9.65 47.61
C VAL G 12 -33.44 10.35 48.93
N ALA G 13 -34.28 9.70 49.72
CA ALA G 13 -34.58 10.21 51.05
C ALA G 13 -33.30 10.20 51.91
N PRO G 14 -33.18 11.14 52.83
CA PRO G 14 -31.98 11.17 53.70
C PRO G 14 -31.83 9.86 54.46
N GLY G 15 -30.57 9.41 54.56
CA GLY G 15 -30.24 8.17 55.22
C GLY G 15 -30.35 6.93 54.36
N GLN G 16 -31.05 6.99 53.23
CA GLN G 16 -31.17 5.84 52.35
C GLN G 16 -29.94 5.78 51.45
N THR G 17 -29.98 4.94 50.42
CA THR G 17 -28.84 4.67 49.56
C THR G 17 -29.16 5.05 48.13
N ALA G 18 -28.23 5.75 47.48
CA ALA G 18 -28.35 6.10 46.07
C ALA G 18 -27.54 5.16 45.20
N ARG G 19 -27.96 5.04 43.94
CA ARG G 19 -27.23 4.28 42.94
C ARG G 19 -27.24 5.05 41.64
N ILE G 20 -26.05 5.35 41.12
CA ILE G 20 -25.88 6.16 39.92
C ILE G 20 -25.26 5.28 38.85
N THR G 21 -25.89 5.22 37.68
CA THR G 21 -25.44 4.37 36.59
C THR G 21 -24.66 5.16 35.56
N CYS G 22 -23.69 4.49 34.93
CA CYS G 22 -22.83 5.09 33.92
C CYS G 22 -22.68 4.09 32.78
N GLY G 23 -23.35 4.34 31.66
CA GLY G 23 -23.40 3.36 30.60
C GLY G 23 -22.54 3.64 29.39
N GLY G 24 -22.19 2.58 28.67
CA GLY G 24 -21.37 2.72 27.47
C GLY G 24 -21.17 1.36 26.85
N ASN G 25 -20.46 1.36 25.73
CA ASN G 25 -20.18 0.14 24.99
C ASN G 25 -18.81 -0.40 25.36
N ASN G 26 -18.72 -1.72 25.51
CA ASN G 26 -17.49 -2.42 25.89
C ASN G 26 -16.90 -1.83 27.17
N ASP G 27 -17.68 -1.92 28.25
CA ASP G 27 -17.29 -1.37 29.55
C ASP G 27 -16.52 -2.38 30.40
N GLY G 28 -15.94 -3.40 29.78
CA GLY G 28 -15.23 -4.40 30.55
C GLY G 28 -13.81 -4.00 30.96
N ALA G 29 -12.93 -3.84 29.97
CA ALA G 29 -11.52 -3.66 30.27
C ALA G 29 -11.24 -2.32 30.93
N LYS G 30 -11.82 -1.25 30.39
CA LYS G 30 -11.49 0.07 30.88
C LYS G 30 -11.96 0.27 32.32
N SER G 31 -11.21 1.08 33.04
CA SER G 31 -11.55 1.42 34.42
C SER G 31 -12.43 2.66 34.43
N VAL G 32 -13.06 2.89 35.57
CA VAL G 32 -14.00 3.99 35.73
C VAL G 32 -13.59 4.82 36.93
N HIS G 33 -13.74 6.13 36.82
CA HIS G 33 -13.45 7.04 37.92
C HIS G 33 -14.68 7.91 38.17
N TRP G 34 -14.87 8.27 39.43
CA TRP G 34 -16.02 9.06 39.86
C TRP G 34 -15.57 10.32 40.58
N TYR G 35 -16.35 11.39 40.39
CA TYR G 35 -16.00 12.70 40.94
C TYR G 35 -17.24 13.36 41.53
N GLN G 36 -17.04 14.08 42.63
CA GLN G 36 -18.09 14.83 43.31
C GLN G 36 -17.83 16.31 43.13
N GLN G 37 -18.85 17.05 42.68
CA GLN G 37 -18.73 18.50 42.50
C GLN G 37 -19.85 19.18 43.29
N LYS G 38 -19.49 19.70 44.47
CA LYS G 38 -20.39 20.53 45.21
C LYS G 38 -20.50 21.90 44.52
N PRO G 39 -21.60 22.62 44.74
CA PRO G 39 -21.80 23.89 44.03
C PRO G 39 -20.68 24.89 44.28
N GLY G 40 -20.23 25.53 43.22
CA GLY G 40 -19.16 26.52 43.31
C GLY G 40 -17.80 25.95 43.66
N GLN G 41 -17.62 24.64 43.55
CA GLN G 41 -16.40 23.97 43.95
C GLN G 41 -15.77 23.24 42.77
N ALA G 42 -14.50 22.93 42.93
CA ALA G 42 -13.86 22.05 41.97
C ALA G 42 -14.27 20.59 42.24
N PRO G 43 -14.21 19.73 41.22
CA PRO G 43 -14.52 18.32 41.45
C PRO G 43 -13.53 17.68 42.41
N VAL G 44 -13.99 16.61 43.07
CA VAL G 44 -13.15 15.86 44.00
C VAL G 44 -13.28 14.38 43.65
N LEU G 45 -12.16 13.74 43.33
CA LEU G 45 -12.16 12.31 43.01
C LEU G 45 -12.67 11.51 44.18
N VAL G 46 -13.78 10.80 43.99
CA VAL G 46 -14.36 10.01 45.06
C VAL G 46 -14.11 8.52 44.87
N VAL G 47 -14.06 8.04 43.64
CA VAL G 47 -13.83 6.63 43.36
C VAL G 47 -12.93 6.52 42.14
N TYR G 48 -11.88 5.70 42.25
CA TYR G 48 -10.97 5.48 41.15
C TYR G 48 -10.79 3.98 40.91
N ASP G 49 -10.51 3.64 39.66
CA ASP G 49 -10.33 2.25 39.22
C ASP G 49 -11.47 1.36 39.73
N ASP G 50 -12.68 1.73 39.32
CA ASP G 50 -13.92 1.01 39.61
C ASP G 50 -14.33 1.07 41.08
N SER G 51 -13.48 0.58 41.99
CA SER G 51 -13.92 0.30 43.35
C SER G 51 -13.03 0.85 44.46
N ASP G 52 -11.97 1.57 44.13
CA ASP G 52 -11.05 2.05 45.15
C ASP G 52 -11.48 3.42 45.68
N ARG G 53 -11.44 3.57 47.00
CA ARG G 53 -11.68 4.86 47.64
C ARG G 53 -10.36 5.47 48.05
N PRO G 54 -10.03 6.68 47.59
CA PRO G 54 -8.80 7.34 48.03
C PRO G 54 -8.89 7.70 49.50
N SER G 55 -7.73 8.05 50.06
CA SER G 55 -7.62 8.30 51.49
C SER G 55 -8.47 9.49 51.90
N GLY G 56 -9.23 9.32 52.99
CA GLY G 56 -9.98 10.39 53.59
C GLY G 56 -11.42 10.53 53.13
N ILE G 57 -11.90 9.64 52.29
CA ILE G 57 -13.24 9.73 51.70
C ILE G 57 -14.14 8.70 52.37
N PRO G 58 -15.35 9.07 52.78
CA PRO G 58 -16.17 8.18 53.62
C PRO G 58 -16.45 6.84 52.95
N GLU G 59 -16.64 5.82 53.79
CA GLU G 59 -16.97 4.47 53.33
C GLU G 59 -18.36 4.37 52.73
N ARG G 60 -19.18 5.41 52.89
CA ARG G 60 -20.51 5.40 52.29
C ARG G 60 -20.44 5.28 50.76
N PHE G 61 -19.41 5.85 50.14
CA PHE G 61 -19.25 5.78 48.70
C PHE G 61 -18.63 4.42 48.33
N SER G 62 -18.99 3.93 47.15
CA SER G 62 -18.45 2.66 46.67
C SER G 62 -18.84 2.50 45.20
N GLY G 63 -17.97 1.81 44.46
CA GLY G 63 -18.17 1.64 43.04
C GLY G 63 -18.15 0.17 42.64
N SER G 64 -18.61 -0.08 41.42
CA SER G 64 -18.63 -1.40 40.83
C SER G 64 -18.77 -1.22 39.32
N ASN G 65 -18.38 -2.25 38.57
CA ASN G 65 -18.40 -2.14 37.12
C ASN G 65 -18.29 -3.52 36.49
N SER G 66 -19.16 -3.79 35.52
CA SER G 66 -19.14 -5.00 34.72
C SER G 66 -20.16 -4.86 33.59
N GLY G 67 -19.91 -5.58 32.51
CA GLY G 67 -20.83 -5.56 31.38
C GLY G 67 -20.85 -4.25 30.64
N ASN G 68 -22.00 -3.56 30.68
CA ASN G 68 -22.15 -2.25 30.05
C ASN G 68 -22.61 -1.19 31.03
N THR G 69 -22.33 -1.38 32.32
CA THR G 69 -22.80 -0.43 33.33
C THR G 69 -21.88 -0.44 34.54
N ALA G 70 -21.39 0.74 34.90
CA ALA G 70 -20.73 0.96 36.18
C ALA G 70 -21.71 1.63 37.12
N THR G 71 -21.41 1.53 38.42
CA THR G 71 -22.36 1.99 39.43
C THR G 71 -21.62 2.65 40.58
N LEU G 72 -22.10 3.81 40.99
CA LEU G 72 -21.61 4.49 42.18
C LEU G 72 -22.70 4.42 43.24
N THR G 73 -22.35 3.90 44.42
CA THR G 73 -23.31 3.66 45.50
C THR G 73 -22.98 4.54 46.70
N ILE G 74 -23.94 5.36 47.11
CA ILE G 74 -23.80 6.23 48.27
C ILE G 74 -24.77 5.77 49.35
N THR G 75 -24.25 5.19 50.43
CA THR G 75 -25.09 4.72 51.52
C THR G 75 -25.25 5.81 52.58
N ARG G 76 -26.37 5.74 53.31
CA ARG G 76 -26.65 6.66 54.41
C ARG G 76 -26.45 8.12 53.99
N ILE G 77 -27.33 8.55 53.09
CA ILE G 77 -27.16 9.85 52.45
C ILE G 77 -27.54 10.96 53.42
N GLU G 78 -26.73 12.02 53.42
CA GLU G 78 -27.03 13.25 54.14
C GLU G 78 -27.15 14.41 53.16
N ALA G 79 -27.53 15.57 53.70
CA ALA G 79 -27.60 16.77 52.87
C ALA G 79 -26.24 17.21 52.37
N GLY G 80 -25.15 16.80 53.04
CA GLY G 80 -23.82 17.09 52.55
C GLY G 80 -23.44 16.36 51.28
N ASP G 81 -24.29 15.45 50.80
CA ASP G 81 -24.04 14.72 49.56
C ASP G 81 -24.71 15.36 48.36
N GLU G 82 -25.53 16.40 48.57
CA GLU G 82 -26.15 17.13 47.46
C GLU G 82 -25.08 17.74 46.57
N ALA G 83 -24.88 17.14 45.40
CA ALA G 83 -23.85 17.59 44.46
C ALA G 83 -24.15 16.97 43.10
N ASP G 84 -23.24 17.18 42.16
CA ASP G 84 -23.28 16.54 40.86
C ASP G 84 -22.14 15.52 40.78
N TYR G 85 -22.43 14.34 40.25
CA TYR G 85 -21.46 13.26 40.18
C TYR G 85 -21.25 12.87 38.72
N TYR G 86 -19.98 12.84 38.30
CA TYR G 86 -19.59 12.52 36.93
C TYR G 86 -18.74 11.26 36.92
N CYS G 87 -18.96 10.42 35.92
CA CYS G 87 -18.06 9.30 35.67
C CYS G 87 -17.14 9.64 34.51
N GLN G 88 -15.97 9.02 34.50
CA GLN G 88 -14.95 9.26 33.49
C GLN G 88 -14.25 7.95 33.20
N VAL G 89 -13.97 7.70 31.94
CA VAL G 89 -13.29 6.47 31.56
C VAL G 89 -11.81 6.77 31.44
N TRP G 90 -11.01 5.77 31.75
CA TRP G 90 -9.56 5.85 31.74
C TRP G 90 -8.97 5.37 30.44
N ASP G 91 -9.77 4.57 29.76
CA ASP G 91 -9.31 3.75 28.66
C ASP G 91 -8.33 4.42 27.71
N SER G 92 -8.79 5.44 26.99
CA SER G 92 -7.92 6.06 26.01
C SER G 92 -6.79 6.76 26.71
N SER G 93 -5.58 6.62 26.15
CA SER G 93 -4.37 7.23 26.67
C SER G 93 -4.12 8.62 26.13
N ARG G 94 -4.84 9.01 25.08
CA ARG G 94 -4.69 10.32 24.47
C ARG G 94 -5.85 11.27 24.74
N ASP G 95 -6.97 10.77 25.25
CA ASP G 95 -8.10 11.64 25.53
C ASP G 95 -8.95 11.02 26.62
N HIS G 96 -9.67 11.86 27.35
CA HIS G 96 -10.58 11.38 28.39
C HIS G 96 -11.97 11.95 28.15
N VAL G 97 -12.98 11.13 28.42
CA VAL G 97 -14.36 11.56 28.23
C VAL G 97 -15.09 11.44 29.55
N PHE G 98 -16.08 12.31 29.74
CA PHE G 98 -16.88 12.37 30.96
C PHE G 98 -18.33 12.04 30.65
N GLY G 99 -19.05 11.57 31.67
CA GLY G 99 -20.48 11.43 31.55
C GLY G 99 -21.18 12.77 31.54
N THR G 100 -22.48 12.72 31.30
CA THR G 100 -23.30 13.93 31.26
C THR G 100 -23.61 14.47 32.65
N GLY G 101 -23.22 13.79 33.70
CA GLY G 101 -23.46 14.28 35.05
C GLY G 101 -24.80 13.85 35.59
N THR G 102 -24.85 13.67 36.92
CA THR G 102 -26.06 13.28 37.62
C THR G 102 -26.20 14.07 38.91
N LYS G 103 -27.34 14.74 39.08
CA LYS G 103 -27.63 15.51 40.28
C LYS G 103 -28.37 14.65 41.30
N VAL G 104 -27.81 14.53 42.49
CA VAL G 104 -28.41 13.73 43.55
C VAL G 104 -29.03 14.69 44.56
N THR G 105 -30.29 15.04 44.34
CA THR G 105 -31.01 15.89 45.28
C THR G 105 -31.41 15.11 46.52
N VAL G 106 -30.88 15.51 47.67
CA VAL G 106 -31.34 15.00 48.95
C VAL G 106 -32.66 15.68 49.29
N LEU G 107 -33.71 14.90 49.48
CA LEU G 107 -35.05 15.44 49.67
C LEU G 107 -35.16 16.20 50.98
N GLY G 108 -35.23 17.52 50.89
CA GLY G 108 -35.52 18.38 52.02
C GLY G 108 -36.96 18.82 52.17
N GLN G 109 -37.88 18.31 51.33
CA GLN G 109 -39.29 18.70 51.30
C GLN G 109 -40.04 17.75 50.37
N PRO G 110 -41.37 17.75 50.35
CA PRO G 110 -42.09 16.77 49.51
C PRO G 110 -41.96 17.10 48.02
N LYS G 111 -42.38 16.14 47.21
CA LYS G 111 -42.32 16.27 45.76
C LYS G 111 -43.34 17.29 45.28
N ALA G 112 -42.91 18.16 44.36
CA ALA G 112 -43.74 19.21 43.78
C ALA G 112 -43.64 19.15 42.26
N ASN G 113 -44.79 19.04 41.59
CA ASN G 113 -44.85 19.03 40.14
C ASN G 113 -44.75 20.45 39.59
N PRO G 114 -44.19 20.61 38.40
CA PRO G 114 -43.93 21.95 37.88
C PRO G 114 -45.17 22.64 37.33
N THR G 115 -45.13 23.96 37.38
CA THR G 115 -46.14 24.81 36.75
C THR G 115 -45.54 25.34 35.46
N VAL G 116 -46.12 24.93 34.33
CA VAL G 116 -45.58 25.23 33.01
C VAL G 116 -46.46 26.30 32.36
N THR G 117 -45.82 27.34 31.81
CA THR G 117 -46.50 28.41 31.10
C THR G 117 -45.74 28.67 29.81
N LEU G 118 -46.43 28.58 28.68
CA LEU G 118 -45.84 28.75 27.35
C LEU G 118 -46.47 29.96 26.67
N PHE G 119 -45.63 30.81 26.08
CA PHE G 119 -46.07 31.98 25.36
C PHE G 119 -45.67 31.91 23.88
N PRO G 120 -46.56 32.32 22.97
CA PRO G 120 -46.18 32.43 21.57
C PRO G 120 -45.37 33.69 21.33
N PRO G 121 -44.73 33.83 20.17
CA PRO G 121 -44.03 35.08 19.87
C PRO G 121 -45.01 36.23 19.82
N SER G 122 -44.64 37.35 20.44
CA SER G 122 -45.51 38.51 20.46
C SER G 122 -45.68 39.08 19.05
N SER G 123 -46.84 39.70 18.82
CA SER G 123 -47.09 40.38 17.55
C SER G 123 -46.10 41.50 17.29
N GLU G 124 -45.47 42.04 18.34
CA GLU G 124 -44.46 43.08 18.14
C GLU G 124 -43.12 42.48 17.74
N GLU G 125 -42.81 41.28 18.21
CA GLU G 125 -41.56 40.63 17.81
C GLU G 125 -41.65 40.13 16.38
N LEU G 126 -42.82 39.64 15.97
CA LEU G 126 -42.98 39.14 14.60
C LEU G 126 -42.75 40.24 13.59
N GLN G 127 -43.10 41.49 13.94
CA GLN G 127 -42.88 42.61 13.03
C GLN G 127 -41.44 43.04 12.96
N ALA G 128 -40.65 42.75 13.98
CA ALA G 128 -39.21 42.92 13.91
C ALA G 128 -38.54 41.75 13.21
N ASN G 129 -39.33 40.88 12.56
CA ASN G 129 -38.82 39.72 11.83
C ASN G 129 -38.10 38.75 12.77
N LYS G 130 -38.65 38.57 13.97
CA LYS G 130 -38.12 37.62 14.94
C LYS G 130 -39.27 36.84 15.56
N ALA G 131 -38.94 35.70 16.15
CA ALA G 131 -39.93 34.85 16.82
C ALA G 131 -39.24 34.05 17.90
N THR G 132 -39.72 34.18 19.14
CA THR G 132 -39.16 33.47 20.29
C THR G 132 -40.30 32.87 21.11
N LEU G 133 -40.32 31.55 21.23
CA LEU G 133 -41.25 30.86 22.10
C LEU G 133 -40.65 30.78 23.50
N VAL G 134 -41.42 31.21 24.50
CA VAL G 134 -40.95 31.30 25.88
C VAL G 134 -41.69 30.26 26.70
N CYS G 135 -40.95 29.31 27.25
CA CYS G 135 -41.52 28.26 28.09
C CYS G 135 -40.94 28.40 29.49
N LEU G 136 -41.80 28.74 30.44
CA LEU G 136 -41.36 29.03 31.81
C LEU G 136 -41.83 27.91 32.73
N ILE G 137 -40.92 27.42 33.56
CA ILE G 137 -41.16 26.29 34.46
C ILE G 137 -40.85 26.74 35.87
N SER G 138 -41.78 26.49 36.80
CA SER G 138 -41.61 26.96 38.17
C SER G 138 -42.30 26.03 39.15
N ASP G 139 -41.89 26.11 40.42
CA ASP G 139 -42.54 25.42 41.54
C ASP G 139 -42.39 23.90 41.44
N PHE G 140 -41.20 23.42 41.08
CA PHE G 140 -40.92 22.00 41.02
C PHE G 140 -39.82 21.64 42.00
N TYR G 141 -39.94 20.46 42.61
CA TYR G 141 -38.97 19.91 43.53
C TYR G 141 -38.99 18.40 43.36
N PRO G 142 -37.84 17.74 43.23
CA PRO G 142 -36.47 18.30 43.23
C PRO G 142 -36.13 19.18 42.03
N GLY G 143 -35.02 19.91 42.12
CA GLY G 143 -34.60 20.81 41.07
C GLY G 143 -33.94 20.14 39.88
N ALA G 144 -34.70 19.31 39.17
CA ALA G 144 -34.16 18.58 38.02
C ALA G 144 -35.28 18.42 37.00
N VAL G 145 -35.12 19.05 35.83
CA VAL G 145 -36.12 18.98 34.77
C VAL G 145 -35.40 18.87 33.43
N THR G 146 -36.09 18.27 32.46
CA THR G 146 -35.63 18.19 31.07
C THR G 146 -36.73 18.73 30.17
N VAL G 147 -36.34 19.47 29.15
CA VAL G 147 -37.27 20.20 28.28
C VAL G 147 -37.10 19.69 26.86
N ALA G 148 -38.22 19.29 26.25
CA ALA G 148 -38.26 18.87 24.86
C ALA G 148 -39.28 19.72 24.11
N TRP G 149 -38.88 20.25 22.96
CA TRP G 149 -39.74 21.06 22.11
C TRP G 149 -40.26 20.23 20.94
N LYS G 150 -41.42 20.62 20.41
CA LYS G 150 -42.09 19.87 19.37
C LYS G 150 -42.69 20.82 18.34
N ALA G 151 -42.47 20.51 17.06
CA ALA G 151 -43.16 21.16 15.96
C ALA G 151 -44.30 20.25 15.51
N ASP G 152 -45.53 20.73 15.64
CA ASP G 152 -46.72 19.91 15.45
C ASP G 152 -46.63 18.66 16.32
N SER G 153 -45.86 17.67 15.86
CA SER G 153 -45.55 16.51 16.69
C SER G 153 -44.16 15.96 16.41
N SER G 154 -43.30 16.73 15.73
CA SER G 154 -41.94 16.39 15.33
C SER G 154 -40.93 17.07 16.25
N PRO G 155 -39.84 16.38 16.60
CA PRO G 155 -38.86 16.94 17.53
C PRO G 155 -38.07 18.10 16.90
N VAL G 156 -37.81 19.12 17.71
CA VAL G 156 -37.01 20.27 17.31
C VAL G 156 -35.85 20.40 18.28
N LYS G 157 -34.63 20.51 17.73
CA LYS G 157 -33.43 20.65 18.54
C LYS G 157 -32.71 21.98 18.33
N ALA G 158 -32.76 22.55 17.13
CA ALA G 158 -32.04 23.79 16.85
C ALA G 158 -32.78 25.00 17.41
N GLY G 159 -32.02 25.96 17.93
CA GLY G 159 -32.60 27.19 18.43
C GLY G 159 -33.14 27.14 19.84
N VAL G 160 -32.76 26.14 20.64
CA VAL G 160 -33.28 25.96 21.99
C VAL G 160 -32.23 26.45 22.98
N GLU G 161 -32.65 27.32 23.90
CA GLU G 161 -31.80 27.81 24.98
C GLU G 161 -32.55 27.58 26.28
N THR G 162 -31.98 26.78 27.17
CA THR G 162 -32.64 26.40 28.42
C THR G 162 -31.74 26.73 29.60
N THR G 163 -32.30 27.42 30.60
CA THR G 163 -31.57 27.68 31.83
C THR G 163 -31.35 26.39 32.62
N THR G 164 -30.55 26.50 33.61
CA THR G 164 -30.41 25.48 34.62
C THR G 164 -31.38 25.76 35.77
N PRO G 165 -31.88 24.73 36.44
CA PRO G 165 -32.78 24.94 37.58
C PRO G 165 -32.13 25.79 38.66
N SER G 166 -32.85 26.81 39.12
CA SER G 166 -32.37 27.71 40.16
C SER G 166 -33.36 27.75 41.32
N LYS G 167 -32.82 27.79 42.54
CA LYS G 167 -33.65 27.79 43.73
C LYS G 167 -34.35 29.14 43.87
N GLN G 168 -35.68 29.12 43.89
CA GLN G 168 -36.47 30.33 44.06
C GLN G 168 -36.72 30.56 45.56
N SER G 169 -37.75 31.33 45.89
CA SER G 169 -37.96 31.77 47.27
C SER G 169 -38.35 30.60 48.18
N ASN G 170 -39.42 29.89 47.81
CA ASN G 170 -39.97 28.84 48.67
C ASN G 170 -39.19 27.54 48.61
N ASN G 171 -37.91 27.59 48.27
CA ASN G 171 -36.99 26.44 48.21
C ASN G 171 -37.35 25.48 47.09
N LYS G 172 -38.40 25.75 46.31
CA LYS G 172 -38.62 25.04 45.07
C LYS G 172 -37.69 25.62 43.99
N TYR G 173 -37.82 25.12 42.77
CA TYR G 173 -36.93 25.52 41.70
C TYR G 173 -37.70 26.08 40.52
N ALA G 174 -36.99 26.83 39.68
CA ALA G 174 -37.56 27.47 38.50
C ALA G 174 -36.59 27.33 37.34
N ALA G 175 -37.13 27.40 36.13
CA ALA G 175 -36.34 27.31 34.91
C ALA G 175 -37.12 27.90 33.76
N SER G 176 -36.43 28.20 32.67
CA SER G 176 -37.06 28.78 31.48
C SER G 176 -36.40 28.23 30.24
N SER G 177 -37.20 27.98 29.21
CA SER G 177 -36.71 27.46 27.94
C SER G 177 -37.19 28.35 26.81
N TYR G 178 -36.28 28.68 25.88
CA TYR G 178 -36.56 29.59 24.78
C TYR G 178 -36.28 28.89 23.45
N LEU G 179 -37.18 29.09 22.49
CA LEU G 179 -37.02 28.55 21.14
C LEU G 179 -37.04 29.72 20.15
N SER G 180 -35.89 30.00 19.56
CA SER G 180 -35.79 31.05 18.55
C SER G 180 -36.19 30.51 17.19
N LEU G 181 -37.15 31.18 16.56
CA LEU G 181 -37.67 30.76 15.26
C LEU G 181 -37.78 31.95 14.33
N THR G 182 -37.90 31.66 13.01
CA THR G 182 -38.24 32.68 12.05
C THR G 182 -39.75 32.78 11.90
N PRO G 183 -40.26 33.97 11.56
CA PRO G 183 -41.73 34.12 11.41
C PRO G 183 -42.33 33.15 10.40
N GLU G 184 -41.57 32.72 9.39
CA GLU G 184 -42.09 31.75 8.43
C GLU G 184 -42.24 30.37 9.05
N GLN G 185 -41.25 29.93 9.82
CA GLN G 185 -41.34 28.64 10.49
C GLN G 185 -42.47 28.59 11.50
N TRP G 186 -42.77 29.71 12.15
CA TRP G 186 -43.85 29.75 13.13
C TRP G 186 -45.21 29.69 12.46
N LYS G 187 -45.35 30.35 11.30
CA LYS G 187 -46.62 30.35 10.58
C LYS G 187 -46.82 29.11 9.71
N SER G 188 -45.75 28.37 9.42
CA SER G 188 -45.88 27.19 8.56
C SER G 188 -46.59 26.06 9.29
N HIS G 189 -46.09 25.69 10.46
CA HIS G 189 -46.69 24.60 11.22
C HIS G 189 -47.98 25.07 11.89
N ARG G 190 -48.76 24.10 12.37
CA ARG G 190 -50.04 24.40 13.01
C ARG G 190 -49.92 24.64 14.50
N SER G 191 -48.89 24.12 15.16
CA SER G 191 -48.74 24.26 16.60
C SER G 191 -47.33 23.88 17.02
N TYR G 192 -46.86 24.50 18.09
CA TYR G 192 -45.61 24.14 18.75
C TYR G 192 -45.89 23.79 20.21
N SER G 193 -45.07 22.88 20.75
CA SER G 193 -45.31 22.35 22.08
C SER G 193 -44.03 22.41 22.92
N CYS G 194 -44.21 22.65 24.22
CA CYS G 194 -43.14 22.59 25.20
C CYS G 194 -43.45 21.46 26.17
N GLN G 195 -42.57 20.46 26.22
CA GLN G 195 -42.78 19.25 27.02
C GLN G 195 -41.76 19.23 28.15
N VAL G 196 -42.24 19.30 29.38
CA VAL G 196 -41.39 19.33 30.58
C VAL G 196 -41.62 18.04 31.35
N THR G 197 -40.53 17.31 31.63
CA THR G 197 -40.57 16.07 32.38
C THR G 197 -39.91 16.26 33.74
N HIS G 198 -40.57 15.79 34.80
CA HIS G 198 -40.08 15.93 36.17
C HIS G 198 -40.32 14.62 36.89
N GLU G 199 -39.30 13.77 36.95
CA GLU G 199 -39.34 12.49 37.66
C GLU G 199 -40.53 11.64 37.21
N GLY G 200 -40.47 11.24 35.94
CA GLY G 200 -41.49 10.37 35.39
C GLY G 200 -42.75 11.07 34.90
N SER G 201 -43.16 12.14 35.58
CA SER G 201 -44.33 12.89 35.16
C SER G 201 -43.98 13.85 34.04
N THR G 202 -44.95 14.11 33.18
CA THR G 202 -44.75 14.95 32.00
C THR G 202 -45.91 15.93 31.86
N VAL G 203 -45.57 17.22 31.75
CA VAL G 203 -46.54 18.29 31.53
C VAL G 203 -46.21 18.95 30.20
N GLU G 204 -47.23 19.15 29.36
CA GLU G 204 -47.04 19.71 28.02
C GLU G 204 -48.03 20.84 27.78
N LYS G 205 -47.54 21.93 27.19
CA LYS G 205 -48.36 23.06 26.78
C LYS G 205 -48.14 23.34 25.30
N THR G 206 -49.20 23.82 24.63
CA THR G 206 -49.19 23.98 23.18
C THR G 206 -49.82 25.32 22.79
N VAL G 207 -49.16 26.02 21.86
CA VAL G 207 -49.65 27.27 21.31
C VAL G 207 -49.74 27.13 19.79
N ALA G 208 -50.60 27.95 19.19
CA ALA G 208 -50.88 27.90 17.77
C ALA G 208 -50.87 29.31 17.17
N PRO G 209 -50.40 29.45 15.92
CA PRO G 209 -50.40 30.77 15.27
C PRO G 209 -51.80 31.25 14.90
N THR G 210 -52.37 32.11 15.75
CA THR G 210 -53.69 32.67 15.52
C THR G 210 -53.70 34.17 15.78
N GLU H 1 -14.26 -11.31 -49.68
CA GLU H 1 -13.79 -10.96 -48.35
C GLU H 1 -12.30 -11.29 -48.21
N VAL H 2 -11.62 -10.55 -47.34
CA VAL H 2 -10.19 -10.75 -47.14
C VAL H 2 -10.00 -11.84 -46.10
N GLN H 3 -8.79 -12.37 -46.04
CA GLN H 3 -8.46 -13.40 -45.07
C GLN H 3 -7.06 -13.13 -44.52
N LEU H 4 -6.87 -13.45 -43.25
CA LEU H 4 -5.60 -13.26 -42.55
C LEU H 4 -5.13 -14.63 -42.08
N VAL H 5 -4.09 -15.16 -42.72
CA VAL H 5 -3.52 -16.45 -42.36
C VAL H 5 -2.26 -16.22 -41.53
N GLN H 6 -2.25 -16.78 -40.33
CA GLN H 6 -1.13 -16.69 -39.41
C GLN H 6 -0.26 -17.96 -39.50
N SER H 7 0.92 -17.88 -38.88
CA SER H 7 1.83 -19.02 -38.90
C SER H 7 1.28 -20.16 -38.04
N GLY H 8 1.88 -21.34 -38.22
CA GLY H 8 1.43 -22.52 -37.51
C GLY H 8 1.70 -22.43 -36.02
N ALA H 9 1.18 -23.41 -35.29
CA ALA H 9 1.32 -23.44 -33.84
C ALA H 9 2.79 -23.52 -33.45
N GLU H 10 3.07 -23.06 -32.23
CA GLU H 10 4.43 -22.97 -31.72
C GLU H 10 4.47 -23.53 -30.31
N VAL H 11 5.55 -24.23 -29.98
CA VAL H 11 5.82 -24.71 -28.63
C VAL H 11 7.22 -24.26 -28.26
N LYS H 12 7.35 -23.58 -27.12
CA LYS H 12 8.62 -22.99 -26.72
C LYS H 12 8.87 -23.25 -25.25
N LYS H 13 10.15 -23.20 -24.89
CA LYS H 13 10.68 -23.33 -23.54
C LYS H 13 10.76 -21.97 -22.87
N PRO H 14 10.46 -21.87 -21.57
CA PRO H 14 10.58 -20.57 -20.88
C PRO H 14 11.96 -19.96 -21.09
N GLY H 15 11.97 -18.67 -21.46
CA GLY H 15 13.18 -17.93 -21.71
C GLY H 15 13.43 -17.65 -23.19
N SER H 16 12.90 -18.49 -24.08
CA SER H 16 13.09 -18.31 -25.51
C SER H 16 12.19 -17.21 -26.05
N SER H 17 11.98 -17.21 -27.37
CA SER H 17 11.13 -16.22 -28.02
C SER H 17 10.36 -16.87 -29.15
N VAL H 18 9.23 -16.27 -29.50
CA VAL H 18 8.38 -16.75 -30.57
C VAL H 18 8.05 -15.56 -31.46
N LYS H 19 7.91 -15.83 -32.76
CA LYS H 19 7.55 -14.81 -33.74
C LYS H 19 6.43 -15.34 -34.61
N VAL H 20 5.24 -14.75 -34.48
CA VAL H 20 4.07 -15.18 -35.22
C VAL H 20 3.86 -14.23 -36.38
N SER H 21 3.66 -14.78 -37.57
CA SER H 21 3.38 -14.00 -38.77
C SER H 21 1.88 -13.94 -39.00
N CYS H 22 1.50 -13.04 -39.90
CA CYS H 22 0.08 -12.86 -40.21
C CYS H 22 -0.02 -12.21 -41.59
N LYS H 23 -0.26 -13.04 -42.60
CA LYS H 23 -0.35 -12.55 -43.97
C LYS H 23 -1.59 -11.69 -44.14
N ALA H 24 -1.48 -10.62 -44.91
CA ALA H 24 -2.61 -9.73 -45.15
C ALA H 24 -3.24 -10.11 -46.49
N SER H 25 -4.03 -9.21 -47.07
CA SER H 25 -4.71 -9.51 -48.32
C SER H 25 -4.67 -8.29 -49.21
N GLY H 26 -3.85 -8.35 -50.26
CA GLY H 26 -3.78 -7.21 -51.16
C GLY H 26 -3.33 -5.98 -50.43
N GLY H 27 -3.97 -4.86 -50.72
CA GLY H 27 -3.67 -3.61 -50.06
C GLY H 27 -4.49 -3.45 -48.80
N THR H 28 -4.34 -4.40 -47.88
CA THR H 28 -5.10 -4.31 -46.65
C THR H 28 -4.61 -3.16 -45.79
N PHE H 29 -3.34 -2.80 -45.91
CA PHE H 29 -2.82 -1.76 -45.04
C PHE H 29 -3.49 -0.42 -45.29
N SER H 30 -3.96 -0.19 -46.51
CA SER H 30 -4.63 1.07 -46.84
C SER H 30 -5.86 1.26 -45.96
N SER H 31 -5.81 2.27 -45.09
CA SER H 31 -6.95 2.67 -44.24
C SER H 31 -7.44 1.52 -43.37
N TYR H 32 -6.51 0.73 -42.84
CA TYR H 32 -6.86 -0.34 -41.92
C TYR H 32 -5.66 -0.61 -41.03
N GLY H 33 -5.87 -0.57 -39.72
CA GLY H 33 -4.84 -0.96 -38.78
C GLY H 33 -4.89 -2.44 -38.43
N ILE H 34 -3.88 -2.89 -37.70
CA ILE H 34 -3.75 -4.30 -37.33
C ILE H 34 -3.44 -4.40 -35.84
N SER H 35 -4.21 -5.23 -35.15
CA SER H 35 -4.04 -5.49 -33.73
C SER H 35 -3.68 -6.95 -33.47
N TRP H 36 -2.95 -7.16 -32.38
CA TRP H 36 -2.57 -8.49 -31.93
C TRP H 36 -3.21 -8.75 -30.58
N VAL H 37 -4.06 -9.78 -30.53
CA VAL H 37 -4.83 -10.10 -29.33
C VAL H 37 -4.64 -11.58 -29.02
N ARG H 38 -4.26 -11.88 -27.79
CA ARG H 38 -4.10 -13.25 -27.32
C ARG H 38 -5.22 -13.58 -26.35
N GLN H 39 -5.48 -14.88 -26.23
CA GLN H 39 -6.54 -15.39 -25.36
C GLN H 39 -6.05 -16.66 -24.69
N ALA H 40 -5.79 -16.59 -23.39
CA ALA H 40 -5.37 -17.75 -22.66
C ALA H 40 -6.50 -18.79 -22.63
N PRO H 41 -6.16 -20.05 -22.40
CA PRO H 41 -7.21 -21.10 -22.32
C PRO H 41 -8.21 -20.80 -21.21
N GLY H 42 -9.48 -20.69 -21.59
CA GLY H 42 -10.54 -20.42 -20.64
C GLY H 42 -10.58 -19.02 -20.08
N LEU H 43 -9.75 -18.11 -20.58
CA LEU H 43 -9.71 -16.74 -20.11
C LEU H 43 -10.24 -15.81 -21.19
N GLY H 44 -10.25 -14.52 -20.88
CA GLY H 44 -10.74 -13.51 -21.79
C GLY H 44 -9.71 -13.07 -22.81
N LEU H 45 -10.07 -12.01 -23.54
CA LEU H 45 -9.19 -11.44 -24.55
C LEU H 45 -8.26 -10.43 -23.90
N GLU H 46 -7.07 -10.29 -24.47
CA GLU H 46 -6.06 -9.36 -23.96
C GLU H 46 -5.35 -8.73 -25.14
N TRP H 47 -5.60 -7.43 -25.37
CA TRP H 47 -4.90 -6.70 -26.41
C TRP H 47 -3.42 -6.60 -26.06
N MET H 48 -2.56 -6.95 -27.00
CA MET H 48 -1.12 -6.86 -26.78
C MET H 48 -0.50 -5.63 -27.40
N GLY H 49 -0.91 -5.29 -28.61
CA GLY H 49 -0.31 -4.18 -29.33
C GLY H 49 -0.84 -4.14 -30.74
N GLY H 50 -0.44 -3.08 -31.43
CA GLY H 50 -0.94 -2.89 -32.78
C GLY H 50 -0.03 -2.09 -33.66
N VAL H 51 -0.53 -1.71 -34.83
CA VAL H 51 0.27 -1.01 -35.81
C VAL H 51 -0.69 -0.38 -36.80
N ILE H 52 -0.29 0.78 -37.34
CA ILE H 52 -1.02 1.46 -38.40
C ILE H 52 -0.04 1.73 -39.53
N PRO H 53 -0.20 1.08 -40.67
CA PRO H 53 0.77 1.28 -41.76
C PRO H 53 0.62 2.63 -42.46
N ILE H 54 -0.60 3.15 -42.61
CA ILE H 54 -0.75 4.43 -43.29
C ILE H 54 -0.15 5.57 -42.48
N LEU H 55 -0.19 5.49 -41.15
CA LEU H 55 0.47 6.48 -40.29
C LEU H 55 1.87 6.09 -39.91
N SER H 56 2.36 4.93 -40.36
CA SER H 56 3.65 4.39 -39.95
C SER H 56 3.82 4.50 -38.43
N ALA H 57 2.86 3.90 -37.73
CA ALA H 57 2.75 4.04 -36.28
C ALA H 57 2.36 2.70 -35.70
N LYS H 58 2.59 2.56 -34.40
CA LYS H 58 2.30 1.34 -33.67
C LYS H 58 2.31 1.65 -32.18
N HIS H 59 1.48 0.93 -31.44
CA HIS H 59 1.41 1.09 -29.99
C HIS H 59 1.43 -0.27 -29.35
N TYR H 60 1.65 -0.27 -28.03
CA TYR H 60 1.74 -1.50 -27.28
C TYR H 60 0.96 -1.36 -25.99
N ALA H 61 0.48 -2.48 -25.49
CA ALA H 61 -0.27 -2.48 -24.25
C ALA H 61 0.70 -2.52 -23.07
N GLN H 62 0.39 -1.72 -22.04
CA GLN H 62 1.16 -1.66 -20.81
C GLN H 62 1.73 -3.01 -20.37
N ARG H 63 0.88 -4.05 -20.33
CA ARG H 63 1.31 -5.35 -19.82
C ARG H 63 2.53 -5.88 -20.57
N PHE H 64 2.51 -5.77 -21.91
CA PHE H 64 3.56 -6.31 -22.76
C PHE H 64 4.57 -5.26 -23.20
N GLN H 65 4.57 -4.09 -22.57
CA GLN H 65 5.47 -3.01 -22.95
C GLN H 65 6.88 -3.33 -22.50
N GLY H 66 7.76 -3.65 -23.45
CA GLY H 66 9.15 -3.95 -23.15
C GLY H 66 9.58 -5.38 -23.39
N ARG H 67 8.68 -6.24 -23.89
CA ARG H 67 9.00 -7.63 -24.20
C ARG H 67 8.29 -8.10 -25.46
N VAL H 68 7.94 -7.16 -26.35
CA VAL H 68 7.18 -7.48 -27.54
C VAL H 68 7.66 -6.58 -28.67
N THR H 69 7.56 -7.09 -29.89
CA THR H 69 7.92 -6.33 -31.08
C THR H 69 6.91 -6.62 -32.17
N ILE H 70 6.38 -5.57 -32.78
CA ILE H 70 5.39 -5.70 -33.85
C ILE H 70 5.94 -4.99 -35.08
N THR H 71 6.17 -5.76 -36.14
CA THR H 71 6.74 -5.23 -37.37
C THR H 71 5.70 -5.34 -38.49
N ALA H 72 5.94 -4.57 -39.55
CA ALA H 72 5.02 -4.54 -40.70
C ALA H 72 5.84 -4.29 -41.96
N ASP H 73 6.17 -5.37 -42.67
CA ASP H 73 6.90 -5.28 -43.94
C ASP H 73 5.88 -4.98 -45.03
N LYS H 74 5.86 -3.73 -45.50
CA LYS H 74 4.85 -3.32 -46.46
C LYS H 74 5.09 -3.89 -47.85
N SER H 75 6.34 -4.24 -48.18
CA SER H 75 6.61 -4.86 -49.47
C SER H 75 5.93 -6.22 -49.57
N THR H 76 6.10 -7.06 -48.54
CA THR H 76 5.38 -8.32 -48.46
C THR H 76 3.92 -8.15 -48.07
N GLY H 77 3.56 -6.99 -47.51
CA GLY H 77 2.22 -6.79 -47.00
C GLY H 77 1.86 -7.81 -45.94
N THR H 78 2.56 -7.78 -44.81
CA THR H 78 2.32 -8.70 -43.70
C THR H 78 2.88 -8.10 -42.42
N ALA H 79 2.37 -8.58 -41.29
CA ALA H 79 2.78 -8.13 -39.98
C ALA H 79 3.36 -9.28 -39.18
N TYR H 80 4.16 -8.92 -38.19
CA TYR H 80 4.77 -9.90 -37.32
C TYR H 80 4.64 -9.46 -35.88
N MET H 81 4.65 -10.43 -34.97
CA MET H 81 4.59 -10.17 -33.55
C MET H 81 5.54 -11.14 -32.88
N GLU H 82 6.56 -10.61 -32.22
CA GLU H 82 7.59 -11.42 -31.56
C GLU H 82 7.54 -11.15 -30.07
N LEU H 83 7.33 -12.20 -29.29
CA LEU H 83 7.30 -12.11 -27.84
C LEU H 83 8.49 -12.88 -27.31
N SER H 84 9.35 -12.20 -26.55
CA SER H 84 10.57 -12.79 -26.02
C SER H 84 10.47 -12.93 -24.51
N SER H 85 11.39 -13.72 -23.95
CA SER H 85 11.43 -14.03 -22.52
C SER H 85 10.10 -14.62 -22.07
N LEU H 86 9.74 -15.71 -22.75
CA LEU H 86 8.42 -16.32 -22.56
C LEU H 86 8.30 -16.99 -21.20
N ARG H 87 7.08 -16.93 -20.65
CA ARG H 87 6.73 -17.58 -19.40
C ARG H 87 5.55 -18.52 -19.63
N SER H 88 5.29 -19.37 -18.63
CA SER H 88 4.20 -20.33 -18.77
C SER H 88 2.86 -19.63 -18.93
N GLU H 89 2.66 -18.48 -18.27
CA GLU H 89 1.40 -17.76 -18.40
C GLU H 89 1.20 -17.19 -19.80
N ASP H 90 2.26 -17.12 -20.60
CA ASP H 90 2.12 -16.67 -21.98
C ASP H 90 1.53 -17.72 -22.89
N THR H 91 1.28 -18.92 -22.37
CA THR H 91 0.60 -19.94 -23.17
C THR H 91 -0.82 -19.49 -23.48
N ALA H 92 -1.10 -19.30 -24.75
CA ALA H 92 -2.39 -18.76 -25.16
C ALA H 92 -2.52 -19.00 -26.66
N VAL H 93 -3.68 -18.62 -27.20
CA VAL H 93 -3.88 -18.56 -28.64
C VAL H 93 -3.73 -17.09 -29.03
N TYR H 94 -2.84 -16.83 -29.97
CA TYR H 94 -2.51 -15.48 -30.40
C TYR H 94 -3.22 -15.17 -31.71
N TYR H 95 -3.98 -14.06 -31.72
CA TYR H 95 -4.79 -13.68 -32.86
C TYR H 95 -4.24 -12.43 -33.53
N CYS H 96 -4.54 -12.32 -34.82
CA CYS H 96 -4.20 -11.16 -35.64
C CYS H 96 -5.44 -10.76 -36.43
N ALA H 97 -5.85 -9.50 -36.31
CA ALA H 97 -7.08 -9.04 -36.94
C ALA H 97 -6.89 -7.62 -37.46
N ARG H 98 -7.63 -7.28 -38.51
CA ARG H 98 -7.61 -5.92 -39.04
C ARG H 98 -8.63 -5.07 -38.29
N ASP H 99 -8.23 -3.88 -37.87
CA ASP H 99 -9.07 -2.97 -37.13
C ASP H 99 -9.53 -1.84 -38.02
N ILE H 100 -10.83 -1.58 -38.04
CA ILE H 100 -11.33 -0.38 -38.70
C ILE H 100 -11.01 0.82 -37.83
N LEU H 101 -10.45 1.86 -38.44
CA LEU H 101 -9.91 2.99 -37.72
C LEU H 101 -10.98 4.06 -37.54
N HIS H 102 -10.99 4.67 -36.37
CA HIS H 102 -11.86 5.81 -36.08
C HIS H 102 -11.01 7.07 -36.00
N HIS H 103 -11.58 8.18 -36.44
CA HIS H 103 -10.90 9.48 -36.40
C HIS H 103 -11.60 10.36 -35.38
N ASP H 104 -10.99 10.51 -34.21
CA ASP H 104 -11.46 11.47 -33.21
C ASP H 104 -10.82 12.80 -33.52
N ASP H 105 -11.54 13.66 -34.25
CA ASP H 105 -10.99 14.94 -34.66
C ASP H 105 -10.94 15.94 -33.51
N LEU H 106 -11.76 15.75 -32.47
CA LEU H 106 -11.75 16.70 -31.35
C LEU H 106 -10.37 16.78 -30.72
N TRP H 107 -9.72 15.64 -30.54
CA TRP H 107 -8.39 15.56 -29.96
C TRP H 107 -7.31 15.23 -30.99
N GLY H 108 -7.69 15.09 -32.27
CA GLY H 108 -6.75 14.80 -33.32
C GLY H 108 -6.07 13.47 -33.14
N ARG H 109 -6.85 12.41 -32.88
CA ARG H 109 -6.27 11.10 -32.67
C ARG H 109 -6.84 10.07 -33.63
N PHE H 110 -6.13 8.94 -33.72
CA PHE H 110 -6.45 7.84 -34.63
C PHE H 110 -6.17 6.53 -33.90
N TYR H 111 -7.24 5.88 -33.41
CA TYR H 111 -7.13 4.63 -32.69
C TYR H 111 -8.04 3.56 -33.30
N TYR H 112 -7.84 2.32 -32.86
CA TYR H 112 -8.61 1.19 -33.37
C TYR H 112 -10.04 1.25 -32.83
N ASP H 113 -11.00 0.97 -33.71
CA ASP H 113 -12.41 1.03 -33.35
C ASP H 113 -13.10 -0.25 -33.82
N GLY H 114 -12.68 -1.36 -33.27
CA GLY H 114 -13.27 -2.63 -33.66
C GLY H 114 -12.45 -3.32 -34.75
N MET H 115 -12.43 -4.65 -34.68
CA MET H 115 -11.68 -5.47 -35.63
C MET H 115 -12.64 -6.47 -36.26
N ASP H 116 -13.00 -6.23 -37.53
CA ASP H 116 -14.03 -7.04 -38.17
C ASP H 116 -13.49 -8.38 -38.65
N VAL H 117 -12.53 -8.37 -39.57
CA VAL H 117 -11.98 -9.60 -40.09
C VAL H 117 -10.90 -10.09 -39.12
N TRP H 118 -10.98 -11.37 -38.76
CA TRP H 118 -10.04 -11.97 -37.84
C TRP H 118 -9.19 -13.02 -38.55
N GLY H 119 -7.99 -13.25 -38.02
CA GLY H 119 -7.20 -14.40 -38.40
C GLY H 119 -7.71 -15.65 -37.72
N GLN H 120 -7.07 -16.78 -38.04
CA GLN H 120 -7.45 -18.06 -37.46
C GLN H 120 -6.76 -18.34 -36.12
N GLY H 121 -5.84 -17.47 -35.70
CA GLY H 121 -5.19 -17.65 -34.42
C GLY H 121 -4.02 -18.60 -34.44
N THR H 122 -3.03 -18.38 -33.57
CA THR H 122 -1.86 -19.23 -33.47
C THR H 122 -1.70 -19.69 -32.02
N THR H 123 -1.76 -21.00 -31.82
CA THR H 123 -1.61 -21.57 -30.49
C THR H 123 -0.14 -21.63 -30.12
N VAL H 124 0.20 -21.01 -29.00
CA VAL H 124 1.56 -21.00 -28.49
C VAL H 124 1.56 -21.59 -27.08
N THR H 125 2.40 -22.60 -26.88
CA THR H 125 2.50 -23.29 -25.60
C THR H 125 3.89 -23.09 -25.02
N VAL H 126 3.95 -22.74 -23.74
CA VAL H 126 5.22 -22.54 -23.04
C VAL H 126 5.25 -23.48 -21.86
N SER H 127 6.17 -24.45 -21.89
CA SER H 127 6.31 -25.42 -20.81
C SER H 127 7.78 -25.81 -20.68
N SER H 128 8.21 -25.99 -19.43
CA SER H 128 9.61 -26.35 -19.18
C SER H 128 9.95 -27.74 -19.70
N ALA H 129 9.00 -28.67 -19.62
CA ALA H 129 9.22 -30.02 -20.09
C ALA H 129 9.47 -30.04 -21.60
N SER H 130 10.03 -31.15 -22.08
CA SER H 130 10.39 -31.30 -23.47
C SER H 130 9.53 -32.39 -24.14
N THR H 131 9.89 -32.73 -25.37
CA THR H 131 9.08 -33.63 -26.19
C THR H 131 9.14 -35.06 -25.65
N LYS H 132 8.06 -35.80 -25.88
CA LYS H 132 7.99 -37.20 -25.49
C LYS H 132 6.84 -37.86 -26.23
N GLY H 133 7.10 -39.07 -26.76
CA GLY H 133 6.06 -39.84 -27.40
C GLY H 133 5.11 -40.45 -26.40
N PRO H 134 3.87 -40.66 -26.80
CA PRO H 134 2.86 -41.14 -25.85
C PRO H 134 2.92 -42.65 -25.65
N SER H 135 2.47 -43.08 -24.48
CA SER H 135 2.27 -44.49 -24.19
C SER H 135 0.80 -44.80 -24.39
N VAL H 136 0.49 -45.60 -25.41
CA VAL H 136 -0.88 -45.90 -25.79
C VAL H 136 -1.30 -47.24 -25.22
N PHE H 137 -2.40 -47.25 -24.47
CA PHE H 137 -2.92 -48.47 -23.87
C PHE H 137 -4.36 -48.71 -24.34
N PRO H 138 -4.76 -49.96 -24.52
CA PRO H 138 -6.12 -50.26 -24.97
C PRO H 138 -7.11 -50.27 -23.81
N LEU H 139 -8.31 -49.76 -24.06
CA LEU H 139 -9.39 -49.80 -23.09
C LEU H 139 -10.36 -50.89 -23.55
N ALA H 140 -10.17 -52.10 -23.05
CA ALA H 140 -10.89 -53.26 -23.55
C ALA H 140 -12.36 -53.21 -23.13
N PRO H 141 -13.24 -53.75 -23.96
CA PRO H 141 -14.65 -53.85 -23.57
C PRO H 141 -14.93 -55.11 -22.76
N SER H 142 -15.89 -54.99 -21.85
CA SER H 142 -16.29 -56.09 -20.98
C SER H 142 -17.79 -55.99 -20.77
N SER H 143 -18.31 -56.77 -19.80
CA SER H 143 -19.72 -56.69 -19.44
C SER H 143 -20.05 -55.42 -18.66
N LYS H 144 -19.04 -54.71 -18.16
CA LYS H 144 -19.26 -53.50 -17.38
C LYS H 144 -19.30 -52.24 -18.23
N SER H 145 -18.74 -52.28 -19.45
CA SER H 145 -18.88 -51.21 -20.42
C SER H 145 -19.92 -51.53 -21.48
N THR H 146 -20.73 -52.57 -21.26
CA THR H 146 -21.76 -52.99 -22.19
C THR H 146 -23.13 -52.57 -21.65
N SER H 147 -23.95 -51.97 -22.51
CA SER H 147 -25.29 -51.54 -22.13
C SER H 147 -26.20 -51.66 -23.34
N GLY H 148 -27.19 -52.55 -23.25
CA GLY H 148 -28.17 -52.69 -24.32
C GLY H 148 -27.63 -53.24 -25.63
N GLY H 149 -26.70 -54.19 -25.56
CA GLY H 149 -26.14 -54.79 -26.75
C GLY H 149 -25.08 -53.98 -27.46
N THR H 150 -24.70 -52.82 -26.93
CA THR H 150 -23.64 -52.00 -27.49
C THR H 150 -22.49 -51.92 -26.49
N ALA H 151 -21.26 -52.03 -27.00
CA ALA H 151 -20.06 -52.06 -26.18
C ALA H 151 -19.22 -50.82 -26.41
N ALA H 152 -18.53 -50.39 -25.36
CA ALA H 152 -17.68 -49.22 -25.40
C ALA H 152 -16.22 -49.64 -25.18
N LEU H 153 -15.38 -49.39 -26.19
CA LEU H 153 -13.95 -49.68 -26.13
C LEU H 153 -13.18 -48.47 -26.62
N GLY H 154 -11.96 -48.33 -26.12
CA GLY H 154 -11.18 -47.15 -26.44
C GLY H 154 -9.69 -47.35 -26.28
N CYS H 155 -8.97 -46.23 -26.30
CA CYS H 155 -7.52 -46.21 -26.18
C CYS H 155 -7.10 -45.07 -25.27
N LEU H 156 -6.13 -45.36 -24.39
CA LEU H 156 -5.57 -44.35 -23.49
C LEU H 156 -4.25 -43.86 -24.05
N VAL H 157 -4.19 -42.58 -24.39
CA VAL H 157 -2.99 -41.94 -24.91
C VAL H 157 -2.39 -41.13 -23.76
N LYS H 158 -1.44 -41.72 -23.05
CA LYS H 158 -0.98 -41.17 -21.78
C LYS H 158 0.44 -40.65 -21.89
N ASP H 159 0.70 -39.55 -21.19
CA ASP H 159 2.04 -38.99 -20.98
C ASP H 159 2.72 -38.66 -22.29
N TYR H 160 2.31 -37.56 -22.94
CA TYR H 160 2.96 -37.08 -24.13
C TYR H 160 3.11 -35.57 -24.04
N PHE H 161 3.97 -35.03 -24.90
CA PHE H 161 4.19 -33.59 -25.00
C PHE H 161 4.91 -33.32 -26.30
N PRO H 162 4.51 -32.29 -27.05
CA PRO H 162 3.36 -31.45 -26.73
C PRO H 162 2.12 -31.78 -27.58
N GLU H 163 1.10 -30.93 -27.46
CA GLU H 163 -0.06 -31.01 -28.35
C GLU H 163 0.39 -30.76 -29.79
N PRO H 164 -0.36 -31.27 -30.78
CA PRO H 164 -1.56 -32.09 -30.65
C PRO H 164 -1.34 -33.58 -30.93
N VAL H 165 -2.36 -34.38 -30.63
CA VAL H 165 -2.38 -35.79 -31.00
C VAL H 165 -3.69 -36.07 -31.71
N THR H 166 -3.61 -36.72 -32.87
CA THR H 166 -4.77 -37.09 -33.67
C THR H 166 -4.96 -38.60 -33.59
N VAL H 167 -6.20 -39.01 -33.40
CA VAL H 167 -6.55 -40.42 -33.23
C VAL H 167 -7.63 -40.78 -34.25
N SER H 168 -7.44 -41.89 -34.94
CA SER H 168 -8.45 -42.47 -35.80
C SER H 168 -8.60 -43.94 -35.47
N TRP H 169 -9.65 -44.56 -35.99
CA TRP H 169 -9.97 -45.96 -35.71
C TRP H 169 -10.08 -46.72 -37.02
N ASN H 170 -9.37 -47.85 -37.10
CA ASN H 170 -9.37 -48.71 -38.28
C ASN H 170 -8.94 -47.94 -39.53
N SER H 171 -7.91 -47.10 -39.37
CA SER H 171 -7.36 -46.30 -40.46
C SER H 171 -8.43 -45.42 -41.11
N GLY H 172 -9.38 -44.93 -40.31
CA GLY H 172 -10.41 -44.05 -40.82
C GLY H 172 -11.67 -44.75 -41.29
N ALA H 173 -11.66 -46.08 -41.42
CA ALA H 173 -12.84 -46.80 -41.87
C ALA H 173 -13.98 -46.75 -40.86
N LEU H 174 -13.67 -46.52 -39.58
CA LEU H 174 -14.67 -46.42 -38.54
C LEU H 174 -14.70 -44.99 -38.02
N THR H 175 -15.85 -44.34 -38.19
CA THR H 175 -16.00 -42.94 -37.76
C THR H 175 -17.19 -42.72 -36.83
N SER H 176 -18.31 -43.41 -37.05
CA SER H 176 -19.48 -43.22 -36.22
C SER H 176 -19.28 -43.88 -34.86
N GLY H 177 -19.82 -43.23 -33.82
CA GLY H 177 -19.66 -43.69 -32.46
C GLY H 177 -18.36 -43.31 -31.78
N VAL H 178 -17.40 -42.76 -32.51
CA VAL H 178 -16.11 -42.40 -31.95
C VAL H 178 -16.24 -41.09 -31.20
N HIS H 179 -15.59 -41.00 -30.02
CA HIS H 179 -15.59 -39.78 -29.23
C HIS H 179 -14.18 -39.59 -28.65
N THR H 180 -13.41 -38.70 -29.27
CA THR H 180 -12.06 -38.40 -28.81
C THR H 180 -12.12 -37.22 -27.84
N PHE H 181 -11.65 -37.43 -26.62
CA PHE H 181 -11.79 -36.42 -25.59
C PHE H 181 -10.57 -35.50 -25.55
N PRO H 182 -10.79 -34.22 -25.21
CA PRO H 182 -9.67 -33.29 -25.05
C PRO H 182 -8.66 -33.80 -24.01
N ALA H 183 -7.39 -33.51 -24.25
CA ALA H 183 -6.35 -34.00 -23.35
C ALA H 183 -6.34 -33.23 -22.05
N VAL H 184 -5.90 -33.90 -21.00
CA VAL H 184 -5.71 -33.26 -19.70
C VAL H 184 -4.24 -32.91 -19.54
N LEU H 185 -3.98 -31.78 -18.89
CA LEU H 185 -2.62 -31.32 -18.63
C LEU H 185 -2.27 -31.70 -17.20
N GLN H 186 -1.49 -32.75 -17.04
CA GLN H 186 -1.12 -33.21 -15.70
C GLN H 186 -0.15 -32.21 -15.06
N SER H 187 -0.02 -32.32 -13.74
CA SER H 187 0.91 -31.46 -13.02
C SER H 187 2.35 -31.68 -13.45
N SER H 188 2.66 -32.84 -14.04
CA SER H 188 3.99 -33.14 -14.53
C SER H 188 4.34 -32.39 -15.82
N GLY H 189 3.37 -31.72 -16.43
CA GLY H 189 3.58 -31.04 -17.69
C GLY H 189 3.30 -31.87 -18.93
N LEU H 190 3.01 -33.16 -18.79
CA LEU H 190 2.67 -34.01 -19.91
C LEU H 190 1.16 -34.04 -20.10
N TYR H 191 0.74 -34.33 -21.33
CA TYR H 191 -0.66 -34.42 -21.69
C TYR H 191 -1.10 -35.87 -21.74
N SER H 192 -2.42 -36.07 -21.61
CA SER H 192 -3.02 -37.40 -21.73
C SER H 192 -4.46 -37.23 -22.17
N LEU H 193 -4.86 -38.00 -23.17
CA LEU H 193 -6.24 -38.01 -23.64
C LEU H 193 -6.70 -39.45 -23.82
N SER H 194 -7.98 -39.60 -24.14
CA SER H 194 -8.59 -40.89 -24.39
C SER H 194 -9.58 -40.78 -25.53
N SER H 195 -9.74 -41.87 -26.26
CA SER H 195 -10.65 -41.91 -27.39
C SER H 195 -11.42 -43.22 -27.33
N VAL H 196 -12.74 -43.12 -27.31
CA VAL H 196 -13.63 -44.26 -27.14
C VAL H 196 -14.56 -44.34 -28.33
N VAL H 197 -15.03 -45.56 -28.62
CA VAL H 197 -16.01 -45.81 -29.68
C VAL H 197 -17.02 -46.82 -29.17
N THR H 198 -18.30 -46.57 -29.47
CA THR H 198 -19.38 -47.48 -29.12
C THR H 198 -19.77 -48.30 -30.35
N VAL H 199 -19.74 -49.62 -30.21
CA VAL H 199 -20.01 -50.53 -31.32
C VAL H 199 -21.00 -51.59 -30.85
N PRO H 200 -21.67 -52.26 -31.79
CA PRO H 200 -22.52 -53.39 -31.41
C PRO H 200 -21.69 -54.50 -30.77
N SER H 201 -22.21 -55.04 -29.66
CA SER H 201 -21.51 -56.11 -28.96
C SER H 201 -21.35 -57.36 -29.81
N SER H 202 -22.21 -57.55 -30.81
CA SER H 202 -22.11 -58.72 -31.67
C SER H 202 -20.89 -58.68 -32.59
N SER H 203 -20.28 -57.50 -32.76
CA SER H 203 -19.16 -57.35 -33.69
C SER H 203 -17.79 -57.52 -33.03
N LEU H 204 -17.75 -57.90 -31.75
CA LEU H 204 -16.47 -58.06 -31.08
C LEU H 204 -15.69 -59.25 -31.62
N GLY H 205 -16.38 -60.34 -31.94
CA GLY H 205 -15.74 -61.50 -32.51
C GLY H 205 -15.63 -61.51 -34.01
N THR H 206 -16.06 -60.43 -34.68
CA THR H 206 -16.03 -60.36 -36.14
C THR H 206 -15.22 -59.19 -36.69
N GLN H 207 -15.10 -58.10 -35.95
CA GLN H 207 -14.38 -56.92 -36.42
C GLN H 207 -13.24 -56.61 -35.45
N THR H 208 -12.05 -56.33 -36.01
CA THR H 208 -10.90 -55.95 -35.21
C THR H 208 -10.84 -54.43 -35.13
N TYR H 209 -10.59 -53.92 -33.93
CA TYR H 209 -10.59 -52.48 -33.68
C TYR H 209 -9.19 -52.04 -33.30
N ILE H 210 -8.62 -51.13 -34.09
CA ILE H 210 -7.29 -50.60 -33.87
C ILE H 210 -7.38 -49.07 -33.89
N CYS H 211 -6.86 -48.44 -32.85
CA CYS H 211 -6.80 -46.99 -32.79
C CYS H 211 -5.47 -46.51 -33.35
N ASN H 212 -5.52 -45.48 -34.19
CA ASN H 212 -4.34 -44.96 -34.88
C ASN H 212 -3.96 -43.64 -34.20
N VAL H 213 -2.98 -43.69 -33.33
CA VAL H 213 -2.50 -42.51 -32.62
C VAL H 213 -1.33 -41.92 -33.39
N ASN H 214 -1.40 -40.62 -33.65
CA ASN H 214 -0.34 -39.91 -34.36
C ASN H 214 0.09 -38.72 -33.50
N HIS H 215 1.35 -38.75 -33.06
CA HIS H 215 1.97 -37.65 -32.34
C HIS H 215 3.10 -37.15 -33.22
N LYS H 216 2.78 -36.26 -34.15
CA LYS H 216 3.78 -35.75 -35.08
C LYS H 216 4.96 -35.03 -34.41
N PRO H 217 4.79 -34.26 -33.32
CA PRO H 217 5.95 -33.65 -32.67
C PRO H 217 7.06 -34.63 -32.29
N SER H 218 6.72 -35.87 -31.96
CA SER H 218 7.70 -36.89 -31.63
C SER H 218 7.92 -37.86 -32.78
N ASN H 219 7.29 -37.63 -33.93
CA ASN H 219 7.39 -38.52 -35.09
C ASN H 219 7.05 -39.95 -34.71
N THR H 220 5.97 -40.12 -33.95
CA THR H 220 5.57 -41.42 -33.42
C THR H 220 4.14 -41.71 -33.83
N LYS H 221 3.94 -42.83 -34.52
CA LYS H 221 2.62 -43.37 -34.82
C LYS H 221 2.48 -44.71 -34.12
N VAL H 222 1.34 -44.91 -33.45
CA VAL H 222 1.06 -46.15 -32.73
C VAL H 222 -0.30 -46.66 -33.20
N ASP H 223 -0.32 -47.90 -33.68
CA ASP H 223 -1.55 -48.59 -34.05
C ASP H 223 -1.81 -49.67 -33.02
N LYS H 224 -2.84 -49.47 -32.20
CA LYS H 224 -3.09 -50.30 -31.03
C LYS H 224 -4.34 -51.14 -31.22
N ARG H 225 -4.17 -52.45 -31.26
CA ARG H 225 -5.30 -53.37 -31.33
C ARG H 225 -6.00 -53.45 -29.98
N VAL H 226 -7.34 -53.38 -30.00
CA VAL H 226 -8.14 -53.41 -28.79
C VAL H 226 -9.04 -54.65 -28.87
N GLU H 227 -8.77 -55.63 -28.01
CA GLU H 227 -9.50 -56.88 -27.97
C GLU H 227 -10.19 -57.04 -26.62
N PRO H 228 -11.28 -57.82 -26.55
CA PRO H 228 -11.96 -58.12 -25.27
C PRO H 228 -11.09 -58.92 -24.29
N GLN I 1 -5.52 -6.54 -11.84
CA GLN I 1 -5.90 -5.13 -11.88
C GLN I 1 -6.38 -4.67 -13.26
N SER I 2 -7.67 -4.87 -13.56
CA SER I 2 -8.28 -4.37 -14.77
C SER I 2 -9.43 -3.43 -14.41
N VAL I 3 -9.80 -2.57 -15.36
CA VAL I 3 -10.67 -1.44 -15.10
C VAL I 3 -12.07 -1.66 -15.67
N VAL I 4 -12.15 -2.08 -16.92
CA VAL I 4 -13.45 -2.37 -17.52
C VAL I 4 -14.07 -3.58 -16.83
N THR I 5 -15.38 -3.54 -16.60
CA THR I 5 -16.06 -4.59 -15.88
C THR I 5 -17.37 -4.96 -16.56
N GLN I 6 -17.65 -6.25 -16.61
CA GLN I 6 -18.90 -6.81 -17.07
C GLN I 6 -19.40 -7.81 -16.05
N PRO I 7 -20.71 -7.98 -15.92
CA PRO I 7 -21.22 -9.09 -15.13
C PRO I 7 -20.74 -10.41 -15.69
N PRO I 8 -20.46 -11.39 -14.83
CA PRO I 8 -19.90 -12.65 -15.35
C PRO I 8 -20.89 -13.44 -16.20
N SER I 9 -22.14 -13.54 -15.78
CA SER I 9 -23.15 -14.31 -16.51
CA SER I 9 -23.14 -14.30 -16.51
C SER I 9 -24.36 -13.43 -16.77
N ALA I 10 -25.25 -13.93 -17.62
CA ALA I 10 -26.49 -13.25 -17.97
C ALA I 10 -27.45 -14.27 -18.54
N SER I 11 -28.73 -14.13 -18.21
CA SER I 11 -29.75 -15.07 -18.67
C SER I 11 -30.86 -14.31 -19.38
N GLY I 12 -31.53 -15.00 -20.30
CA GLY I 12 -32.64 -14.38 -21.01
C GLY I 12 -33.60 -15.38 -21.62
N THR I 13 -34.91 -15.14 -21.46
CA THR I 13 -35.90 -16.03 -22.06
C THR I 13 -35.91 -15.85 -23.58
N PRO I 14 -36.11 -16.92 -24.34
CA PRO I 14 -36.08 -16.80 -25.80
C PRO I 14 -37.14 -15.85 -26.33
N GLY I 15 -36.76 -15.06 -27.35
CA GLY I 15 -37.64 -14.09 -27.94
C GLY I 15 -37.72 -12.75 -27.22
N GLN I 16 -37.11 -12.62 -26.04
CA GLN I 16 -37.19 -11.43 -25.23
C GLN I 16 -35.88 -10.65 -25.31
N ARG I 17 -35.70 -9.70 -24.39
CA ARG I 17 -34.59 -8.76 -24.45
C ARG I 17 -33.65 -8.94 -23.27
N VAL I 18 -32.36 -8.67 -23.51
CA VAL I 18 -31.30 -8.80 -22.53
C VAL I 18 -30.44 -7.54 -22.56
N THR I 19 -29.84 -7.21 -21.42
CA THR I 19 -28.92 -6.08 -21.30
C THR I 19 -27.65 -6.53 -20.63
N ILE I 20 -26.52 -6.34 -21.30
CA ILE I 20 -25.20 -6.59 -20.75
C ILE I 20 -24.58 -5.23 -20.46
N SER I 21 -24.13 -5.04 -19.22
CA SER I 21 -23.57 -3.77 -18.81
C SER I 21 -22.05 -3.80 -18.91
N CYS I 22 -21.47 -2.65 -19.21
CA CYS I 22 -20.03 -2.48 -19.34
C CYS I 22 -19.65 -1.19 -18.62
N SER I 23 -18.86 -1.31 -17.56
CA SER I 23 -18.52 -0.16 -16.72
C SER I 23 -17.06 0.20 -16.93
N GLY I 24 -16.81 1.48 -17.19
CA GLY I 24 -15.46 1.96 -17.45
C GLY I 24 -15.14 3.21 -16.65
N SER I 25 -14.18 4.00 -17.13
CA SER I 25 -13.73 5.18 -16.40
C SER I 25 -13.64 6.35 -17.38
N SER I 26 -13.02 7.44 -16.93
CA SER I 26 -12.81 8.60 -17.79
C SER I 26 -11.69 8.39 -18.79
N SER I 27 -10.77 7.46 -18.51
CA SER I 27 -9.60 7.26 -19.35
C SER I 27 -9.88 6.41 -20.58
N ASP I 28 -11.00 5.70 -20.61
CA ASP I 28 -11.35 4.91 -21.78
C ASP I 28 -12.67 5.40 -22.37
N ILE I 29 -13.81 5.16 -21.72
CA ILE I 29 -15.07 5.63 -22.27
C ILE I 29 -15.30 7.11 -22.05
N GLY I 30 -14.47 7.77 -21.23
CA GLY I 30 -14.61 9.21 -21.06
C GLY I 30 -14.39 9.96 -22.35
N SER I 31 -13.48 9.47 -23.20
CA SER I 31 -13.18 10.20 -24.43
C SER I 31 -12.82 9.30 -25.61
N ASN I 32 -13.16 8.01 -25.56
CA ASN I 32 -12.82 7.08 -26.62
C ASN I 32 -14.01 6.17 -26.86
N THR I 33 -14.12 5.66 -28.08
CA THR I 33 -15.25 4.82 -28.44
C THR I 33 -15.12 3.42 -27.85
N VAL I 34 -16.26 2.74 -27.77
CA VAL I 34 -16.36 1.40 -27.20
C VAL I 34 -17.05 0.48 -28.20
N ASN I 35 -16.54 -0.75 -28.30
CA ASN I 35 -17.09 -1.74 -29.22
C ASN I 35 -17.41 -3.03 -28.47
N TRP I 36 -18.08 -3.95 -29.15
CA TRP I 36 -18.52 -5.21 -28.56
C TRP I 36 -18.15 -6.37 -29.48
N TYR I 37 -17.74 -7.50 -28.89
CA TYR I 37 -17.34 -8.69 -29.63
C TYR I 37 -18.08 -9.91 -29.11
N GLN I 38 -18.44 -10.81 -30.02
CA GLN I 38 -19.15 -12.04 -29.70
C GLN I 38 -18.25 -13.22 -30.01
N GLN I 39 -18.15 -14.15 -29.07
CA GLN I 39 -17.30 -15.32 -29.24
C GLN I 39 -18.08 -16.57 -28.91
N LEU I 40 -18.21 -17.46 -29.89
CA LEU I 40 -18.75 -18.79 -29.62
C LEU I 40 -17.63 -19.69 -29.13
N PRO I 41 -17.94 -20.60 -28.21
CA PRO I 41 -16.89 -21.47 -27.65
C PRO I 41 -16.20 -22.31 -28.71
N GLY I 42 -14.87 -22.24 -28.74
CA GLY I 42 -14.05 -22.93 -29.71
C GLY I 42 -13.68 -22.12 -30.93
N THR I 43 -14.54 -21.20 -31.36
CA THR I 43 -14.28 -20.41 -32.56
C THR I 43 -13.54 -19.13 -32.20
N ALA I 44 -13.44 -18.21 -33.17
CA ALA I 44 -12.74 -16.95 -33.00
C ALA I 44 -13.76 -15.81 -32.85
N PRO I 45 -13.42 -14.77 -32.09
CA PRO I 45 -14.37 -13.66 -31.87
C PRO I 45 -14.68 -12.93 -33.18
N LYS I 46 -15.86 -12.31 -33.21
CA LYS I 46 -16.26 -11.50 -34.36
C LYS I 46 -16.82 -10.17 -33.88
N LEU I 47 -16.64 -9.14 -34.70
CA LEU I 47 -17.06 -7.80 -34.31
C LEU I 47 -18.57 -7.74 -34.28
N LEU I 48 -19.12 -7.19 -33.21
CA LEU I 48 -20.55 -7.10 -33.02
C LEU I 48 -21.07 -5.67 -33.09
N ILE I 49 -20.35 -4.74 -32.48
CA ILE I 49 -20.66 -3.31 -32.45
C ILE I 49 -19.32 -2.60 -32.50
N TYR I 50 -19.25 -1.42 -33.16
CA TYR I 50 -17.89 -0.89 -33.18
C TYR I 50 -17.76 0.57 -32.79
N THR I 51 -18.65 1.44 -33.24
CA THR I 51 -18.58 2.84 -32.80
C THR I 51 -19.76 3.08 -31.88
N ASN I 52 -19.61 2.63 -30.65
CA ASN I 52 -20.66 2.73 -29.65
C ASN I 52 -21.92 1.96 -30.04
N ASN I 53 -22.39 2.12 -31.28
CA ASN I 53 -23.60 1.43 -31.71
C ASN I 53 -23.71 1.35 -33.22
N GLN I 54 -22.59 1.16 -33.90
CA GLN I 54 -22.60 0.85 -35.32
C GLN I 54 -22.44 -0.66 -35.49
N ARG I 55 -23.18 -1.22 -36.46
CA ARG I 55 -23.22 -2.65 -36.71
C ARG I 55 -22.51 -3.00 -38.00
N PRO I 56 -21.60 -3.96 -37.99
CA PRO I 56 -20.96 -4.41 -39.22
C PRO I 56 -21.93 -5.18 -40.10
N SER I 57 -21.47 -5.47 -41.32
CA SER I 57 -22.24 -6.30 -42.23
C SER I 57 -22.30 -7.72 -41.70
N GLY I 58 -23.50 -8.29 -41.65
CA GLY I 58 -23.72 -9.60 -41.09
C GLY I 58 -24.24 -9.63 -39.66
N VAL I 59 -24.45 -8.47 -39.06
CA VAL I 59 -25.00 -8.35 -37.71
C VAL I 59 -26.43 -7.82 -37.82
N PRO I 60 -27.43 -8.60 -37.45
CA PRO I 60 -28.82 -8.13 -37.56
C PRO I 60 -29.12 -7.05 -36.52
N ASP I 61 -30.23 -6.34 -36.76
CA ASP I 61 -30.64 -5.23 -35.90
C ASP I 61 -31.08 -5.68 -34.51
N ARG I 62 -31.09 -6.99 -34.22
CA ARG I 62 -31.39 -7.44 -32.88
C ARG I 62 -30.36 -6.94 -31.88
N PHE I 63 -29.13 -6.66 -32.34
CA PHE I 63 -28.06 -6.17 -31.47
C PHE I 63 -27.99 -4.65 -31.59
N SER I 64 -27.96 -3.97 -30.45
CA SER I 64 -27.93 -2.52 -30.42
C SER I 64 -27.03 -2.05 -29.29
N GLY I 65 -26.13 -1.12 -29.58
CA GLY I 65 -25.23 -0.59 -28.58
C GLY I 65 -25.69 0.75 -28.04
N SER I 66 -25.09 1.14 -26.91
CA SER I 66 -25.39 2.42 -26.29
C SER I 66 -24.26 2.78 -25.34
N LYS I 67 -24.02 4.08 -25.17
CA LYS I 67 -22.96 4.56 -24.29
C LYS I 67 -23.41 5.84 -23.61
N SER I 68 -23.29 5.89 -22.29
CA SER I 68 -23.65 7.07 -21.51
C SER I 68 -22.57 7.31 -20.47
N GLY I 69 -21.78 8.37 -20.68
CA GLY I 69 -20.72 8.70 -19.74
C GLY I 69 -19.64 7.63 -19.68
N THR I 70 -19.46 7.04 -18.50
CA THR I 70 -18.44 6.02 -18.27
C THR I 70 -19.00 4.61 -18.37
N SER I 71 -20.22 4.46 -18.85
CA SER I 71 -20.85 3.15 -18.94
C SER I 71 -21.36 2.91 -20.36
N ALA I 72 -21.39 1.63 -20.73
CA ALA I 72 -21.90 1.19 -22.02
C ALA I 72 -22.85 0.03 -21.80
N SER I 73 -23.64 -0.27 -22.83
CA SER I 73 -24.61 -1.34 -22.75
C SER I 73 -24.84 -1.92 -24.14
N LEU I 74 -24.99 -3.24 -24.19
CA LEU I 74 -25.33 -3.97 -25.39
C LEU I 74 -26.67 -4.66 -25.18
N ALA I 75 -27.58 -4.53 -26.14
CA ALA I 75 -28.92 -5.09 -26.03
C ALA I 75 -29.14 -6.13 -27.12
N ILE I 76 -29.72 -7.27 -26.75
CA ILE I 76 -30.03 -8.34 -27.70
C ILE I 76 -31.52 -8.60 -27.59
N THR I 77 -32.27 -8.20 -28.62
CA THR I 77 -33.69 -8.44 -28.70
C THR I 77 -33.99 -9.70 -29.49
N GLY I 78 -35.10 -10.36 -29.14
CA GLY I 78 -35.50 -11.60 -29.78
C GLY I 78 -34.40 -12.65 -29.72
N LEU I 79 -34.11 -13.12 -28.50
CA LEU I 79 -33.03 -14.05 -28.28
C LEU I 79 -33.24 -15.34 -29.04
N GLN I 80 -32.19 -15.82 -29.71
CA GLN I 80 -32.19 -17.10 -30.39
C GLN I 80 -31.12 -18.00 -29.79
N SER I 81 -31.22 -19.29 -30.10
CA SER I 81 -30.31 -20.26 -29.51
C SER I 81 -28.86 -19.96 -29.87
N GLU I 82 -28.60 -19.57 -31.12
CA GLU I 82 -27.24 -19.28 -31.52
C GLU I 82 -26.66 -18.07 -30.80
N ASP I 83 -27.45 -17.36 -29.99
CA ASP I 83 -26.96 -16.20 -29.26
C ASP I 83 -26.25 -16.55 -27.96
N GLU I 84 -26.25 -17.82 -27.57
CA GLU I 84 -25.53 -18.26 -26.37
C GLU I 84 -24.03 -18.27 -26.65
N ALA I 85 -23.29 -17.33 -26.06
CA ALA I 85 -21.86 -17.14 -26.36
C ALA I 85 -21.25 -16.22 -25.30
N ASP I 86 -19.98 -15.86 -25.51
CA ASP I 86 -19.28 -14.87 -24.72
C ASP I 86 -19.34 -13.50 -25.39
N TYR I 87 -19.61 -12.47 -24.58
CA TYR I 87 -19.73 -11.10 -25.08
C TYR I 87 -18.73 -10.23 -24.33
N PHE I 88 -17.84 -9.60 -25.07
CA PHE I 88 -16.82 -8.75 -24.51
C PHE I 88 -17.02 -7.32 -24.99
N CYS I 89 -16.86 -6.36 -24.09
CA CYS I 89 -16.75 -4.96 -24.50
C CYS I 89 -15.29 -4.52 -24.40
N ALA I 90 -14.94 -3.51 -25.18
CA ALA I 90 -13.56 -3.03 -25.21
C ALA I 90 -13.55 -1.57 -25.66
N ALA I 91 -12.60 -0.82 -25.10
CA ALA I 91 -12.44 0.60 -25.41
C ALA I 91 -10.95 0.92 -25.50
N TRP I 92 -10.64 1.97 -26.26
CA TRP I 92 -9.25 2.39 -26.42
C TRP I 92 -8.90 3.25 -25.22
N ASP I 93 -8.40 2.60 -24.18
CA ASP I 93 -7.92 3.31 -23.02
C ASP I 93 -6.55 3.90 -23.31
N GLU I 94 -6.34 5.12 -22.85
CA GLU I 94 -5.07 5.76 -23.13
C GLU I 94 -4.06 5.68 -22.01
N SER I 95 -4.52 5.64 -20.77
CA SER I 95 -3.60 5.60 -19.64
C SER I 95 -2.52 4.56 -19.87
N LEU I 96 -2.95 3.38 -20.32
CA LEU I 96 -2.07 2.28 -20.68
C LEU I 96 -1.67 2.30 -22.14
N ASN I 97 -2.18 3.26 -22.93
CA ASN I 97 -1.90 3.37 -24.36
C ASN I 97 -2.27 2.08 -25.07
N GLY I 98 -3.58 1.81 -25.09
CA GLY I 98 -4.01 0.60 -25.74
C GLY I 98 -5.44 0.17 -25.49
N ARG I 99 -5.93 -0.72 -26.34
CA ARG I 99 -7.24 -1.31 -26.15
C ARG I 99 -7.25 -2.20 -24.91
N VAL I 100 -8.35 -2.16 -24.15
CA VAL I 100 -8.50 -3.02 -22.98
C VAL I 100 -9.81 -3.78 -23.12
N PHE I 101 -9.76 -5.10 -22.97
CA PHE I 101 -10.94 -5.93 -23.08
C PHE I 101 -11.59 -6.15 -21.72
N GLY I 102 -12.92 -6.27 -21.74
CA GLY I 102 -13.66 -6.59 -20.54
C GLY I 102 -13.39 -8.00 -20.06
N GLY I 103 -13.90 -8.29 -18.86
CA GLY I 103 -13.82 -9.63 -18.33
C GLY I 103 -14.69 -10.63 -19.08
N GLY I 104 -15.71 -10.16 -19.76
CA GLY I 104 -16.55 -11.08 -20.49
C GLY I 104 -17.82 -11.42 -19.73
N THR I 105 -18.87 -11.74 -20.48
CA THR I 105 -20.15 -12.13 -19.92
C THR I 105 -20.66 -13.33 -20.69
N LYS I 106 -20.78 -14.47 -20.01
CA LYS I 106 -21.35 -15.65 -20.62
C LYS I 106 -22.87 -15.53 -20.64
N LEU I 107 -23.47 -15.76 -21.80
CA LEU I 107 -24.91 -15.68 -21.96
C LEU I 107 -25.47 -17.09 -22.08
N THR I 108 -26.57 -17.33 -21.36
CA THR I 108 -27.23 -18.64 -21.35
C THR I 108 -28.68 -18.45 -21.75
N VAL I 109 -29.10 -19.15 -22.81
CA VAL I 109 -30.49 -19.11 -23.26
C VAL I 109 -31.26 -20.20 -22.54
N LEU I 110 -32.36 -19.80 -21.89
CA LEU I 110 -33.12 -20.72 -21.06
C LEU I 110 -33.81 -21.81 -21.88
N GLY I 111 -34.23 -21.52 -23.10
CA GLY I 111 -34.99 -22.45 -23.90
C GLY I 111 -34.28 -23.75 -24.17
N GLN I 112 -32.94 -23.88 -23.73
CA GLN I 112 -32.22 -25.11 -23.96
C GLN I 112 -32.72 -26.17 -22.96
N PRO I 113 -32.69 -27.45 -23.31
CA PRO I 113 -33.19 -28.45 -22.36
C PRO I 113 -32.08 -29.04 -21.49
N LYS I 114 -32.47 -29.44 -20.27
CA LYS I 114 -31.50 -30.06 -19.38
C LYS I 114 -31.20 -31.50 -19.82
N ALA I 115 -29.97 -31.94 -19.54
CA ALA I 115 -29.48 -33.25 -19.99
C ALA I 115 -28.55 -33.83 -18.94
N ASN I 116 -28.88 -35.02 -18.45
CA ASN I 116 -28.09 -35.69 -17.45
C ASN I 116 -26.83 -36.30 -18.09
N PRO I 117 -25.71 -36.32 -17.36
CA PRO I 117 -24.45 -36.78 -17.97
C PRO I 117 -24.42 -38.29 -18.16
N THR I 118 -23.86 -38.69 -19.30
CA THR I 118 -23.58 -40.10 -19.58
C THR I 118 -22.16 -40.40 -19.11
N VAL I 119 -22.02 -41.34 -18.18
CA VAL I 119 -20.75 -41.63 -17.55
C VAL I 119 -20.35 -43.06 -17.88
N THR I 120 -19.13 -43.24 -18.34
CA THR I 120 -18.55 -44.55 -18.59
C THR I 120 -17.20 -44.62 -17.87
N LEU I 121 -17.00 -45.67 -17.07
CA LEU I 121 -15.79 -45.81 -16.28
C LEU I 121 -15.01 -47.00 -16.78
N PHE I 122 -13.72 -46.80 -17.09
CA PHE I 122 -12.84 -47.85 -17.58
C PHE I 122 -11.79 -48.20 -16.54
N PRO I 123 -11.55 -49.47 -16.27
CA PRO I 123 -10.47 -49.86 -15.36
C PRO I 123 -9.12 -49.78 -16.04
N PRO I 124 -8.03 -49.83 -15.29
CA PRO I 124 -6.71 -49.83 -15.93
C PRO I 124 -6.51 -51.08 -16.77
N SER I 125 -5.99 -50.89 -17.97
CA SER I 125 -5.75 -52.01 -18.86
C SER I 125 -4.68 -52.93 -18.31
N SER I 126 -4.79 -54.22 -18.66
CA SER I 126 -3.77 -55.18 -18.26
C SER I 126 -2.42 -54.82 -18.85
N GLU I 127 -2.42 -54.15 -20.01
CA GLU I 127 -1.16 -53.72 -20.61
C GLU I 127 -0.52 -52.60 -19.80
N GLU I 128 -1.33 -51.67 -19.28
CA GLU I 128 -0.78 -50.61 -18.45
C GLU I 128 -0.30 -51.15 -17.11
N LEU I 129 -1.02 -52.12 -16.56
CA LEU I 129 -0.59 -52.75 -15.31
C LEU I 129 0.71 -53.52 -15.49
N GLN I 130 0.90 -54.13 -16.66
CA GLN I 130 2.16 -54.79 -16.97
C GLN I 130 3.31 -53.79 -17.08
N ALA I 131 3.02 -52.52 -17.34
CA ALA I 131 4.01 -51.46 -17.33
C ALA I 131 4.16 -50.81 -15.96
N ASN I 132 3.61 -51.42 -14.91
CA ASN I 132 3.71 -50.93 -13.54
C ASN I 132 3.06 -49.56 -13.40
N LYS I 133 1.90 -49.38 -14.04
CA LYS I 133 1.12 -48.15 -13.91
C LYS I 133 -0.36 -48.51 -13.89
N ALA I 134 -1.17 -47.57 -13.42
CA ALA I 134 -2.60 -47.78 -13.33
C ALA I 134 -3.31 -46.44 -13.42
N THR I 135 -4.26 -46.34 -14.33
CA THR I 135 -5.00 -45.10 -14.54
C THR I 135 -6.47 -45.42 -14.74
N LEU I 136 -7.32 -44.83 -13.91
CA LEU I 136 -8.76 -44.98 -14.05
C LEU I 136 -9.30 -43.82 -14.89
N VAL I 137 -10.08 -44.18 -15.91
CA VAL I 137 -10.61 -43.21 -16.86
C VAL I 137 -12.12 -43.14 -16.69
N CYS I 138 -12.62 -41.94 -16.36
CA CYS I 138 -14.06 -41.70 -16.21
C CYS I 138 -14.46 -40.63 -17.21
N LEU I 139 -15.29 -41.00 -18.19
CA LEU I 139 -15.67 -40.13 -19.28
C LEU I 139 -17.10 -39.64 -19.08
N ILE I 140 -17.29 -38.33 -19.21
CA ILE I 140 -18.57 -37.68 -18.96
C ILE I 140 -18.97 -36.94 -20.22
N SER I 141 -20.17 -37.23 -20.72
CA SER I 141 -20.60 -36.61 -21.96
C SER I 141 -22.09 -36.36 -21.93
N ASP I 142 -22.54 -35.50 -22.84
CA ASP I 142 -23.96 -35.26 -23.09
C ASP I 142 -24.66 -34.67 -21.87
N PHE I 143 -24.04 -33.71 -21.20
CA PHE I 143 -24.65 -33.04 -20.07
C PHE I 143 -24.80 -31.55 -20.36
N TYR I 144 -25.95 -30.99 -19.97
CA TYR I 144 -26.23 -29.57 -20.11
C TYR I 144 -27.02 -29.15 -18.88
N PRO I 145 -26.66 -28.04 -18.24
CA PRO I 145 -25.59 -27.13 -18.66
C PRO I 145 -24.18 -27.63 -18.30
N GLY I 146 -23.19 -27.11 -19.01
CA GLY I 146 -21.81 -27.55 -18.87
C GLY I 146 -21.19 -27.20 -17.53
N ALA I 147 -21.59 -27.91 -16.49
CA ALA I 147 -21.06 -27.69 -15.15
C ALA I 147 -21.27 -28.97 -14.35
N VAL I 148 -20.17 -29.66 -14.02
CA VAL I 148 -20.24 -30.89 -13.24
C VAL I 148 -19.10 -30.88 -12.23
N THR I 149 -19.26 -31.71 -11.19
CA THR I 149 -18.24 -31.91 -10.18
C THR I 149 -18.02 -33.41 -10.01
N VAL I 150 -16.75 -33.82 -9.97
CA VAL I 150 -16.38 -35.23 -9.97
C VAL I 150 -15.73 -35.56 -8.63
N ALA I 151 -16.07 -36.73 -8.11
CA ALA I 151 -15.48 -37.23 -6.87
C ALA I 151 -15.16 -38.69 -7.04
N TRP I 152 -14.01 -39.10 -6.52
CA TRP I 152 -13.59 -40.49 -6.59
C TRP I 152 -13.63 -41.11 -5.21
N LYS I 153 -13.85 -42.43 -5.17
CA LYS I 153 -13.95 -43.14 -3.92
C LYS I 153 -13.13 -44.43 -4.01
N ALA I 154 -12.32 -44.69 -3.00
CA ALA I 154 -11.56 -45.93 -2.90
C ALA I 154 -12.29 -46.85 -1.93
N ASP I 155 -12.73 -48.01 -2.43
CA ASP I 155 -13.55 -48.93 -1.64
C ASP I 155 -14.75 -48.18 -1.08
N SER I 156 -14.70 -47.82 0.20
CA SER I 156 -15.76 -47.10 0.88
C SER I 156 -15.24 -45.80 1.49
N SER I 157 -14.41 -45.07 0.75
CA SER I 157 -13.81 -43.86 1.30
C SER I 157 -13.42 -42.94 0.17
N PRO I 158 -13.55 -41.63 0.33
CA PRO I 158 -13.15 -40.71 -0.75
C PRO I 158 -11.64 -40.62 -0.87
N VAL I 159 -11.18 -40.11 -2.01
CA VAL I 159 -9.75 -39.96 -2.31
C VAL I 159 -9.57 -38.80 -3.28
N LYS I 160 -8.54 -37.99 -3.04
CA LYS I 160 -8.22 -36.86 -3.92
C LYS I 160 -6.82 -36.93 -4.52
N ALA I 161 -5.95 -37.80 -4.02
CA ALA I 161 -4.59 -37.89 -4.53
C ALA I 161 -4.57 -38.56 -5.91
N GLY I 162 -3.91 -37.92 -6.87
CA GLY I 162 -3.80 -38.48 -8.20
C GLY I 162 -4.98 -38.22 -9.12
N VAL I 163 -5.77 -37.20 -8.83
CA VAL I 163 -6.97 -36.87 -9.61
C VAL I 163 -6.64 -35.72 -10.55
N GLU I 164 -6.97 -35.90 -11.83
CA GLU I 164 -6.81 -34.84 -12.84
C GLU I 164 -8.10 -34.77 -13.64
N THR I 165 -8.75 -33.61 -13.62
CA THR I 165 -10.05 -33.43 -14.25
C THR I 165 -10.05 -32.21 -15.16
N THR I 166 -10.62 -32.37 -16.35
CA THR I 166 -10.66 -31.33 -17.36
C THR I 166 -11.82 -30.37 -17.12
N THR I 167 -11.71 -29.19 -17.72
CA THR I 167 -12.84 -28.27 -17.76
C THR I 167 -13.85 -28.74 -18.80
N PRO I 168 -15.13 -28.41 -18.63
CA PRO I 168 -16.13 -28.81 -19.61
C PRO I 168 -15.90 -28.11 -20.95
N SER I 169 -16.19 -28.82 -22.03
CA SER I 169 -16.03 -28.34 -23.38
C SER I 169 -17.29 -28.62 -24.18
N LYS I 170 -17.76 -27.63 -24.93
CA LYS I 170 -18.98 -27.79 -25.70
C LYS I 170 -18.74 -28.78 -26.84
N GLN I 171 -19.66 -29.72 -27.00
CA GLN I 171 -19.57 -30.77 -28.01
C GLN I 171 -20.17 -30.25 -29.32
N SER I 172 -20.42 -31.17 -30.25
CA SER I 172 -21.05 -30.80 -31.52
C SER I 172 -22.54 -30.54 -31.34
N ASN I 173 -23.20 -31.36 -30.53
CA ASN I 173 -24.63 -31.23 -30.25
C ASN I 173 -24.92 -30.13 -29.22
N ASN I 174 -23.99 -29.20 -29.01
CA ASN I 174 -24.13 -28.08 -28.07
C ASN I 174 -24.23 -28.56 -26.61
N LYS I 175 -24.15 -29.87 -26.39
CA LYS I 175 -23.97 -30.37 -25.04
C LYS I 175 -22.48 -30.31 -24.69
N TYR I 176 -22.16 -30.68 -23.46
CA TYR I 176 -20.81 -30.53 -22.96
C TYR I 176 -20.21 -31.88 -22.59
N ALA I 177 -18.88 -31.92 -22.52
CA ALA I 177 -18.14 -33.13 -22.22
C ALA I 177 -17.02 -32.80 -21.24
N ALA I 178 -16.62 -33.82 -20.48
CA ALA I 178 -15.53 -33.68 -19.54
C ALA I 178 -14.95 -35.07 -19.27
N SER I 179 -13.70 -35.09 -18.81
CA SER I 179 -13.01 -36.33 -18.51
C SER I 179 -12.23 -36.16 -17.22
N SER I 180 -12.14 -37.26 -16.45
CA SER I 180 -11.41 -37.29 -15.20
C SER I 180 -10.55 -38.54 -15.15
N TYR I 181 -9.34 -38.40 -14.61
CA TYR I 181 -8.37 -39.48 -14.57
C TYR I 181 -7.89 -39.67 -13.14
N LEU I 182 -7.70 -40.93 -12.76
CA LEU I 182 -7.17 -41.29 -11.46
C LEU I 182 -5.96 -42.20 -11.69
N SER I 183 -4.78 -41.70 -11.36
CA SER I 183 -3.55 -42.49 -11.47
C SER I 183 -3.30 -43.24 -10.17
N LEU I 184 -3.02 -44.53 -10.29
CA LEU I 184 -2.78 -45.39 -9.14
C LEU I 184 -1.54 -46.23 -9.36
N THR I 185 -1.06 -46.85 -8.26
CA THR I 185 -0.05 -47.89 -8.39
C THR I 185 -0.72 -49.24 -8.60
N PRO I 186 -0.03 -50.18 -9.26
CA PRO I 186 -0.62 -51.51 -9.44
C PRO I 186 -0.97 -52.21 -8.14
N GLU I 187 -0.41 -51.77 -7.01
CA GLU I 187 -0.77 -52.38 -5.73
C GLU I 187 -2.04 -51.76 -5.15
N GLN I 188 -2.17 -50.44 -5.23
CA GLN I 188 -3.37 -49.76 -4.76
C GLN I 188 -4.62 -50.25 -5.50
N TRP I 189 -4.48 -50.62 -6.77
CA TRP I 189 -5.61 -51.13 -7.54
C TRP I 189 -6.03 -52.51 -7.05
N LYS I 190 -5.07 -53.42 -6.88
CA LYS I 190 -5.39 -54.78 -6.45
C LYS I 190 -5.77 -54.87 -4.98
N SER I 191 -5.34 -53.92 -4.15
CA SER I 191 -5.60 -54.02 -2.72
C SER I 191 -7.04 -53.70 -2.39
N HIS I 192 -7.63 -52.69 -3.03
CA HIS I 192 -8.97 -52.26 -2.67
C HIS I 192 -10.03 -53.10 -3.37
N ARG I 193 -11.25 -53.04 -2.80
CA ARG I 193 -12.35 -53.84 -3.31
C ARG I 193 -12.90 -53.28 -4.61
N SER I 194 -13.06 -51.96 -4.69
CA SER I 194 -13.65 -51.32 -5.85
C SER I 194 -13.36 -49.83 -5.80
N TYR I 195 -13.44 -49.19 -6.97
CA TYR I 195 -13.32 -47.75 -7.09
C TYR I 195 -14.54 -47.21 -7.81
N SER I 196 -14.95 -46.01 -7.41
CA SER I 196 -16.19 -45.42 -7.90
C SER I 196 -15.95 -44.00 -8.36
N CYS I 197 -16.59 -43.66 -9.48
CA CYS I 197 -16.54 -42.31 -10.03
C CYS I 197 -17.92 -41.69 -9.83
N GLN I 198 -17.97 -40.63 -9.03
CA GLN I 198 -19.20 -39.91 -8.73
C GLN I 198 -19.23 -38.63 -9.54
N VAL I 199 -20.28 -38.46 -10.34
CA VAL I 199 -20.44 -37.30 -11.20
C VAL I 199 -21.70 -36.58 -10.74
N THR I 200 -21.52 -35.39 -10.18
CA THR I 200 -22.63 -34.58 -9.68
C THR I 200 -22.97 -33.50 -10.69
N HIS I 201 -24.21 -33.49 -11.16
CA HIS I 201 -24.67 -32.52 -12.15
C HIS I 201 -26.05 -32.01 -11.74
N GLU I 202 -26.13 -30.72 -11.38
CA GLU I 202 -27.39 -30.09 -11.02
C GLU I 202 -28.04 -30.76 -9.79
N GLY I 203 -27.22 -31.01 -8.78
CA GLY I 203 -27.69 -31.56 -7.53
C GLY I 203 -27.79 -33.08 -7.48
N SER I 204 -27.87 -33.74 -8.63
CA SER I 204 -27.97 -35.18 -8.70
C SER I 204 -26.64 -35.79 -9.10
N THR I 205 -26.36 -36.98 -8.59
CA THR I 205 -25.07 -37.63 -8.80
C THR I 205 -25.27 -38.99 -9.45
N VAL I 206 -24.41 -39.30 -10.41
CA VAL I 206 -24.38 -40.62 -11.04
C VAL I 206 -23.03 -41.25 -10.74
N GLU I 207 -23.04 -42.49 -10.26
CA GLU I 207 -21.82 -43.19 -9.86
C GLU I 207 -21.65 -44.46 -10.68
N LYS I 208 -20.47 -44.64 -11.24
CA LYS I 208 -20.06 -45.90 -11.85
C LYS I 208 -18.93 -46.51 -11.04
N THR I 209 -18.94 -47.84 -10.92
CA THR I 209 -17.99 -48.55 -10.08
C THR I 209 -17.34 -49.67 -10.88
N VAL I 210 -16.04 -49.86 -10.65
CA VAL I 210 -15.28 -50.94 -11.27
C VAL I 210 -14.48 -51.65 -10.19
N ALA I 211 -14.03 -52.86 -10.50
CA ALA I 211 -13.30 -53.70 -9.56
C ALA I 211 -12.23 -54.48 -10.30
N PRO I 212 -11.16 -54.89 -9.62
CA PRO I 212 -10.09 -55.65 -10.29
C PRO I 212 -10.58 -57.00 -10.79
N THR I 213 -10.44 -57.19 -12.11
CA THR I 213 -10.80 -58.43 -12.82
C THR I 213 -11.89 -59.30 -12.18
N LEU J 4 26.92 13.11 -40.17
CA LEU J 4 26.82 11.67 -40.36
C LEU J 4 28.16 11.06 -40.74
N THR J 5 28.48 9.94 -40.11
CA THR J 5 29.74 9.24 -40.32
C THR J 5 29.47 7.89 -40.99
N GLN J 6 30.13 7.65 -42.12
CA GLN J 6 30.09 6.38 -42.82
C GLN J 6 31.52 5.86 -43.00
N PRO J 7 31.70 4.54 -42.95
CA PRO J 7 33.03 3.99 -43.22
C PRO J 7 33.46 4.32 -44.63
N PRO J 8 34.76 4.47 -44.86
CA PRO J 8 35.22 4.82 -46.22
C PRO J 8 34.89 3.74 -47.24
N SER J 9 35.13 2.47 -46.92
CA SER J 9 34.87 1.39 -47.85
C SER J 9 34.70 0.09 -47.09
N VAL J 10 33.94 -0.82 -47.67
CA VAL J 10 33.82 -2.20 -47.20
C VAL J 10 34.24 -3.11 -48.33
N SER J 11 34.69 -4.32 -47.94
CA SER J 11 35.13 -5.33 -48.89
C SER J 11 34.48 -6.65 -48.51
N VAL J 12 33.64 -7.18 -49.39
CA VAL J 12 32.90 -8.41 -49.14
C VAL J 12 33.08 -9.35 -50.32
N ALA J 13 33.32 -10.62 -50.02
CA ALA J 13 33.40 -11.62 -51.07
C ALA J 13 32.05 -11.73 -51.79
N PRO J 14 32.07 -12.07 -53.07
CA PRO J 14 30.80 -12.26 -53.79
C PRO J 14 29.96 -13.35 -53.14
N GLY J 15 28.65 -13.09 -53.05
CA GLY J 15 27.73 -13.99 -52.41
C GLY J 15 27.61 -13.83 -50.91
N GLN J 16 28.57 -13.18 -50.25
CA GLN J 16 28.50 -12.98 -48.81
C GLN J 16 27.63 -11.75 -48.52
N THR J 17 27.62 -11.30 -47.27
CA THR J 17 26.72 -10.23 -46.84
C THR J 17 27.54 -9.03 -46.36
N ALA J 18 27.14 -7.84 -46.80
CA ALA J 18 27.76 -6.59 -46.38
C ALA J 18 26.90 -5.91 -45.32
N ARG J 19 27.56 -5.11 -44.49
CA ARG J 19 26.89 -4.28 -43.50
C ARG J 19 27.55 -2.91 -43.50
N ILE J 20 26.75 -1.87 -43.72
CA ILE J 20 27.24 -0.51 -43.81
C ILE J 20 26.64 0.30 -42.66
N THR J 21 27.50 0.96 -41.90
CA THR J 21 27.08 1.67 -40.72
C THR J 21 26.93 3.16 -40.99
N CYS J 22 25.98 3.77 -40.29
CA CYS J 22 25.68 5.19 -40.42
C CYS J 22 25.45 5.73 -39.02
N GLY J 23 26.41 6.47 -38.49
CA GLY J 23 26.35 6.89 -37.11
C GLY J 23 25.99 8.35 -36.91
N GLY J 24 25.48 8.67 -35.73
CA GLY J 24 25.13 10.04 -35.41
C GLY J 24 24.66 10.12 -33.97
N ASN J 25 24.34 11.34 -33.55
CA ASN J 25 23.88 11.59 -32.19
C ASN J 25 22.35 11.62 -32.17
N ASN J 26 21.78 11.00 -31.15
CA ASN J 26 20.33 10.89 -30.99
C ASN J 26 19.69 10.30 -32.26
N ASP J 27 20.09 9.06 -32.56
CA ASP J 27 19.62 8.37 -33.76
C ASP J 27 18.32 7.61 -33.54
N GLY J 28 17.57 7.96 -32.50
CA GLY J 28 16.31 7.31 -32.20
C GLY J 28 15.15 7.83 -33.03
N ALA J 29 14.81 9.10 -32.84
CA ALA J 29 13.58 9.65 -33.39
C ALA J 29 13.60 9.71 -34.92
N LYS J 30 14.68 10.25 -35.47
CA LYS J 30 14.76 10.46 -36.90
C LYS J 30 14.82 9.13 -37.66
N SER J 31 14.25 9.14 -38.87
CA SER J 31 14.33 8.00 -39.74
C SER J 31 15.56 8.11 -40.64
N VAL J 32 15.91 7.01 -41.27
CA VAL J 32 17.12 6.91 -42.08
C VAL J 32 16.73 6.43 -43.47
N HIS J 33 17.39 7.00 -44.48
CA HIS J 33 17.18 6.59 -45.85
C HIS J 33 18.50 6.18 -46.47
N TRP J 34 18.44 5.22 -47.38
CA TRP J 34 19.64 4.72 -48.03
C TRP J 34 19.52 4.86 -49.54
N TYR J 35 20.65 5.16 -50.19
CA TYR J 35 20.68 5.42 -51.61
C TYR J 35 21.88 4.72 -52.24
N GLN J 36 21.67 4.21 -53.45
CA GLN J 36 22.71 3.55 -54.23
C GLN J 36 23.09 4.42 -55.42
N GLN J 37 24.38 4.67 -55.60
CA GLN J 37 24.88 5.47 -56.72
C GLN J 37 25.90 4.65 -57.50
N LYS J 38 25.45 4.05 -58.61
CA LYS J 38 26.35 3.38 -59.52
C LYS J 38 27.15 4.43 -60.31
N PRO J 39 28.31 4.05 -60.84
CA PRO J 39 29.17 5.04 -61.52
C PRO J 39 28.47 5.71 -62.68
N GLY J 40 28.59 7.03 -62.76
CA GLY J 40 27.99 7.81 -63.81
C GLY J 40 26.48 7.88 -63.78
N GLN J 41 25.86 7.48 -62.67
CA GLN J 41 24.42 7.40 -62.55
C GLN J 41 23.94 8.31 -61.42
N ALA J 42 22.67 8.63 -61.45
CA ALA J 42 22.03 9.34 -60.35
C ALA J 42 21.76 8.39 -59.18
N PRO J 43 21.65 8.94 -57.96
CA PRO J 43 21.30 8.08 -56.82
C PRO J 43 19.93 7.43 -56.99
N VAL J 44 19.78 6.28 -56.35
CA VAL J 44 18.55 5.52 -56.34
C VAL J 44 18.22 5.16 -54.91
N LEU J 45 17.07 5.63 -54.42
CA LEU J 45 16.61 5.31 -53.09
C LEU J 45 16.37 3.80 -52.96
N VAL J 46 17.14 3.16 -52.07
CA VAL J 46 17.07 1.72 -51.88
C VAL J 46 16.37 1.32 -50.58
N VAL J 47 16.49 2.12 -49.52
CA VAL J 47 15.84 1.83 -48.25
C VAL J 47 15.37 3.14 -47.65
N TYR J 48 14.10 3.18 -47.25
CA TYR J 48 13.51 4.38 -46.64
C TYR J 48 12.82 4.02 -45.33
N ASP J 49 12.75 5.00 -44.45
CA ASP J 49 12.18 4.83 -43.11
C ASP J 49 12.76 3.60 -42.43
N ASP J 50 14.09 3.64 -42.29
CA ASP J 50 14.86 2.61 -41.59
C ASP J 50 14.85 1.28 -42.34
N SER J 51 13.68 0.69 -42.57
CA SER J 51 13.60 -0.71 -42.97
C SER J 51 12.71 -1.00 -44.16
N ASP J 52 12.12 -0.01 -44.81
CA ASP J 52 11.18 -0.24 -45.89
C ASP J 52 11.90 -0.31 -47.24
N ARG J 53 11.54 -1.31 -48.05
CA ARG J 53 12.07 -1.42 -49.40
C ARG J 53 11.04 -0.91 -50.40
N PRO J 54 11.35 0.09 -51.22
CA PRO J 54 10.41 0.53 -52.24
C PRO J 54 10.21 -0.54 -53.31
N SER J 55 9.16 -0.32 -54.10
CA SER J 55 8.74 -1.32 -55.07
C SER J 55 9.83 -1.58 -56.11
N GLY J 56 10.09 -2.86 -56.36
CA GLY J 56 10.97 -3.26 -57.42
C GLY J 56 12.42 -3.42 -57.03
N ILE J 57 12.76 -3.27 -55.76
CA ILE J 57 14.14 -3.32 -55.29
C ILE J 57 14.36 -4.66 -54.59
N PRO J 58 15.44 -5.38 -54.89
CA PRO J 58 15.57 -6.75 -54.40
C PRO J 58 15.53 -6.85 -52.89
N GLU J 59 15.08 -8.01 -52.41
CA GLU J 59 15.01 -8.31 -50.99
C GLU J 59 16.38 -8.46 -50.36
N ARG J 60 17.45 -8.51 -51.16
CA ARG J 60 18.80 -8.57 -50.60
C ARG J 60 19.08 -7.35 -49.73
N PHE J 61 18.55 -6.21 -50.11
CA PHE J 61 18.74 -4.99 -49.34
C PHE J 61 17.79 -4.98 -48.14
N SER J 62 18.24 -4.34 -47.07
CA SER J 62 17.46 -4.20 -45.85
C SER J 62 18.17 -3.22 -44.93
N GLY J 63 17.39 -2.49 -44.14
CA GLY J 63 17.91 -1.49 -43.25
C GLY J 63 17.50 -1.74 -41.82
N SER J 64 18.16 -1.03 -40.91
CA SER J 64 17.85 -1.10 -39.48
C SER J 64 18.43 0.13 -38.81
N ASN J 65 17.89 0.45 -37.64
CA ASN J 65 18.32 1.66 -36.93
C ASN J 65 17.85 1.59 -35.48
N SER J 66 18.77 1.88 -34.56
CA SER J 66 18.50 2.01 -33.14
C SER J 66 19.75 2.55 -32.47
N GLY J 67 19.54 3.24 -31.34
CA GLY J 67 20.66 3.80 -30.59
C GLY J 67 21.33 4.96 -31.29
N ASN J 68 22.59 4.77 -31.69
CA ASN J 68 23.36 5.77 -32.42
C ASN J 68 23.89 5.19 -33.73
N THR J 69 23.22 4.19 -34.28
CA THR J 69 23.73 3.53 -35.47
C THR J 69 22.58 2.96 -36.29
N ALA J 70 22.51 3.35 -37.56
CA ALA J 70 21.67 2.69 -38.54
C ALA J 70 22.53 1.75 -39.39
N THR J 71 21.87 0.78 -40.00
CA THR J 71 22.60 -0.28 -40.70
C THR J 71 21.90 -0.66 -41.99
N LEU J 72 22.67 -0.75 -43.06
CA LEU J 72 22.20 -1.25 -44.35
C LEU J 72 22.83 -2.61 -44.61
N THR J 73 22.00 -3.60 -44.89
CA THR J 73 22.46 -4.97 -45.05
C THR J 73 22.22 -5.44 -46.47
N ILE J 74 23.29 -5.83 -47.16
CA ILE J 74 23.20 -6.34 -48.52
C ILE J 74 23.63 -7.80 -48.49
N THR J 75 22.67 -8.71 -48.65
CA THR J 75 22.97 -10.14 -48.66
C THR J 75 23.20 -10.63 -50.09
N ARG J 76 23.96 -11.71 -50.20
CA ARG J 76 24.24 -12.39 -51.47
C ARG J 76 24.69 -11.38 -52.53
N ILE J 77 25.87 -10.81 -52.28
CA ILE J 77 26.37 -9.70 -53.07
C ILE J 77 26.83 -10.17 -54.44
N GLU J 78 26.51 -9.40 -55.46
CA GLU J 78 27.00 -9.61 -56.82
C GLU J 78 27.83 -8.42 -57.25
N ALA J 79 28.48 -8.55 -58.41
CA ALA J 79 29.23 -7.43 -58.97
C ALA J 79 28.34 -6.26 -59.33
N GLY J 80 27.04 -6.51 -59.56
CA GLY J 80 26.09 -5.44 -59.81
C GLY J 80 25.82 -4.55 -58.62
N ASP J 81 26.36 -4.89 -57.44
CA ASP J 81 26.20 -4.07 -56.26
C ASP J 81 27.37 -3.12 -56.02
N GLU J 82 28.43 -3.21 -56.82
CA GLU J 82 29.56 -2.28 -56.70
C GLU J 82 29.09 -0.85 -56.91
N ALA J 83 29.00 -0.08 -55.83
CA ALA J 83 28.53 1.29 -55.90
C ALA J 83 28.93 2.03 -54.62
N ASP J 84 28.47 3.26 -54.50
CA ASP J 84 28.62 4.05 -53.29
C ASP J 84 27.26 4.21 -52.64
N TYR J 85 27.20 4.04 -51.33
CA TYR J 85 25.94 4.07 -50.62
C TYR J 85 25.95 5.19 -49.59
N TYR J 86 24.92 6.02 -49.61
CA TYR J 86 24.82 7.17 -48.73
C TYR J 86 23.59 7.01 -47.84
N CYS J 87 23.74 7.39 -46.58
CA CYS J 87 22.60 7.51 -45.70
C CYS J 87 22.22 8.98 -45.57
N GLN J 88 20.95 9.23 -45.28
CA GLN J 88 20.43 10.57 -45.14
C GLN J 88 19.36 10.57 -44.06
N VAL J 89 19.36 11.61 -43.23
CA VAL J 89 18.42 11.68 -42.11
C VAL J 89 17.21 12.49 -42.52
N TRP J 90 16.07 12.13 -41.94
CA TRP J 90 14.83 12.83 -42.19
C TRP J 90 14.55 13.85 -41.09
N ASP J 91 15.32 13.79 -40.01
CA ASP J 91 15.13 14.56 -38.79
C ASP J 91 14.56 15.94 -39.03
N SER J 92 15.37 16.79 -39.63
CA SER J 92 15.01 18.16 -39.90
C SER J 92 13.98 18.25 -41.02
N SER J 93 13.06 19.20 -40.87
CA SER J 93 12.08 19.48 -41.92
C SER J 93 12.55 20.56 -42.89
N ARG J 94 13.60 21.32 -42.53
CA ARG J 94 14.09 22.44 -43.33
C ARG J 94 15.42 22.19 -44.03
N ASP J 95 16.17 21.17 -43.62
CA ASP J 95 17.43 20.87 -44.28
C ASP J 95 17.67 19.38 -44.16
N HIS J 96 18.45 18.85 -45.10
CA HIS J 96 18.79 17.45 -45.13
C HIS J 96 20.30 17.31 -45.19
N VAL J 97 20.84 16.35 -44.45
CA VAL J 97 22.28 16.13 -44.43
C VAL J 97 22.53 14.69 -44.86
N PHE J 98 23.67 14.47 -45.50
CA PHE J 98 24.03 13.17 -46.01
C PHE J 98 25.30 12.68 -45.32
N GLY J 99 25.46 11.36 -45.28
CA GLY J 99 26.71 10.78 -44.83
C GLY J 99 27.82 11.01 -45.84
N THR J 100 29.03 10.63 -45.43
CA THR J 100 30.18 10.77 -46.30
C THR J 100 30.25 9.69 -47.38
N GLY J 101 29.36 8.72 -47.33
CA GLY J 101 29.33 7.69 -48.37
C GLY J 101 30.24 6.52 -48.06
N THR J 102 29.88 5.36 -48.59
CA THR J 102 30.66 4.15 -48.41
C THR J 102 30.77 3.42 -49.73
N LYS J 103 31.99 3.12 -50.15
CA LYS J 103 32.23 2.38 -51.38
C LYS J 103 32.27 0.89 -51.06
N VAL J 104 31.42 0.11 -51.71
CA VAL J 104 31.37 -1.32 -51.50
C VAL J 104 32.04 -1.98 -52.70
N THR J 105 33.36 -2.15 -52.58
CA THR J 105 34.10 -2.86 -53.62
C THR J 105 33.79 -4.34 -53.49
N VAL J 106 33.12 -4.90 -54.50
CA VAL J 106 32.92 -6.34 -54.58
C VAL J 106 34.22 -6.96 -55.03
N LEU J 107 34.77 -7.87 -54.22
CA LEU J 107 36.07 -8.44 -54.56
C LEU J 107 35.89 -9.33 -55.79
N GLY J 108 36.31 -8.81 -56.94
CA GLY J 108 36.39 -9.57 -58.15
C GLY J 108 37.77 -10.11 -58.44
N GLN J 109 38.70 -9.94 -57.49
CA GLN J 109 40.10 -10.29 -57.64
C GLN J 109 40.79 -10.17 -56.29
N PRO J 110 42.01 -10.68 -56.11
CA PRO J 110 42.67 -10.62 -54.80
C PRO J 110 43.19 -9.22 -54.49
N LYS J 111 43.66 -9.08 -53.25
CA LYS J 111 44.26 -7.82 -52.82
C LYS J 111 45.58 -7.59 -53.54
N ALA J 112 45.81 -6.34 -53.95
CA ALA J 112 47.02 -5.98 -54.67
C ALA J 112 47.59 -4.71 -54.04
N ASN J 113 48.86 -4.77 -53.62
CA ASN J 113 49.52 -3.63 -53.04
C ASN J 113 49.99 -2.66 -54.13
N PRO J 114 50.04 -1.35 -53.84
CA PRO J 114 50.31 -0.36 -54.89
C PRO J 114 51.78 -0.30 -55.26
N THR J 115 52.02 0.12 -56.50
CA THR J 115 53.35 0.43 -57.00
C THR J 115 53.52 1.95 -57.02
N VAL J 116 54.47 2.44 -56.23
CA VAL J 116 54.65 3.87 -56.01
C VAL J 116 55.87 4.35 -56.78
N THR J 117 55.71 5.47 -57.48
CA THR J 117 56.80 6.11 -58.22
C THR J 117 56.78 7.60 -57.93
N LEU J 118 57.89 8.13 -57.43
CA LEU J 118 58.01 9.53 -57.06
C LEU J 118 59.08 10.20 -57.89
N PHE J 119 58.77 11.38 -58.43
CA PHE J 119 59.71 12.14 -59.22
C PHE J 119 60.04 13.48 -58.57
N PRO J 120 61.30 13.89 -58.57
CA PRO J 120 61.64 15.24 -58.12
C PRO J 120 61.32 16.25 -59.20
N PRO J 121 61.31 17.55 -58.89
CA PRO J 121 61.10 18.55 -59.94
C PRO J 121 62.21 18.49 -60.97
N SER J 122 61.82 18.56 -62.24
CA SER J 122 62.80 18.52 -63.33
C SER J 122 63.68 19.76 -63.31
N SER J 123 64.92 19.58 -63.80
CA SER J 123 65.82 20.72 -63.93
C SER J 123 65.25 21.78 -64.86
N GLU J 124 64.34 21.40 -65.74
CA GLU J 124 63.71 22.37 -66.64
C GLU J 124 62.61 23.15 -65.94
N GLU J 125 61.91 22.54 -65.00
CA GLU J 125 60.87 23.24 -64.25
C GLU J 125 61.46 24.19 -63.22
N LEU J 126 62.59 23.81 -62.61
CA LEU J 126 63.19 24.67 -61.61
C LEU J 126 63.62 26.00 -62.19
N GLN J 127 64.04 26.02 -63.46
CA GLN J 127 64.41 27.30 -64.06
C GLN J 127 63.20 28.14 -64.45
N ALA J 128 62.04 27.53 -64.60
CA ALA J 128 60.82 28.33 -64.77
C ALA J 128 60.33 28.88 -63.44
N ASN J 129 61.18 28.78 -62.41
CA ASN J 129 60.88 29.23 -61.06
C ASN J 129 59.67 28.49 -60.49
N LYS J 130 59.60 27.20 -60.80
CA LYS J 130 58.54 26.32 -60.31
C LYS J 130 59.15 25.00 -59.87
N ALA J 131 58.39 24.27 -59.05
CA ALA J 131 58.82 22.96 -58.56
C ALA J 131 57.58 22.13 -58.28
N THR J 132 57.50 20.96 -58.90
CA THR J 132 56.37 20.05 -58.71
C THR J 132 56.90 18.64 -58.48
N LEU J 133 56.59 18.09 -57.31
CA LEU J 133 56.89 16.69 -57.00
C LEU J 133 55.74 15.82 -57.50
N VAL J 134 56.06 14.79 -58.27
CA VAL J 134 55.06 13.93 -58.90
C VAL J 134 55.14 12.55 -58.24
N CYS J 135 54.05 12.15 -57.58
CA CYS J 135 53.95 10.86 -56.92
C CYS J 135 52.84 10.06 -57.60
N LEU J 136 53.23 8.98 -58.28
CA LEU J 136 52.31 8.19 -59.09
C LEU J 136 52.09 6.83 -58.43
N ILE J 137 50.82 6.44 -58.33
CA ILE J 137 50.40 5.22 -57.65
C ILE J 137 49.59 4.37 -58.63
N SER J 138 49.93 3.09 -58.72
CA SER J 138 49.26 2.23 -59.68
C SER J 138 49.25 0.80 -59.17
N ASP J 139 48.34 0.00 -59.74
CA ASP J 139 48.29 -1.45 -59.52
C ASP J 139 47.91 -1.79 -58.08
N PHE J 140 46.92 -1.10 -57.52
CA PHE J 140 46.42 -1.41 -56.19
C PHE J 140 44.94 -1.77 -56.26
N TYR J 141 44.54 -2.72 -55.41
CA TYR J 141 43.16 -3.17 -55.30
C TYR J 141 42.93 -3.58 -53.85
N PRO J 142 41.82 -3.13 -53.23
CA PRO J 142 40.74 -2.30 -53.78
C PRO J 142 41.17 -0.87 -54.07
N GLY J 143 40.32 -0.13 -54.79
CA GLY J 143 40.61 1.23 -55.19
C GLY J 143 40.46 2.26 -54.09
N ALA J 144 41.26 2.14 -53.05
CA ALA J 144 41.18 3.08 -51.92
C ALA J 144 42.57 3.26 -51.35
N VAL J 145 43.11 4.47 -51.48
CA VAL J 145 44.43 4.81 -50.98
C VAL J 145 44.39 6.21 -50.38
N THR J 146 45.30 6.45 -49.43
CA THR J 146 45.48 7.77 -48.83
C THR J 146 46.95 8.16 -48.93
N VAL J 147 47.20 9.43 -49.22
CA VAL J 147 48.54 9.93 -49.52
C VAL J 147 48.90 11.01 -48.51
N ALA J 148 50.07 10.84 -47.86
CA ALA J 148 50.62 11.83 -46.94
C ALA J 148 51.99 12.26 -47.42
N TRP J 149 52.22 13.57 -47.43
CA TRP J 149 53.50 14.12 -47.83
C TRP J 149 54.30 14.54 -46.60
N LYS J 150 55.62 14.53 -46.74
CA LYS J 150 56.54 14.80 -45.64
C LYS J 150 57.70 15.65 -46.12
N ALA J 151 58.02 16.70 -45.36
CA ALA J 151 59.25 17.45 -45.54
C ALA J 151 60.27 16.95 -44.52
N ASP J 152 61.38 16.40 -45.01
CA ASP J 152 62.33 15.69 -44.17
C ASP J 152 61.61 14.60 -43.40
N SER J 153 60.93 14.99 -42.31
CA SER J 153 60.07 14.06 -41.59
C SER J 153 58.85 14.77 -40.99
N SER J 154 58.55 16.00 -41.42
CA SER J 154 57.46 16.83 -40.96
C SER J 154 56.30 16.79 -41.96
N PRO J 155 55.06 16.78 -41.47
CA PRO J 155 53.91 16.68 -42.38
C PRO J 155 53.74 17.96 -43.19
N VAL J 156 53.35 17.79 -44.45
CA VAL J 156 53.07 18.89 -45.35
C VAL J 156 51.64 18.75 -45.85
N LYS J 157 50.86 19.83 -45.73
CA LYS J 157 49.48 19.85 -46.19
C LYS J 157 49.22 20.84 -47.31
N ALA J 158 49.92 21.96 -47.35
CA ALA J 158 49.68 22.97 -48.38
C ALA J 158 50.31 22.58 -49.71
N GLY J 159 49.60 22.87 -50.80
CA GLY J 159 50.13 22.61 -52.13
C GLY J 159 49.95 21.20 -52.64
N VAL J 160 49.05 20.41 -52.04
CA VAL J 160 48.87 19.01 -52.42
C VAL J 160 47.62 18.89 -53.28
N GLU J 161 47.76 18.24 -54.43
CA GLU J 161 46.66 17.93 -55.33
C GLU J 161 46.67 16.44 -55.62
N THR J 162 45.60 15.75 -55.25
CA THR J 162 45.52 14.31 -55.38
C THR J 162 44.29 13.92 -56.19
N THR J 163 44.47 13.05 -57.18
CA THR J 163 43.35 12.51 -57.94
C THR J 163 42.51 11.55 -57.09
N THR J 164 41.40 11.17 -57.65
CA THR J 164 40.59 10.07 -57.14
C THR J 164 40.99 8.77 -57.83
N PRO J 165 40.90 7.65 -57.13
CA PRO J 165 41.23 6.35 -57.75
C PRO J 165 40.36 6.09 -58.98
N SER J 166 41.00 5.70 -60.07
CA SER J 166 40.34 5.39 -61.32
C SER J 166 40.69 3.98 -61.76
N LYS J 167 39.69 3.28 -62.28
CA LYS J 167 39.89 1.90 -62.72
C LYS J 167 40.71 1.89 -64.01
N GLN J 168 41.87 1.24 -63.97
CA GLN J 168 42.72 1.13 -65.15
C GLN J 168 42.31 -0.13 -65.93
N SER J 169 43.19 -0.63 -66.80
CA SER J 169 42.82 -1.71 -67.70
C SER J 169 42.62 -3.02 -66.95
N ASN J 170 43.61 -3.45 -66.19
CA ASN J 170 43.61 -4.75 -65.56
C ASN J 170 42.78 -4.83 -64.29
N ASN J 171 41.75 -3.99 -64.18
CA ASN J 171 40.77 -3.95 -63.09
C ASN J 171 41.36 -3.49 -61.76
N LYS J 172 42.66 -3.20 -61.69
CA LYS J 172 43.20 -2.51 -60.53
C LYS J 172 42.95 -1.02 -60.68
N TYR J 173 43.48 -0.24 -59.73
CA TYR J 173 43.22 1.19 -59.69
C TYR J 173 44.53 1.97 -59.73
N ALA J 174 44.42 3.24 -60.12
CA ALA J 174 45.56 4.13 -60.25
C ALA J 174 45.22 5.50 -59.71
N ALA J 175 46.25 6.24 -59.32
CA ALA J 175 46.09 7.59 -58.80
C ALA J 175 47.42 8.34 -58.90
N SER J 176 47.35 9.66 -58.76
CA SER J 176 48.53 10.51 -58.80
C SER J 176 48.36 11.66 -57.82
N SER J 177 49.47 12.04 -57.17
CA SER J 177 49.49 13.12 -56.21
C SER J 177 50.60 14.11 -56.55
N TYR J 178 50.28 15.40 -56.49
CA TYR J 178 51.20 16.47 -56.87
C TYR J 178 51.41 17.43 -55.71
N LEU J 179 52.66 17.83 -55.50
CA LEU J 179 53.02 18.81 -54.47
C LEU J 179 53.71 19.99 -55.15
N SER J 180 53.04 21.14 -55.19
CA SER J 180 53.62 22.34 -55.76
C SER J 180 54.48 23.05 -54.70
N LEU J 181 55.74 23.32 -55.06
CA LEU J 181 56.69 23.95 -54.16
C LEU J 181 57.42 25.07 -54.89
N THR J 182 58.05 25.95 -54.10
CA THR J 182 58.98 26.92 -54.66
C THR J 182 60.39 26.32 -54.68
N PRO J 183 61.24 26.76 -55.61
CA PRO J 183 62.60 26.22 -55.66
C PRO J 183 63.38 26.39 -54.37
N GLU J 184 63.07 27.43 -53.59
CA GLU J 184 63.75 27.61 -52.30
C GLU J 184 63.30 26.57 -51.29
N GLN J 185 62.00 26.29 -51.24
CA GLN J 185 61.49 25.26 -50.34
C GLN J 185 62.04 23.89 -50.71
N TRP J 186 62.25 23.64 -52.00
CA TRP J 186 62.80 22.34 -52.43
C TRP J 186 64.28 22.23 -52.10
N LYS J 187 65.03 23.32 -52.23
CA LYS J 187 66.45 23.30 -51.92
C LYS J 187 66.76 23.46 -50.44
N SER J 188 65.79 23.94 -49.65
CA SER J 188 66.03 24.16 -48.23
C SER J 188 66.13 22.85 -47.46
N HIS J 189 65.10 22.00 -47.58
CA HIS J 189 65.07 20.74 -46.87
C HIS J 189 65.99 19.72 -47.55
N ARG J 190 66.26 18.63 -46.83
CA ARG J 190 67.16 17.60 -47.33
C ARG J 190 66.46 16.52 -48.15
N SER J 191 65.17 16.32 -47.93
CA SER J 191 64.43 15.28 -48.64
C SER J 191 62.93 15.49 -48.43
N TYR J 192 62.16 15.06 -49.43
CA TYR J 192 60.71 15.02 -49.35
C TYR J 192 60.24 13.60 -49.59
N SER J 193 59.11 13.24 -48.96
CA SER J 193 58.61 11.88 -48.98
C SER J 193 57.15 11.83 -49.39
N CYS J 194 56.79 10.77 -50.11
CA CYS J 194 55.42 10.47 -50.46
C CYS J 194 55.03 9.16 -49.80
N GLN J 195 54.04 9.21 -48.91
CA GLN J 195 53.62 8.05 -48.11
C GLN J 195 52.23 7.61 -48.55
N VAL J 196 52.15 6.39 -49.09
CA VAL J 196 50.90 5.83 -49.60
C VAL J 196 50.51 4.65 -48.72
N THR J 197 49.29 4.71 -48.17
CA THR J 197 48.74 3.65 -47.33
C THR J 197 47.60 2.95 -48.06
N HIS J 198 47.62 1.62 -48.05
CA HIS J 198 46.61 0.82 -48.73
C HIS J 198 46.25 -0.37 -47.83
N GLU J 199 45.15 -0.23 -47.09
CA GLU J 199 44.63 -1.28 -46.21
C GLU J 199 45.70 -1.78 -45.24
N GLY J 200 46.10 -0.87 -44.35
CA GLY J 200 47.07 -1.21 -43.32
C GLY J 200 48.51 -1.13 -43.77
N SER J 201 48.77 -1.47 -45.04
CA SER J 201 50.13 -1.42 -45.57
C SER J 201 50.48 0.00 -46.00
N THR J 202 51.76 0.33 -45.89
CA THR J 202 52.24 1.68 -46.18
C THR J 202 53.50 1.60 -47.03
N VAL J 203 53.49 2.31 -48.15
CA VAL J 203 54.64 2.41 -49.05
C VAL J 203 55.08 3.87 -49.11
N GLU J 204 56.37 4.11 -48.96
CA GLU J 204 56.93 5.45 -48.92
C GLU J 204 58.11 5.56 -49.87
N LYS J 205 58.16 6.64 -50.65
CA LYS J 205 59.27 6.97 -51.52
C LYS J 205 59.78 8.36 -51.19
N THR J 206 61.10 8.55 -51.35
CA THR J 206 61.76 9.77 -50.92
C THR J 206 62.75 10.22 -51.98
N VAL J 207 62.75 11.52 -52.29
CA VAL J 207 63.68 12.13 -53.23
C VAL J 207 64.42 13.27 -52.53
N ALA J 208 65.59 13.60 -53.05
CA ALA J 208 66.46 14.61 -52.46
C ALA J 208 66.98 15.55 -53.52
N PRO J 209 67.16 16.84 -53.18
CA PRO J 209 67.69 17.80 -54.17
C PRO J 209 69.15 17.58 -54.48
N THR J 210 69.42 16.89 -55.59
CA THR J 210 70.79 16.62 -56.03
C THR J 210 70.94 16.87 -57.53
N GLN K 1 6.19 8.96 -68.78
CA GLN K 1 5.71 9.25 -67.44
C GLN K 1 6.84 9.12 -66.42
N VAL K 2 6.79 9.97 -65.39
CA VAL K 2 7.75 9.98 -64.30
C VAL K 2 9.16 10.23 -64.84
N GLN K 3 9.48 11.51 -65.06
CA GLN K 3 10.78 11.92 -65.57
C GLN K 3 11.13 13.26 -64.95
N LEU K 4 12.41 13.46 -64.66
CA LEU K 4 12.95 14.75 -64.20
C LEU K 4 14.09 15.13 -65.14
N VAL K 5 13.78 15.90 -66.18
CA VAL K 5 14.77 16.31 -67.17
C VAL K 5 15.32 17.67 -66.77
N GLU K 6 16.64 17.75 -66.61
CA GLU K 6 17.29 18.98 -66.21
C GLU K 6 18.04 19.61 -67.39
N SER K 7 18.34 20.89 -67.26
CA SER K 7 19.07 21.61 -68.29
C SER K 7 19.53 22.94 -67.71
N GLY K 8 20.44 23.59 -68.43
CA GLY K 8 20.97 24.89 -68.06
C GLY K 8 22.39 24.89 -67.55
N GLY K 9 23.07 23.74 -67.53
CA GLY K 9 24.43 23.70 -67.04
C GLY K 9 25.45 24.08 -68.10
N GLY K 10 26.69 24.23 -67.65
CA GLY K 10 27.77 24.65 -68.50
C GLY K 10 28.84 25.37 -67.70
N LEU K 11 29.69 26.12 -68.42
CA LEU K 11 30.73 26.90 -67.78
C LEU K 11 30.28 28.35 -67.60
N ILE K 12 30.68 28.94 -66.49
CA ILE K 12 30.34 30.32 -66.17
C ILE K 12 31.44 30.90 -65.29
N GLN K 13 31.80 32.15 -65.57
CA GLN K 13 32.88 32.79 -64.86
C GLN K 13 32.50 33.01 -63.39
N PRO K 14 33.50 33.14 -62.52
CA PRO K 14 33.21 33.39 -61.10
C PRO K 14 32.50 34.72 -60.91
N GLY K 15 31.61 34.76 -59.93
CA GLY K 15 30.76 35.91 -59.68
C GLY K 15 29.59 36.07 -60.63
N GLY K 16 29.43 35.17 -61.59
CA GLY K 16 28.37 35.27 -62.57
C GLY K 16 27.06 34.70 -62.06
N SER K 17 26.12 34.51 -62.99
CA SER K 17 24.80 34.00 -62.69
C SER K 17 24.41 32.92 -63.68
N LEU K 18 23.66 31.92 -63.20
CA LEU K 18 23.20 30.84 -64.06
C LEU K 18 21.93 30.25 -63.45
N ARG K 19 20.97 29.90 -64.31
CA ARG K 19 19.68 29.38 -63.89
C ARG K 19 19.49 27.96 -64.41
N LEU K 20 19.16 27.05 -63.52
CA LEU K 20 18.97 25.64 -63.86
C LEU K 20 17.49 25.30 -63.97
N SER K 21 17.18 24.35 -64.85
CA SER K 21 15.81 23.93 -65.09
C SER K 21 15.66 22.44 -64.79
N CYS K 22 14.43 22.04 -64.49
CA CYS K 22 14.10 20.68 -64.06
C CYS K 22 12.66 20.41 -64.54
N ALA K 23 12.55 19.95 -65.79
CA ALA K 23 11.24 19.66 -66.36
C ALA K 23 10.67 18.38 -65.76
N ALA K 24 9.42 18.43 -65.32
CA ALA K 24 8.76 17.33 -64.64
C ALA K 24 7.63 16.76 -65.48
N SER K 25 7.48 15.43 -65.44
CA SER K 25 6.44 14.74 -66.18
C SER K 25 5.80 13.70 -65.28
N GLY K 26 4.47 13.73 -65.18
CA GLY K 26 3.76 12.80 -64.32
C GLY K 26 3.70 13.25 -62.87
N ILE K 27 4.71 13.98 -62.44
CA ILE K 27 4.79 14.52 -61.09
C ILE K 27 4.55 16.02 -61.17
N THR K 28 3.63 16.53 -60.34
CA THR K 28 3.33 17.95 -60.33
C THR K 28 4.26 18.65 -59.34
N VAL K 29 5.05 19.62 -59.83
CA VAL K 29 6.02 20.31 -59.00
C VAL K 29 5.33 21.14 -57.92
N SER K 30 4.26 21.86 -58.30
CA SER K 30 3.60 22.78 -57.39
C SER K 30 2.92 22.09 -56.22
N SER K 31 2.80 20.77 -56.24
CA SER K 31 2.16 20.05 -55.14
C SER K 31 3.10 18.99 -54.56
N ASN K 32 4.41 19.26 -54.54
CA ASN K 32 5.37 18.31 -53.99
C ASN K 32 6.54 19.05 -53.35
N TYR K 33 7.18 18.37 -52.40
CA TYR K 33 8.48 18.80 -51.90
C TYR K 33 9.54 18.58 -52.98
N MET K 34 10.01 19.67 -53.57
CA MET K 34 11.06 19.62 -54.59
C MET K 34 12.34 20.18 -54.01
N THR K 35 13.47 19.52 -54.32
CA THR K 35 14.76 19.94 -53.79
C THR K 35 15.83 19.96 -54.87
N TRP K 36 16.92 20.67 -54.55
CA TRP K 36 18.14 20.66 -55.35
C TRP K 36 19.28 20.10 -54.51
N VAL K 37 20.01 19.15 -55.08
CA VAL K 37 21.15 18.50 -54.42
C VAL K 37 22.33 18.45 -55.38
N ARG K 38 23.47 18.95 -54.94
CA ARG K 38 24.69 18.99 -55.73
C ARG K 38 25.71 17.99 -55.19
N GLN K 39 26.60 17.54 -56.08
CA GLN K 39 27.67 16.62 -55.75
C GLN K 39 28.97 17.12 -56.36
N ALA K 40 29.88 17.59 -55.51
CA ALA K 40 31.18 18.04 -55.99
C ALA K 40 31.92 16.88 -56.66
N PRO K 41 32.75 17.17 -57.65
CA PRO K 41 33.44 16.10 -58.37
C PRO K 41 34.28 15.21 -57.47
N GLY K 42 33.72 14.05 -57.13
CA GLY K 42 34.41 13.09 -56.30
C GLY K 42 34.16 13.21 -54.81
N LYS K 43 33.16 13.98 -54.41
CA LYS K 43 32.81 14.11 -53.00
C LYS K 43 31.42 13.53 -52.76
N GLY K 44 30.91 13.73 -51.55
CA GLY K 44 29.61 13.22 -51.17
C GLY K 44 28.49 14.09 -51.69
N LEU K 45 27.30 13.84 -51.16
CA LEU K 45 26.10 14.58 -51.55
C LEU K 45 25.82 15.68 -50.55
N GLU K 46 25.45 16.85 -51.06
CA GLU K 46 25.15 18.02 -50.22
C GLU K 46 23.81 18.60 -50.65
N TRP K 47 22.82 18.55 -49.76
CA TRP K 47 21.55 19.19 -50.05
C TRP K 47 21.73 20.70 -50.12
N VAL K 48 21.03 21.32 -51.07
CA VAL K 48 21.18 22.75 -51.35
C VAL K 48 19.93 23.52 -50.97
N SER K 49 18.81 23.24 -51.63
CA SER K 49 17.60 24.03 -51.45
C SER K 49 16.38 23.13 -51.57
N LEU K 50 15.23 23.64 -51.10
CA LEU K 50 13.96 22.94 -51.25
C LEU K 50 12.84 23.96 -51.35
N LEU K 51 11.70 23.50 -51.87
CA LEU K 51 10.51 24.33 -52.02
C LEU K 51 9.30 23.52 -51.58
N TYR K 52 8.55 24.06 -50.64
CA TYR K 52 7.34 23.39 -50.18
C TYR K 52 6.24 23.52 -51.23
N ALA K 53 5.27 22.61 -51.15
CA ALA K 53 4.09 22.73 -52.00
C ALA K 53 3.34 24.02 -51.70
N GLY K 54 3.43 24.52 -50.47
CA GLY K 54 2.78 25.74 -50.06
C GLY K 54 3.56 27.00 -50.34
N GLY K 55 4.76 26.89 -50.88
CA GLY K 55 5.54 28.04 -51.28
C GLY K 55 6.72 28.35 -50.38
N SER K 56 6.85 27.69 -49.23
CA SER K 56 7.97 27.97 -48.36
C SER K 56 9.27 27.43 -48.97
N ALA K 57 10.32 28.24 -48.89
CA ALA K 57 11.64 27.88 -49.40
C ALA K 57 12.65 27.83 -48.27
N PHE K 58 13.59 26.89 -48.37
CA PHE K 58 14.66 26.78 -47.40
C PHE K 58 15.95 26.37 -48.11
N TYR K 59 17.07 26.94 -47.65
CA TYR K 59 18.34 26.80 -48.32
C TYR K 59 19.39 26.36 -47.31
N ALA K 60 20.47 25.78 -47.82
CA ALA K 60 21.60 25.38 -46.99
C ALA K 60 22.46 26.60 -46.67
N ASP K 61 23.30 26.46 -45.63
CA ASP K 61 24.11 27.58 -45.17
C ASP K 61 25.15 28.00 -46.20
N SER K 62 25.56 27.09 -47.07
CA SER K 62 26.63 27.37 -48.03
C SER K 62 26.16 28.15 -49.25
N VAL K 63 24.86 28.37 -49.43
CA VAL K 63 24.36 29.04 -50.61
C VAL K 63 23.34 30.11 -50.25
N LYS K 64 23.16 30.36 -48.95
CA LYS K 64 22.15 31.32 -48.53
C LYS K 64 22.47 32.70 -49.07
N GLY K 65 21.43 33.41 -49.51
CA GLY K 65 21.56 34.71 -50.10
C GLY K 65 22.10 34.72 -51.52
N ARG K 66 22.67 33.61 -51.98
CA ARG K 66 23.20 33.50 -53.33
C ARG K 66 22.31 32.69 -54.24
N PHE K 67 21.59 31.70 -53.73
CA PHE K 67 20.72 30.87 -54.55
C PHE K 67 19.26 31.20 -54.30
N THR K 68 18.44 30.88 -55.30
CA THR K 68 17.00 31.14 -55.24
C THR K 68 16.29 30.03 -56.00
N ILE K 69 15.37 29.35 -55.32
CA ILE K 69 14.63 28.26 -55.92
C ILE K 69 13.21 28.72 -56.23
N SER K 70 12.71 28.31 -57.40
CA SER K 70 11.39 28.72 -57.85
C SER K 70 10.81 27.61 -58.71
N ARG K 71 9.60 27.86 -59.22
CA ARG K 71 8.91 26.89 -60.06
C ARG K 71 7.95 27.65 -60.96
N ASP K 72 7.43 26.93 -61.96
CA ASP K 72 6.43 27.49 -62.87
C ASP K 72 5.37 26.42 -63.07
N ASN K 73 4.16 26.70 -62.56
CA ASN K 73 3.11 25.69 -62.58
C ASN K 73 2.59 25.45 -63.99
N SER K 74 2.58 26.48 -64.83
CA SER K 74 2.14 26.26 -66.20
C SER K 74 3.09 25.33 -66.94
N LYS K 75 4.40 25.56 -66.80
CA LYS K 75 5.39 24.73 -67.49
C LYS K 75 5.77 23.49 -66.69
N ASN K 76 5.36 23.40 -65.42
CA ASN K 76 5.65 22.25 -64.56
C ASN K 76 7.15 21.98 -64.49
N THR K 77 7.88 23.00 -64.06
CA THR K 77 9.33 22.90 -64.04
C THR K 77 9.87 23.61 -62.80
N LEU K 78 10.86 22.99 -62.18
CA LEU K 78 11.53 23.54 -61.02
C LEU K 78 12.78 24.29 -61.45
N TYR K 79 13.02 25.44 -60.80
CA TYR K 79 14.14 26.30 -61.15
C TYR K 79 15.03 26.57 -59.95
N LEU K 80 16.31 26.84 -60.24
CA LEU K 80 17.30 27.20 -59.23
C LEU K 80 18.17 28.32 -59.81
N LEU K 81 17.94 29.53 -59.33
CA LEU K 81 18.73 30.68 -59.73
C LEU K 81 19.98 30.76 -58.86
N MET K 82 21.14 30.96 -59.49
CA MET K 82 22.41 30.95 -58.80
C MET K 82 23.17 32.23 -59.13
N ASN K 83 23.48 33.00 -58.09
CA ASN K 83 24.21 34.25 -58.24
C ASN K 83 25.49 34.20 -57.41
N SER K 84 26.47 35.00 -57.82
CA SER K 84 27.73 35.13 -57.11
C SER K 84 28.40 33.78 -56.92
N LEU K 85 28.67 33.12 -58.05
CA LEU K 85 29.21 31.77 -58.04
C LEU K 85 30.72 31.79 -57.78
N ARG K 86 31.22 30.68 -57.24
CA ARG K 86 32.63 30.50 -57.01
C ARG K 86 32.99 29.06 -57.37
N VAL K 87 34.28 28.73 -57.24
CA VAL K 87 34.72 27.40 -57.64
C VAL K 87 34.17 26.37 -56.68
N GLY K 88 33.88 26.78 -55.44
CA GLY K 88 33.25 25.87 -54.49
C GLY K 88 31.89 25.37 -54.94
N ASP K 89 31.21 26.13 -55.79
CA ASP K 89 29.91 25.70 -56.29
C ASP K 89 30.01 24.77 -57.48
N THR K 90 31.21 24.54 -58.02
CA THR K 90 31.36 23.66 -59.16
C THR K 90 30.97 22.24 -58.77
N ALA K 91 29.90 21.72 -59.38
CA ALA K 91 29.40 20.40 -59.05
C ALA K 91 28.39 19.98 -60.11
N VAL K 92 27.92 18.74 -59.99
CA VAL K 92 26.81 18.22 -60.79
C VAL K 92 25.54 18.38 -59.97
N TYR K 93 24.59 19.15 -60.49
CA TYR K 93 23.39 19.50 -59.75
C TYR K 93 22.24 18.58 -60.14
N TYR K 94 21.58 18.02 -59.14
CA TYR K 94 20.42 17.15 -59.32
C TYR K 94 19.17 17.79 -58.72
N CYS K 95 18.03 17.48 -59.33
CA CYS K 95 16.73 17.84 -58.77
C CYS K 95 15.93 16.58 -58.51
N ALA K 96 15.23 16.56 -57.38
CA ALA K 96 14.50 15.37 -56.99
C ALA K 96 13.26 15.76 -56.21
N ARG K 97 12.31 14.83 -56.15
CA ARG K 97 11.05 15.01 -55.45
C ARG K 97 11.16 14.37 -54.08
N ASP K 98 10.93 15.15 -53.03
CA ASP K 98 10.98 14.63 -51.67
C ASP K 98 9.63 14.09 -51.28
N LEU K 99 9.65 12.93 -50.65
CA LEU K 99 8.49 12.36 -49.99
C LEU K 99 8.70 12.33 -48.48
N GLN K 100 9.60 13.18 -47.99
CA GLN K 100 9.95 13.25 -46.59
C GLN K 100 10.40 11.89 -46.05
N VAL K 101 9.62 11.28 -45.15
CA VAL K 101 10.06 10.00 -44.60
C VAL K 101 10.18 8.95 -45.69
N TYR K 102 9.25 8.96 -46.63
CA TYR K 102 9.30 8.04 -47.76
C TYR K 102 10.57 8.23 -48.58
N GLY K 103 11.12 9.45 -48.61
CA GLY K 103 12.42 9.70 -49.19
C GLY K 103 12.35 10.31 -50.59
N MET K 104 13.53 10.49 -51.18
CA MET K 104 13.62 11.07 -52.52
C MET K 104 13.64 9.93 -53.53
N ASP K 105 12.48 9.64 -54.12
CA ASP K 105 12.35 8.50 -55.01
C ASP K 105 12.86 8.81 -56.42
N VAL K 106 12.33 9.86 -57.03
CA VAL K 106 12.62 10.18 -58.43
C VAL K 106 13.68 11.27 -58.49
N TRP K 107 14.76 10.99 -59.23
CA TRP K 107 15.87 11.92 -59.39
C TRP K 107 16.02 12.30 -60.85
N GLY K 108 16.55 13.50 -61.08
CA GLY K 108 16.89 13.93 -62.41
C GLY K 108 18.21 13.35 -62.87
N GLN K 109 18.46 13.45 -64.18
CA GLN K 109 19.69 12.91 -64.74
C GLN K 109 20.91 13.74 -64.32
N GLY K 110 20.70 15.00 -63.95
CA GLY K 110 21.78 15.84 -63.47
C GLY K 110 22.50 16.62 -64.55
N THR K 111 22.64 17.94 -64.35
CA THR K 111 23.40 18.79 -65.23
C THR K 111 24.65 19.29 -64.50
N THR K 112 25.71 19.52 -65.26
CA THR K 112 27.01 19.84 -64.69
C THR K 112 27.29 21.33 -64.79
N VAL K 113 27.81 21.91 -63.72
CA VAL K 113 28.12 23.33 -63.65
C VAL K 113 29.60 23.48 -63.33
N THR K 114 30.33 24.18 -64.19
CA THR K 114 31.77 24.37 -64.04
C THR K 114 32.07 25.84 -63.85
N VAL K 115 32.64 26.20 -62.70
CA VAL K 115 33.00 27.58 -62.39
C VAL K 115 34.48 27.61 -62.00
N SER K 116 35.30 28.34 -62.77
CA SER K 116 36.71 28.55 -62.41
C SER K 116 37.35 29.67 -63.23
N SER K 117 37.68 29.41 -64.49
CA SER K 117 38.21 30.43 -65.39
C SER K 117 37.85 30.04 -66.82
N ALA K 118 38.72 30.37 -67.78
CA ALA K 118 38.38 30.10 -69.18
C ALA K 118 39.65 30.14 -70.03
N SER K 119 39.48 30.43 -71.33
CA SER K 119 40.48 30.61 -72.37
C SER K 119 41.35 29.37 -72.52
N THR K 120 41.35 28.81 -73.73
CA THR K 120 42.05 27.54 -74.00
C THR K 120 43.55 27.66 -73.84
N LYS K 121 44.07 27.29 -72.68
CA LYS K 121 45.50 27.42 -72.46
C LYS K 121 46.19 26.15 -72.97
N GLY K 122 47.43 26.30 -73.40
CA GLY K 122 48.22 25.17 -73.86
C GLY K 122 49.19 24.73 -72.79
N PRO K 123 49.49 23.44 -72.75
CA PRO K 123 50.32 22.92 -71.67
C PRO K 123 51.79 23.18 -71.89
N SER K 124 52.53 23.16 -70.79
CA SER K 124 53.97 23.15 -70.81
C SER K 124 54.43 21.73 -70.49
N VAL K 125 55.24 21.16 -71.37
CA VAL K 125 55.65 19.76 -71.28
C VAL K 125 57.07 19.71 -70.75
N PHE K 126 57.27 18.97 -69.67
CA PHE K 126 58.59 18.81 -69.06
C PHE K 126 58.96 17.34 -68.98
N PRO K 127 60.20 16.99 -69.30
CA PRO K 127 60.61 15.58 -69.27
C PRO K 127 60.79 15.09 -67.84
N LEU K 128 60.37 13.84 -67.62
CA LEU K 128 60.56 13.14 -66.35
C LEU K 128 61.67 12.12 -66.58
N ALA K 129 62.91 12.53 -66.32
CA ALA K 129 64.06 11.73 -66.66
C ALA K 129 64.11 10.44 -65.85
N PRO K 130 64.59 9.35 -66.44
CA PRO K 130 64.76 8.11 -65.67
C PRO K 130 65.91 8.25 -64.68
N SER K 131 65.69 7.72 -63.49
CA SER K 131 66.68 7.84 -62.43
C SER K 131 67.95 7.05 -62.77
N SER K 132 69.08 7.52 -62.25
CA SER K 132 70.36 6.87 -62.45
C SER K 132 70.57 5.67 -61.53
N LYS K 133 69.65 5.42 -60.62
CA LYS K 133 69.76 4.28 -59.72
C LYS K 133 68.98 3.08 -60.24
N GLY K 138 66.10 -3.80 -62.61
CA GLY K 138 66.40 -4.17 -63.98
C GLY K 138 65.59 -3.38 -65.00
N THR K 139 64.60 -2.63 -64.51
CA THR K 139 63.76 -1.79 -65.35
C THR K 139 63.84 -0.34 -64.88
N ALA K 140 63.44 0.58 -65.75
CA ALA K 140 63.45 2.00 -65.43
C ALA K 140 62.18 2.64 -65.98
N ALA K 141 61.71 3.67 -65.28
CA ALA K 141 60.49 4.38 -65.64
C ALA K 141 60.81 5.83 -65.96
N LEU K 142 60.38 6.28 -67.14
CA LEU K 142 60.50 7.66 -67.58
C LEU K 142 59.15 8.15 -68.09
N GLY K 143 58.98 9.47 -68.12
CA GLY K 143 57.70 10.00 -68.53
C GLY K 143 57.77 11.47 -68.93
N CYS K 144 56.58 12.05 -69.14
CA CYS K 144 56.41 13.43 -69.55
C CYS K 144 55.38 14.10 -68.65
N LEU K 145 55.69 15.33 -68.23
CA LEU K 145 54.79 16.12 -67.40
C LEU K 145 54.05 17.11 -68.28
N VAL K 146 52.75 16.88 -68.48
CA VAL K 146 51.88 17.76 -69.24
C VAL K 146 51.19 18.65 -68.21
N LYS K 147 51.69 19.88 -68.06
CA LYS K 147 51.33 20.73 -66.93
C LYS K 147 50.56 21.97 -67.41
N ASP K 148 49.53 22.34 -66.65
CA ASP K 148 48.78 23.58 -66.82
C ASP K 148 48.17 23.72 -68.22
N TYR K 149 47.05 23.05 -68.45
CA TYR K 149 46.31 23.18 -69.68
C TYR K 149 44.82 23.21 -69.37
N PHE K 150 44.05 23.75 -70.30
CA PHE K 150 42.60 23.80 -70.17
C PHE K 150 42.01 24.06 -71.54
N PRO K 151 40.92 23.37 -71.92
CA PRO K 151 40.30 22.32 -71.12
C PRO K 151 40.81 20.95 -71.51
N GLU K 152 40.29 19.91 -70.85
CA GLU K 152 40.62 18.54 -71.21
C GLU K 152 40.07 18.21 -72.60
N PRO K 153 40.60 17.17 -73.26
CA PRO K 153 41.74 16.33 -72.86
C PRO K 153 42.99 16.56 -73.69
N VAL K 154 44.09 15.93 -73.30
CA VAL K 154 45.29 15.85 -74.12
C VAL K 154 45.57 14.39 -74.43
N THR K 155 46.16 14.14 -75.59
CA THR K 155 46.55 12.80 -76.00
C THR K 155 48.07 12.69 -75.98
N VAL K 156 48.58 11.63 -75.38
CA VAL K 156 50.02 11.39 -75.29
C VAL K 156 50.33 10.06 -75.94
N SER K 157 51.15 10.09 -76.97
CA SER K 157 51.71 8.91 -77.58
C SER K 157 53.23 8.95 -77.42
N TRP K 158 53.88 7.83 -77.71
CA TRP K 158 55.32 7.72 -77.54
C TRP K 158 55.95 7.25 -78.84
N ASN K 159 56.94 8.02 -79.32
CA ASN K 159 57.61 7.74 -80.59
C ASN K 159 56.63 7.66 -81.75
N SER K 160 55.69 8.59 -81.79
CA SER K 160 54.66 8.67 -82.84
C SER K 160 53.83 7.39 -82.92
N GLY K 161 53.44 6.86 -81.76
CA GLY K 161 52.61 5.68 -81.70
C GLY K 161 53.35 4.37 -81.86
N ALA K 162 54.65 4.40 -82.13
CA ALA K 162 55.42 3.16 -82.31
C ALA K 162 55.68 2.43 -81.00
N LEU K 163 55.48 3.09 -79.86
CA LEU K 163 55.66 2.49 -78.55
C LEU K 163 54.34 2.55 -77.81
N THR K 164 53.76 1.38 -77.52
CA THR K 164 52.44 1.32 -76.90
C THR K 164 52.46 0.47 -75.63
N SER K 165 53.07 -0.72 -75.70
CA SER K 165 53.11 -1.61 -74.56
C SER K 165 54.07 -1.08 -73.51
N GLY K 166 53.60 -0.98 -72.26
CA GLY K 166 54.33 -0.36 -71.19
C GLY K 166 53.91 1.08 -70.92
N VAL K 167 53.30 1.74 -71.90
CA VAL K 167 52.85 3.12 -71.71
C VAL K 167 51.65 3.13 -70.77
N HIS K 168 51.67 4.05 -69.81
CA HIS K 168 50.57 4.22 -68.87
C HIS K 168 50.34 5.71 -68.66
N THR K 169 49.28 6.23 -69.28
CA THR K 169 48.92 7.64 -69.16
C THR K 169 47.90 7.80 -68.05
N PHE K 170 48.27 8.53 -66.99
CA PHE K 170 47.45 8.68 -65.79
C PHE K 170 46.37 9.73 -65.97
N PRO K 171 45.24 9.57 -65.28
CA PRO K 171 44.20 10.61 -65.31
C PRO K 171 44.71 11.92 -64.73
N ALA K 172 44.14 13.02 -65.21
CA ALA K 172 44.63 14.35 -64.86
C ALA K 172 44.04 14.81 -63.52
N VAL K 173 44.76 15.71 -62.86
CA VAL K 173 44.29 16.39 -61.67
C VAL K 173 43.59 17.67 -62.09
N LEU K 174 42.68 18.14 -61.25
CA LEU K 174 42.10 19.46 -61.40
C LEU K 174 42.70 20.34 -60.30
N GLN K 175 43.74 21.08 -60.65
CA GLN K 175 44.39 21.97 -59.70
C GLN K 175 43.42 23.05 -59.24
N SER K 176 43.73 23.63 -58.07
CA SER K 176 42.92 24.72 -57.54
C SER K 176 42.94 25.94 -58.44
N SER K 177 43.92 26.04 -59.34
CA SER K 177 43.99 27.13 -60.30
C SER K 177 43.00 26.97 -61.45
N GLY K 178 42.26 25.87 -61.51
CA GLY K 178 41.37 25.59 -62.62
C GLY K 178 42.02 24.94 -63.81
N LEU K 179 43.34 24.78 -63.82
CA LEU K 179 44.06 24.16 -64.93
C LEU K 179 44.32 22.69 -64.65
N TYR K 180 44.49 21.92 -65.72
CA TYR K 180 44.69 20.49 -65.63
C TYR K 180 46.16 20.13 -65.81
N SER K 181 46.55 18.99 -65.25
CA SER K 181 47.91 18.48 -65.39
C SER K 181 47.87 16.96 -65.27
N LEU K 182 48.58 16.28 -66.16
CA LEU K 182 48.67 14.82 -66.12
C LEU K 182 50.09 14.38 -66.43
N SER K 183 50.33 13.08 -66.26
CA SER K 183 51.62 12.49 -66.56
C SER K 183 51.42 11.18 -67.32
N SER K 184 52.33 10.91 -68.25
CA SER K 184 52.33 9.67 -69.02
C SER K 184 53.69 9.03 -68.92
N VAL K 185 53.75 7.83 -68.35
CA VAL K 185 55.02 7.14 -68.11
C VAL K 185 55.03 5.82 -68.87
N VAL K 186 56.22 5.42 -69.30
CA VAL K 186 56.44 4.12 -69.92
C VAL K 186 57.62 3.47 -69.22
N THR K 187 57.40 2.25 -68.73
CA THR K 187 58.44 1.53 -67.98
C THR K 187 59.22 0.67 -68.96
N VAL K 188 60.48 1.04 -69.19
CA VAL K 188 61.33 0.37 -70.16
C VAL K 188 62.42 -0.40 -69.42
N PRO K 189 63.07 -1.37 -70.05
CA PRO K 189 64.20 -2.04 -69.40
C PRO K 189 65.35 -1.09 -69.20
N SER K 190 66.11 -1.31 -68.12
CA SER K 190 67.20 -0.41 -67.77
C SER K 190 68.31 -0.42 -68.81
N SER K 191 68.47 -1.53 -69.54
CA SER K 191 69.60 -1.65 -70.46
C SER K 191 69.44 -0.80 -71.73
N SER K 192 68.22 -0.44 -72.09
CA SER K 192 67.98 0.25 -73.36
C SER K 192 68.02 1.77 -73.23
N LEU K 193 68.33 2.30 -72.04
CA LEU K 193 68.30 3.74 -71.82
C LEU K 193 69.34 4.49 -72.65
N GLY K 194 70.41 3.82 -73.06
CA GLY K 194 71.47 4.50 -73.77
C GLY K 194 71.41 4.32 -75.28
N THR K 195 70.73 3.27 -75.73
CA THR K 195 70.66 2.96 -77.16
C THR K 195 69.37 3.39 -77.82
N GLN K 196 68.31 3.65 -77.06
CA GLN K 196 67.02 4.00 -77.60
C GLN K 196 66.70 5.47 -77.30
N THR K 197 65.98 6.10 -78.21
CA THR K 197 65.50 7.46 -78.04
C THR K 197 64.01 7.42 -77.74
N TYR K 198 63.58 8.15 -76.72
CA TYR K 198 62.19 8.19 -76.29
C TYR K 198 61.66 9.61 -76.40
N ILE K 199 60.52 9.77 -77.10
CA ILE K 199 59.90 11.07 -77.34
C ILE K 199 58.40 10.94 -77.16
N CYS K 200 57.83 11.71 -76.25
CA CYS K 200 56.38 11.74 -76.06
C CYS K 200 55.76 12.79 -76.96
N ASN K 201 54.61 12.46 -77.54
CA ASN K 201 53.90 13.34 -78.47
C ASN K 201 52.61 13.80 -77.79
N VAL K 202 52.63 15.02 -77.27
CA VAL K 202 51.50 15.59 -76.55
C VAL K 202 50.73 16.50 -77.50
N ASN K 203 49.42 16.26 -77.61
CA ASN K 203 48.54 17.04 -78.47
C ASN K 203 47.40 17.62 -77.64
N HIS K 204 47.17 18.93 -77.79
CA HIS K 204 46.06 19.61 -77.15
C HIS K 204 45.23 20.23 -78.26
N LYS K 205 44.15 19.55 -78.65
CA LYS K 205 43.35 19.98 -79.79
C LYS K 205 42.75 21.37 -79.63
N PRO K 206 42.12 21.73 -78.51
CA PRO K 206 41.46 23.05 -78.44
C PRO K 206 42.41 24.23 -78.64
N SER K 207 43.65 24.12 -78.19
CA SER K 207 44.65 25.16 -78.42
C SER K 207 45.48 24.90 -79.66
N ASN K 208 45.19 23.82 -80.39
CA ASN K 208 46.00 23.37 -81.53
C ASN K 208 47.48 23.33 -81.17
N THR K 209 47.77 22.72 -80.02
CA THR K 209 49.13 22.52 -79.52
C THR K 209 49.59 21.10 -79.84
N LYS K 210 50.80 20.98 -80.37
CA LYS K 210 51.39 19.69 -80.72
C LYS K 210 52.83 19.69 -80.21
N VAL K 211 53.06 19.04 -79.08
CA VAL K 211 54.37 19.07 -78.42
C VAL K 211 55.00 17.69 -78.48
N ASP K 212 56.26 17.64 -78.94
CA ASP K 212 57.08 16.44 -78.91
C ASP K 212 58.28 16.71 -78.03
N LYS K 213 58.46 15.90 -76.98
CA LYS K 213 59.51 16.11 -75.99
C LYS K 213 60.32 14.82 -75.84
N ARG K 214 61.65 14.93 -75.95
CA ARG K 214 62.53 13.80 -75.68
C ARG K 214 62.86 13.72 -74.19
N VAL K 215 62.98 12.49 -73.70
CA VAL K 215 63.28 12.23 -72.29
C VAL K 215 64.63 11.52 -72.26
N GLU K 216 65.67 12.26 -71.89
CA GLU K 216 67.03 11.75 -71.76
C GLU K 216 67.39 11.62 -70.28
N PRO K 217 68.33 10.74 -69.95
CA PRO K 217 68.75 10.62 -68.54
C PRO K 217 69.36 11.92 -68.03
N LYS K 218 69.18 12.16 -66.74
CA LYS K 218 69.64 13.40 -66.13
C LYS K 218 71.16 13.42 -66.04
N SER K 219 71.78 14.50 -66.49
CA SER K 219 73.23 14.64 -66.45
C SER K 219 73.69 15.31 -65.15
N THR L 7 -15.37 38.05 -8.83
CA THR L 7 -16.16 37.28 -9.77
C THR L 7 -15.21 36.32 -10.53
N ASN L 8 -14.06 36.02 -9.93
CA ASN L 8 -12.98 35.32 -10.64
C ASN L 8 -13.51 34.10 -11.38
N LEU L 9 -13.16 33.97 -12.67
CA LEU L 9 -13.81 32.90 -13.42
C LEU L 9 -13.07 32.39 -14.65
N CYS L 10 -12.12 33.14 -15.23
CA CYS L 10 -11.51 32.67 -16.47
C CYS L 10 -10.84 31.31 -16.25
N PRO L 11 -11.34 30.25 -16.89
CA PRO L 11 -10.88 28.89 -16.59
C PRO L 11 -9.52 28.56 -17.20
N PHE L 12 -8.50 29.28 -16.74
CA PHE L 12 -7.16 29.05 -17.25
C PHE L 12 -6.60 27.72 -16.75
N ASP L 13 -7.09 27.21 -15.64
CA ASP L 13 -6.66 25.90 -15.16
C ASP L 13 -7.05 24.79 -16.12
N GLU L 14 -8.22 24.91 -16.76
CA GLU L 14 -8.69 23.86 -17.67
C GLU L 14 -7.81 23.70 -18.91
N VAL L 15 -7.03 24.71 -19.27
CA VAL L 15 -6.21 24.68 -20.48
C VAL L 15 -4.78 24.24 -20.17
N PHE L 16 -4.16 24.82 -19.15
CA PHE L 16 -2.77 24.47 -18.83
C PHE L 16 -2.72 23.14 -18.07
N ASN L 17 -3.66 22.93 -17.15
CA ASN L 17 -3.70 21.73 -16.34
C ASN L 17 -4.53 20.62 -16.95
N ALA L 18 -4.86 20.73 -18.23
CA ALA L 18 -5.61 19.66 -18.86
C ALA L 18 -4.78 18.38 -18.89
N THR L 19 -5.45 17.25 -18.69
CA THR L 19 -4.75 15.98 -18.64
C THR L 19 -4.31 15.53 -20.02
N ARG L 20 -4.97 16.00 -21.07
CA ARG L 20 -4.64 15.57 -22.42
C ARG L 20 -4.83 16.71 -23.41
N PHE L 21 -3.80 16.94 -24.24
CA PHE L 21 -3.85 17.94 -25.29
C PHE L 21 -4.20 17.27 -26.62
N ALA L 22 -4.60 18.09 -27.59
CA ALA L 22 -4.92 17.59 -28.91
C ALA L 22 -3.67 17.56 -29.78
N SER L 23 -3.75 16.83 -30.89
CA SER L 23 -2.67 16.87 -31.85
C SER L 23 -2.62 18.24 -32.51
N VAL L 24 -1.45 18.55 -33.07
CA VAL L 24 -1.27 19.89 -33.60
C VAL L 24 -2.21 20.14 -34.76
N TYR L 25 -2.50 19.11 -35.56
CA TYR L 25 -3.30 19.35 -36.76
C TYR L 25 -4.76 19.63 -36.41
N ALA L 26 -5.24 19.11 -35.29
CA ALA L 26 -6.59 19.39 -34.84
C ALA L 26 -6.53 20.18 -33.54
N TRP L 27 -5.86 21.33 -33.56
CA TRP L 27 -5.64 22.10 -32.35
C TRP L 27 -6.96 22.55 -31.73
N ASN L 28 -7.02 22.48 -30.40
CA ASN L 28 -8.21 22.88 -29.65
C ASN L 28 -8.12 24.34 -29.27
N ARG L 29 -9.27 25.03 -29.33
CA ARG L 29 -9.36 26.43 -28.94
C ARG L 29 -10.47 26.59 -27.92
N LYS L 30 -10.16 27.24 -26.80
CA LYS L 30 -11.12 27.51 -25.75
C LYS L 30 -11.49 28.98 -25.80
N ARG L 31 -12.75 29.28 -26.13
CA ARG L 31 -13.20 30.66 -26.22
C ARG L 31 -13.48 31.18 -24.81
N ILE L 32 -12.70 32.16 -24.37
CA ILE L 32 -12.77 32.69 -23.01
C ILE L 32 -13.25 34.13 -23.08
N SER L 33 -14.32 34.42 -22.33
CA SER L 33 -14.85 35.78 -22.28
C SER L 33 -15.75 35.89 -21.05
N ASN L 34 -16.08 37.15 -20.71
CA ASN L 34 -16.92 37.49 -19.56
C ASN L 34 -16.44 36.78 -18.30
N CYS L 35 -15.23 37.16 -17.86
CA CYS L 35 -14.63 36.57 -16.68
C CYS L 35 -13.53 37.50 -16.19
N VAL L 36 -13.14 37.30 -14.93
CA VAL L 36 -12.04 38.05 -14.33
C VAL L 36 -10.74 37.30 -14.64
N ALA L 37 -9.86 37.94 -15.41
CA ALA L 37 -8.61 37.31 -15.80
C ALA L 37 -7.57 37.39 -14.69
N ASP L 38 -6.30 37.28 -15.09
CA ASP L 38 -5.18 37.29 -14.18
C ASP L 38 -3.93 37.54 -15.02
N TYR L 39 -2.86 37.93 -14.34
CA TYR L 39 -1.59 38.08 -15.03
C TYR L 39 -0.50 37.33 -14.29
N SER L 40 -0.35 37.62 -12.99
CA SER L 40 0.73 37.10 -12.16
C SER L 40 1.25 35.75 -12.64
N VAL L 41 0.38 34.73 -12.65
CA VAL L 41 0.75 33.38 -13.03
C VAL L 41 1.51 33.37 -14.36
N LEU L 42 1.04 34.15 -15.34
CA LEU L 42 1.59 34.14 -16.68
C LEU L 42 3.11 34.26 -16.70
N TYR L 43 3.66 35.42 -16.33
CA TYR L 43 5.11 35.59 -16.31
C TYR L 43 5.74 35.35 -14.94
N ASN L 44 5.12 35.86 -13.86
CA ASN L 44 5.68 35.68 -12.53
C ASN L 44 6.02 34.21 -12.26
N LEU L 45 4.99 33.34 -12.29
CA LEU L 45 5.06 31.88 -12.11
C LEU L 45 6.39 31.40 -11.55
N ALA L 46 7.21 30.89 -12.44
CA ALA L 46 8.50 30.29 -12.13
C ALA L 46 9.17 29.91 -13.43
N PRO L 47 10.50 29.69 -13.46
CA PRO L 47 11.12 29.22 -14.70
C PRO L 47 10.55 27.87 -15.11
N PHE L 48 9.53 27.93 -15.95
CA PHE L 48 8.77 26.77 -16.38
C PHE L 48 9.09 26.40 -17.82
N PHE L 49 9.02 27.37 -18.71
CA PHE L 49 8.92 27.05 -20.11
C PHE L 49 9.24 28.28 -20.95
N THR L 50 8.97 28.14 -22.26
CA THR L 50 9.06 29.27 -23.18
C THR L 50 7.89 30.22 -22.96
N PHE L 51 8.18 31.52 -23.09
CA PHE L 51 7.15 32.54 -22.91
C PHE L 51 7.48 33.72 -23.81
N LYS L 52 6.69 33.90 -24.86
CA LYS L 52 6.91 34.97 -25.83
C LYS L 52 5.62 35.71 -26.10
N CYS L 53 5.65 37.02 -25.92
CA CYS L 53 4.51 37.87 -26.22
C CYS L 53 4.81 38.77 -27.41
N TYR L 54 3.80 38.97 -28.25
CA TYR L 54 3.95 39.77 -29.45
C TYR L 54 2.84 40.80 -29.53
N GLY L 55 3.21 42.05 -29.78
CA GLY L 55 2.25 43.13 -29.86
C GLY L 55 1.75 43.63 -28.52
N VAL L 56 2.04 42.93 -27.43
CA VAL L 56 1.57 43.33 -26.10
C VAL L 56 2.60 42.89 -25.07
N SER L 57 2.66 43.63 -23.97
CA SER L 57 3.52 43.38 -22.82
C SER L 57 2.77 42.63 -21.73
N PRO L 58 3.38 41.60 -21.13
CA PRO L 58 2.68 40.83 -20.09
C PRO L 58 2.30 41.64 -18.88
N THR L 59 3.18 42.54 -18.40
CA THR L 59 2.86 43.35 -17.24
C THR L 59 1.71 44.31 -17.47
N LYS L 60 1.31 44.53 -18.72
CA LYS L 60 0.19 45.39 -19.06
C LYS L 60 -1.09 44.62 -19.32
N LEU L 61 -1.05 43.29 -19.21
CA LEU L 61 -2.25 42.50 -19.43
C LEU L 61 -3.29 42.73 -18.34
N ASN L 62 -2.85 43.03 -17.12
CA ASN L 62 -3.79 43.27 -16.04
C ASN L 62 -4.52 44.61 -16.20
N ASP L 63 -4.00 45.53 -17.02
CA ASP L 63 -4.59 46.85 -17.20
C ASP L 63 -5.31 46.99 -18.55
N LEU L 64 -5.62 45.87 -19.21
CA LEU L 64 -6.28 45.89 -20.51
C LEU L 64 -7.52 45.01 -20.47
N CYS L 65 -8.58 45.48 -21.12
CA CYS L 65 -9.80 44.71 -21.33
C CYS L 65 -9.90 44.34 -22.80
N PHE L 66 -10.28 43.09 -23.06
CA PHE L 66 -10.39 42.57 -24.42
C PHE L 66 -11.79 42.02 -24.65
N THR L 67 -12.17 41.96 -25.93
CA THR L 67 -13.48 41.40 -26.30
C THR L 67 -13.50 39.89 -26.06
N ASN L 68 -12.56 39.17 -26.67
CA ASN L 68 -12.47 37.72 -26.51
C ASN L 68 -11.00 37.33 -26.42
N VAL L 69 -10.73 36.29 -25.63
CA VAL L 69 -9.40 35.72 -25.47
C VAL L 69 -9.48 34.25 -25.85
N TYR L 70 -8.72 33.85 -26.86
CA TYR L 70 -8.75 32.48 -27.39
C TYR L 70 -7.54 31.71 -26.89
N ALA L 71 -7.78 30.53 -26.35
CA ALA L 71 -6.74 29.68 -25.76
C ALA L 71 -6.56 28.46 -26.65
N ASP L 72 -5.49 28.46 -27.44
CA ASP L 72 -5.18 27.38 -28.35
C ASP L 72 -4.14 26.46 -27.72
N SER L 73 -4.42 25.17 -27.71
CA SER L 73 -3.53 24.20 -27.09
C SER L 73 -3.31 23.02 -28.03
N PHE L 74 -2.09 22.51 -28.04
CA PHE L 74 -1.72 21.36 -28.88
C PHE L 74 -0.34 20.89 -28.41
N VAL L 75 0.24 19.96 -29.16
CA VAL L 75 1.53 19.35 -28.82
C VAL L 75 2.34 19.19 -30.10
N ILE L 76 3.61 19.60 -30.04
CA ILE L 76 4.59 19.41 -31.11
C ILE L 76 5.90 18.96 -30.48
N ARG L 77 6.89 18.66 -31.31
CA ARG L 77 8.20 18.35 -30.78
C ARG L 77 9.03 19.62 -30.62
N GLY L 78 10.19 19.47 -29.97
CA GLY L 78 10.94 20.65 -29.54
C GLY L 78 11.42 21.50 -30.70
N ASP L 79 11.97 20.87 -31.73
CA ASP L 79 12.53 21.63 -32.84
C ASP L 79 11.49 22.48 -33.55
N GLU L 80 10.21 22.34 -33.21
CA GLU L 80 9.14 23.02 -33.92
C GLU L 80 8.51 24.15 -33.13
N VAL L 81 8.93 24.37 -31.88
CA VAL L 81 8.34 25.43 -31.06
C VAL L 81 8.61 26.79 -31.66
N ARG L 82 9.74 26.97 -32.32
CA ARG L 82 10.07 28.25 -32.94
C ARG L 82 9.10 28.60 -34.06
N GLN L 83 8.39 27.63 -34.62
CA GLN L 83 7.48 27.89 -35.73
C GLN L 83 6.16 28.45 -35.27
N ILE L 84 5.83 28.29 -34.00
CA ILE L 84 4.64 28.90 -33.42
C ILE L 84 4.98 30.35 -33.08
N ALA L 85 5.04 31.19 -34.12
CA ALA L 85 5.39 32.59 -33.96
C ALA L 85 4.96 33.33 -35.21
N PRO L 86 4.74 34.64 -35.12
CA PRO L 86 4.36 35.40 -36.32
C PRO L 86 5.47 35.37 -37.35
N GLY L 87 5.08 35.23 -38.62
CA GLY L 87 6.02 35.25 -39.71
C GLY L 87 7.03 34.11 -39.70
N GLN L 88 6.55 32.88 -39.55
CA GLN L 88 7.40 31.71 -39.56
C GLN L 88 6.95 30.74 -40.63
N THR L 89 7.90 29.97 -41.15
CA THR L 89 7.59 28.97 -42.16
C THR L 89 8.12 27.62 -41.72
N GLY L 90 7.55 26.57 -42.30
CA GLY L 90 7.87 25.20 -41.96
C GLY L 90 6.68 24.28 -42.02
N ASN L 91 6.90 22.98 -41.73
CA ASN L 91 5.80 22.02 -41.82
C ASN L 91 4.72 22.30 -40.78
N ILE L 92 5.09 22.83 -39.63
CA ILE L 92 4.09 23.13 -38.60
C ILE L 92 3.40 24.45 -38.90
N ALA L 93 4.17 25.48 -39.28
CA ALA L 93 3.60 26.80 -39.47
C ALA L 93 2.72 26.86 -40.72
N ASP L 94 3.11 26.15 -41.78
CA ASP L 94 2.37 26.27 -43.02
C ASP L 94 1.20 25.31 -43.14
N TYR L 95 1.28 24.14 -42.52
CA TYR L 95 0.29 23.10 -42.74
C TYR L 95 -0.44 22.67 -41.47
N ASN L 96 -0.21 23.32 -40.34
CA ASN L 96 -0.86 22.90 -39.11
C ASN L 96 -1.45 24.06 -38.32
N TYR L 97 -0.61 25.00 -37.90
CA TYR L 97 -1.04 26.12 -37.06
C TYR L 97 -0.25 27.35 -37.48
N LYS L 98 -0.92 28.29 -38.14
CA LYS L 98 -0.29 29.49 -38.66
C LYS L 98 -0.68 30.67 -37.79
N LEU L 99 0.32 31.49 -37.43
CA LEU L 99 -0.02 32.71 -36.72
C LEU L 99 0.06 33.90 -37.66
N PRO L 100 -0.84 34.87 -37.54
CA PRO L 100 -0.81 36.04 -38.41
C PRO L 100 0.41 36.90 -38.14
N ASP L 101 0.73 37.76 -39.13
CA ASP L 101 1.89 38.63 -38.97
C ASP L 101 1.64 39.71 -37.91
N ASP L 102 0.41 40.14 -37.76
CA ASP L 102 0.03 41.12 -36.73
C ASP L 102 -0.58 40.45 -35.51
N PHE L 103 -0.03 39.31 -35.11
CA PHE L 103 -0.59 38.57 -33.98
C PHE L 103 -0.43 39.36 -32.69
N THR L 104 -1.51 39.44 -31.92
CA THR L 104 -1.51 40.14 -30.62
C THR L 104 -1.78 39.10 -29.54
N GLY L 105 -0.72 38.67 -28.86
CA GLY L 105 -0.87 37.66 -27.83
C GLY L 105 0.48 37.10 -27.42
N CYS L 106 0.42 36.00 -26.67
CA CYS L 106 1.60 35.35 -26.14
C CYS L 106 1.56 33.85 -26.45
N VAL L 107 2.74 33.25 -26.50
CA VAL L 107 2.89 31.82 -26.75
C VAL L 107 3.61 31.19 -25.56
N ILE L 108 3.10 30.04 -25.12
CA ILE L 108 3.62 29.33 -23.96
C ILE L 108 3.84 27.87 -24.35
N ALA L 109 5.05 27.35 -24.09
CA ALA L 109 5.36 25.97 -24.44
C ALA L 109 6.38 25.37 -23.48
N TRP L 110 6.07 24.18 -22.93
CA TRP L 110 6.91 23.51 -21.95
C TRP L 110 7.18 22.06 -22.34
N ASN L 111 8.32 21.56 -21.87
CA ASN L 111 8.69 20.18 -22.14
C ASN L 111 7.79 19.25 -21.35
N SER L 112 7.00 18.45 -22.05
CA SER L 112 6.12 17.49 -21.42
C SER L 112 6.58 16.07 -21.71
N ASN L 113 7.89 15.84 -21.63
CA ASN L 113 8.42 14.51 -21.87
C ASN L 113 7.96 13.51 -20.82
N LYS L 114 7.71 13.98 -19.60
CA LYS L 114 7.27 13.13 -18.50
C LYS L 114 5.79 12.77 -18.59
N LEU L 115 5.07 13.29 -19.56
CA LEU L 115 3.63 13.08 -19.66
C LEU L 115 3.22 12.43 -20.96
N ASP L 116 3.79 12.86 -22.09
CA ASP L 116 3.32 12.47 -23.41
C ASP L 116 4.28 11.53 -24.13
N SER L 117 5.27 10.98 -23.43
CA SER L 117 6.25 10.09 -24.04
C SER L 117 6.28 8.79 -23.27
N LYS L 118 6.15 7.68 -24.00
CA LYS L 118 6.16 6.35 -23.42
C LYS L 118 7.34 5.55 -23.97
N VAL L 119 7.76 4.55 -23.19
CA VAL L 119 8.97 3.81 -23.54
C VAL L 119 8.84 3.13 -24.88
N SER L 120 7.62 2.73 -25.24
CA SER L 120 7.37 2.08 -26.52
C SER L 120 6.96 3.07 -27.60
N GLY L 121 6.97 4.37 -27.31
CA GLY L 121 6.57 5.39 -28.27
C GLY L 121 5.12 5.80 -28.17
N ASN L 122 4.85 7.10 -28.07
CA ASN L 122 3.48 7.61 -27.97
C ASN L 122 3.07 8.15 -29.33
N TYR L 123 2.58 7.26 -30.18
CA TYR L 123 2.25 7.61 -31.55
C TYR L 123 0.87 8.24 -31.68
N ASN L 124 0.23 8.59 -30.58
CA ASN L 124 -1.10 9.18 -30.68
C ASN L 124 -1.06 10.60 -31.22
N TYR L 125 -0.05 11.37 -30.83
CA TYR L 125 0.07 12.74 -31.32
C TYR L 125 0.42 12.72 -32.80
N LEU L 126 -0.35 13.46 -33.59
CA LEU L 126 -0.23 13.41 -35.04
C LEU L 126 0.09 14.81 -35.57
N TYR L 127 0.53 14.84 -36.83
CA TYR L 127 0.75 16.09 -37.54
C TYR L 127 0.53 15.86 -39.02
N ARG L 128 0.23 16.95 -39.72
CA ARG L 128 -0.01 16.93 -41.15
C ARG L 128 1.30 17.15 -41.89
N LEU L 129 1.56 16.30 -42.88
CA LEU L 129 2.78 16.32 -43.66
C LEU L 129 2.60 16.89 -45.05
N PHE L 130 1.47 16.62 -45.71
CA PHE L 130 1.24 17.07 -47.07
C PHE L 130 0.02 17.96 -47.14
N ARG L 131 0.14 19.08 -47.85
CA ARG L 131 -0.99 19.95 -48.10
C ARG L 131 -0.73 20.72 -49.39
N LYS L 132 -1.78 20.96 -50.17
CA LYS L 132 -1.61 21.56 -51.48
C LYS L 132 -1.20 23.02 -51.39
N SER L 133 -1.69 23.74 -50.37
CA SER L 133 -1.39 25.15 -50.19
C SER L 133 -1.18 25.43 -48.70
N ASN L 134 -0.74 26.65 -48.40
CA ASN L 134 -0.49 27.05 -47.04
C ASN L 134 -1.78 27.33 -46.30
N LEU L 135 -1.71 27.27 -44.98
CA LEU L 135 -2.84 27.58 -44.13
C LEU L 135 -2.90 29.07 -43.84
N LYS L 136 -4.11 29.61 -43.89
CA LYS L 136 -4.33 30.98 -43.45
C LYS L 136 -4.17 31.03 -41.93
N PRO L 137 -4.00 32.23 -41.37
CA PRO L 137 -3.89 32.35 -39.91
C PRO L 137 -5.13 31.83 -39.20
N PHE L 138 -4.91 31.07 -38.13
CA PHE L 138 -6.00 30.52 -37.33
C PHE L 138 -6.93 29.63 -38.15
N GLU L 139 -6.33 28.84 -39.03
CA GLU L 139 -7.06 27.85 -39.83
C GLU L 139 -6.77 26.46 -39.29
N ARG L 140 -7.82 25.64 -39.16
CA ARG L 140 -7.71 24.28 -38.66
C ARG L 140 -8.16 23.34 -39.77
N ASP L 141 -7.23 22.55 -40.30
CA ASP L 141 -7.53 21.57 -41.35
C ASP L 141 -7.36 20.18 -40.76
N ILE L 142 -8.47 19.51 -40.51
CA ILE L 142 -8.49 18.14 -40.00
C ILE L 142 -8.75 17.14 -41.14
N SER L 143 -8.62 17.57 -42.38
CA SER L 143 -8.93 16.70 -43.51
C SER L 143 -7.96 15.52 -43.55
N THR L 144 -8.48 14.36 -43.90
CA THR L 144 -7.68 13.14 -44.02
C THR L 144 -7.82 12.51 -45.40
N GLU L 145 -7.94 13.36 -46.43
CA GLU L 145 -8.07 12.87 -47.79
C GLU L 145 -6.69 12.48 -48.31
N ILE L 146 -6.65 11.43 -49.13
CA ILE L 146 -5.39 10.99 -49.72
C ILE L 146 -4.80 12.13 -50.55
N TYR L 147 -3.63 12.60 -50.16
CA TYR L 147 -3.02 13.74 -50.82
C TYR L 147 -2.62 13.36 -52.23
N GLN L 148 -3.18 14.07 -53.21
CA GLN L 148 -2.82 13.85 -54.61
C GLN L 148 -1.56 14.67 -54.89
N ALA L 149 -0.43 13.98 -54.98
CA ALA L 149 0.84 14.59 -55.31
C ALA L 149 1.19 14.42 -56.77
N GLY L 150 0.35 13.74 -57.53
CA GLY L 150 0.62 13.54 -58.94
C GLY L 150 -0.49 14.03 -59.83
N ASN L 151 -0.55 13.49 -61.04
CA ASN L 151 -1.55 13.89 -62.02
C ASN L 151 -2.75 12.97 -62.01
N LYS L 152 -2.56 11.69 -61.72
CA LYS L 152 -3.66 10.76 -61.67
C LYS L 152 -4.43 10.91 -60.36
N PRO L 153 -5.75 10.75 -60.38
CA PRO L 153 -6.52 10.81 -59.14
C PRO L 153 -6.29 9.57 -58.29
N CYS L 154 -6.38 9.75 -56.98
CA CYS L 154 -6.10 8.65 -56.05
C CYS L 154 -7.33 7.76 -55.86
N ASN L 155 -8.50 8.36 -55.68
CA ASN L 155 -9.75 7.63 -55.40
C ASN L 155 -9.64 6.82 -54.12
N GLY L 156 -9.09 7.45 -53.08
CA GLY L 156 -8.93 6.81 -51.79
C GLY L 156 -8.00 5.62 -51.79
N VAL L 157 -7.04 5.56 -52.70
CA VAL L 157 -6.12 4.45 -52.82
C VAL L 157 -4.73 4.92 -52.38
N ALA L 158 -4.23 4.34 -51.30
CA ALA L 158 -2.87 4.64 -50.85
C ALA L 158 -1.90 3.95 -51.79
N GLY L 159 -1.23 4.72 -52.63
CA GLY L 159 -0.30 4.14 -53.57
C GLY L 159 0.78 5.12 -53.98
N PHE L 160 1.36 4.90 -55.16
CA PHE L 160 2.38 5.81 -55.66
C PHE L 160 1.79 7.19 -55.93
N ASN L 161 2.47 8.20 -55.40
CA ASN L 161 2.03 9.60 -55.49
C ASN L 161 0.65 9.81 -54.88
N CYS L 162 0.30 8.96 -53.90
CA CYS L 162 -0.99 9.05 -53.20
C CYS L 162 -0.73 8.58 -51.78
N TYR L 163 -0.41 9.52 -50.89
CA TYR L 163 -0.01 9.21 -49.53
C TYR L 163 -0.95 9.85 -48.51
N PHE L 164 -1.05 9.20 -47.35
CA PHE L 164 -1.89 9.72 -46.29
C PHE L 164 -1.30 11.03 -45.75
N PRO L 165 -2.11 12.05 -45.52
CA PRO L 165 -1.58 13.37 -45.18
C PRO L 165 -1.15 13.52 -43.72
N LEU L 166 -1.29 12.49 -42.90
CA LEU L 166 -0.91 12.60 -41.50
C LEU L 166 0.24 11.65 -41.19
N ARG L 167 1.04 12.02 -40.19
CA ARG L 167 2.04 11.13 -39.66
C ARG L 167 2.00 11.20 -38.14
N SER L 168 2.58 10.20 -37.49
CA SER L 168 2.61 10.14 -36.04
C SER L 168 3.91 10.69 -35.50
N TYR L 169 3.83 11.47 -34.43
CA TYR L 169 5.00 11.67 -33.60
C TYR L 169 5.29 10.39 -32.83
N SER L 170 6.56 10.09 -32.66
CA SER L 170 6.98 8.93 -31.89
C SER L 170 7.76 9.52 -30.72
N PHE L 171 7.04 9.82 -29.64
CA PHE L 171 7.65 10.40 -28.44
C PHE L 171 8.09 9.26 -27.53
N ARG L 172 9.40 8.99 -27.54
CA ARG L 172 10.11 8.10 -26.62
C ARG L 172 11.02 8.92 -25.72
N PRO L 173 11.04 8.62 -24.42
CA PRO L 173 11.84 9.44 -23.49
C PRO L 173 13.33 9.37 -23.73
N THR L 174 13.81 8.42 -24.52
CA THR L 174 15.22 8.29 -24.81
C THR L 174 15.68 9.17 -25.97
N TYR L 175 14.79 9.96 -26.59
CA TYR L 175 15.16 10.79 -27.72
C TYR L 175 15.83 12.08 -27.27
N GLY L 176 16.37 12.83 -28.24
CA GLY L 176 16.91 14.13 -27.96
C GLY L 176 15.83 15.15 -27.64
N VAL L 177 16.26 16.27 -27.05
CA VAL L 177 15.29 17.27 -26.60
C VAL L 177 14.55 17.89 -27.77
N GLY L 178 15.20 18.04 -28.92
CA GLY L 178 14.53 18.57 -30.09
C GLY L 178 13.44 17.66 -30.63
N HIS L 179 13.36 16.43 -30.12
CA HIS L 179 12.34 15.48 -30.54
C HIS L 179 11.43 15.06 -29.39
N GLN L 180 11.53 15.71 -28.26
CA GLN L 180 10.67 15.42 -27.12
C GLN L 180 9.40 16.26 -27.20
N PRO L 181 8.29 15.74 -26.67
CA PRO L 181 7.02 16.44 -26.79
C PRO L 181 7.01 17.75 -26.00
N TYR L 182 6.38 18.76 -26.60
CA TYR L 182 6.18 20.06 -25.96
C TYR L 182 4.72 20.45 -26.08
N ARG L 183 4.11 20.79 -24.94
CA ARG L 183 2.74 21.28 -24.92
C ARG L 183 2.74 22.79 -25.12
N VAL L 184 1.95 23.25 -26.08
CA VAL L 184 1.91 24.64 -26.47
C VAL L 184 0.55 25.23 -26.14
N VAL L 185 0.56 26.43 -25.57
CA VAL L 185 -0.65 27.17 -25.25
C VAL L 185 -0.51 28.57 -25.84
N VAL L 186 -1.36 28.88 -26.81
CA VAL L 186 -1.34 30.17 -27.49
C VAL L 186 -2.55 30.97 -27.04
N LEU L 187 -2.31 32.17 -26.54
CA LEU L 187 -3.37 33.07 -26.10
C LEU L 187 -3.48 34.25 -27.07
N SER L 188 -4.61 34.34 -27.76
CA SER L 188 -4.89 35.44 -28.69
C SER L 188 -5.74 36.49 -28.01
N PHE L 189 -5.33 37.76 -28.12
CA PHE L 189 -6.06 38.89 -27.55
C PHE L 189 -6.71 39.67 -28.69
N GLU L 190 -8.04 39.64 -28.73
CA GLU L 190 -8.85 40.33 -29.74
C GLU L 190 -9.59 41.49 -29.09
N LEU L 191 -9.68 42.61 -29.80
CA LEU L 191 -10.34 43.80 -29.25
C LEU L 191 -10.93 44.67 -30.35
N LEU L 192 -12.19 45.08 -30.16
CA LEU L 192 -12.86 45.97 -31.10
C LEU L 192 -13.34 47.20 -30.33
N HIS L 193 -14.25 47.96 -30.95
CA HIS L 193 -14.97 49.07 -30.31
C HIS L 193 -16.28 48.61 -29.66
N ALA L 194 -16.45 47.29 -29.50
CA ALA L 194 -17.69 46.60 -29.15
C ALA L 194 -17.67 46.37 -27.62
N PRO L 195 -18.35 45.33 -27.00
CA PRO L 195 -18.16 45.20 -25.53
C PRO L 195 -16.91 44.46 -25.10
N ALA L 196 -16.09 45.08 -24.26
CA ALA L 196 -14.93 44.44 -23.68
C ALA L 196 -15.33 43.73 -22.39
N THR L 197 -15.02 42.44 -22.30
CA THR L 197 -15.45 41.64 -21.14
C THR L 197 -14.33 40.90 -20.42
N VAL L 198 -13.19 40.65 -21.06
CA VAL L 198 -12.10 39.91 -20.44
C VAL L 198 -11.12 40.93 -19.89
N CYS L 199 -11.36 41.34 -18.64
CA CYS L 199 -10.47 42.24 -17.92
C CYS L 199 -9.75 41.46 -16.83
N GLY L 200 -8.67 42.05 -16.31
CA GLY L 200 -7.91 41.38 -15.28
C GLY L 200 -7.41 42.33 -14.22
N LYS L 201 -8.28 42.78 -13.34
CA LYS L 201 -7.82 43.66 -12.29
C LYS L 201 -8.20 43.12 -10.91
C1 NAG M . 3.38 -21.02 11.91
C2 NAG M . 2.48 -19.87 11.39
C3 NAG M . 1.25 -20.46 10.65
C4 NAG M . 1.68 -21.52 9.65
C5 NAG M . 2.67 -22.52 10.26
C6 NAG M . 3.21 -23.54 9.27
C7 NAG M . 1.84 -17.66 12.30
C8 NAG M . 1.38 -16.92 13.52
N2 NAG M . 2.04 -18.98 12.46
O3 NAG M . 0.53 -19.44 9.98
O4 NAG M . 0.54 -22.23 9.14
O5 NAG M . 3.79 -21.82 10.81
O6 NAG M . 3.81 -24.65 9.93
O7 NAG M . 2.02 -17.11 11.21
C1 NAG N . -2.38 24.04 -12.47
C2 NAG N . -2.19 25.52 -12.19
C3 NAG N . -0.88 25.75 -11.44
C4 NAG N . -0.81 24.84 -10.21
C5 NAG N . -1.12 23.39 -10.58
C6 NAG N . -1.20 22.46 -9.38
C7 NAG N . -3.32 26.92 -13.85
C8 NAG N . -3.21 27.68 -15.13
N2 NAG N . -2.22 26.29 -13.42
O3 NAG N . -0.77 27.11 -11.04
O4 NAG N . 0.49 24.91 -9.61
O5 NAG N . -2.40 23.32 -11.23
O6 NAG N . -1.46 21.12 -9.76
O7 NAG N . -4.38 26.88 -13.21
#